data_8PXX
#
_entry.id   8PXX
#
loop_
_entity.id
_entity.type
_entity.pdbx_description
1 polymer 'Pre-mRNA-processing factor 40 homolog A'
2 polymer 'Splicing factor 1'
#
loop_
_entity_poly.entity_id
_entity_poly.type
_entity_poly.pdbx_seq_one_letter_code
_entity_poly.pdbx_strand_id
1 'polypeptide(L)'
;GAMGAKSMWTEHKSPDGRTYYYNTETKQSTWEKPDDLKTPAEQLLSKCPWKEYKSDSGKPYYYNSQTKESRWAKPKELED
LEGYQNTIVAGSLITKSNL
;
A
2 'polypeptide(L)' GAMSGSPPLPPGAPPPPPPPPPSGSGN B
#
# COMPACT_ATOMS: atom_id res chain seq x y z
N GLY A 1 13.38 -9.92 -25.16
CA GLY A 1 13.13 -8.47 -25.18
C GLY A 1 11.72 -8.13 -24.77
N ALA A 2 11.39 -8.39 -23.51
CA ALA A 2 10.02 -8.19 -23.03
C ALA A 2 9.80 -6.75 -22.56
N MET A 3 10.24 -5.79 -23.36
CA MET A 3 10.08 -4.38 -23.02
C MET A 3 8.63 -3.94 -23.26
N GLY A 4 7.94 -4.65 -24.14
CA GLY A 4 6.56 -4.30 -24.45
C GLY A 4 5.64 -5.50 -24.24
N ALA A 5 6.00 -6.36 -23.31
CA ALA A 5 5.23 -7.55 -23.02
C ALA A 5 4.19 -7.27 -21.95
N LYS A 6 2.97 -7.72 -22.20
CA LYS A 6 1.89 -7.59 -21.22
C LYS A 6 2.21 -8.36 -19.95
N SER A 7 1.89 -7.79 -18.80
CA SER A 7 2.09 -8.46 -17.52
C SER A 7 1.20 -9.70 -17.47
N MET A 8 1.59 -10.67 -16.66
CA MET A 8 0.83 -11.90 -16.54
C MET A 8 0.04 -11.90 -15.24
N TRP A 9 -0.07 -10.73 -14.65
CA TRP A 9 -0.85 -10.55 -13.45
C TRP A 9 -2.18 -9.86 -13.78
N THR A 10 -3.28 -10.49 -13.40
CA THR A 10 -4.61 -9.90 -13.63
C THR A 10 -5.34 -9.64 -12.29
N GLU A 11 -6.40 -8.82 -12.32
CA GLU A 11 -7.07 -8.40 -11.08
C GLU A 11 -8.47 -9.02 -10.96
N HIS A 12 -8.81 -9.57 -9.77
CA HIS A 12 -10.14 -10.16 -9.53
C HIS A 12 -10.58 -9.90 -8.08
N LYS A 13 -11.89 -9.88 -7.83
CA LYS A 13 -12.46 -9.61 -6.49
C LYS A 13 -13.05 -10.90 -5.88
N SER A 14 -12.91 -11.05 -4.56
CA SER A 14 -13.51 -12.18 -3.81
C SER A 14 -14.85 -11.71 -3.20
N PRO A 15 -15.77 -12.64 -2.79
CA PRO A 15 -17.07 -12.24 -2.18
C PRO A 15 -16.93 -11.39 -0.92
N ASP A 16 -15.70 -11.15 -0.47
CA ASP A 16 -15.47 -10.40 0.76
C ASP A 16 -15.08 -8.94 0.43
N GLY A 17 -15.02 -8.61 -0.86
CA GLY A 17 -14.65 -7.26 -1.27
C GLY A 17 -13.16 -7.12 -1.44
N ARG A 18 -12.46 -8.21 -1.17
CA ARG A 18 -11.01 -8.28 -1.27
C ARG A 18 -10.59 -8.50 -2.72
N THR A 19 -9.35 -8.20 -3.02
CA THR A 19 -8.81 -8.32 -4.37
C THR A 19 -7.65 -9.30 -4.36
N TYR A 20 -7.59 -10.20 -5.34
CA TYR A 20 -6.47 -11.14 -5.41
C TYR A 20 -5.91 -11.17 -6.82
N TYR A 21 -4.60 -11.09 -6.94
CA TYR A 21 -3.95 -10.99 -8.22
C TYR A 21 -3.43 -12.36 -8.67
N TYR A 22 -3.74 -12.75 -9.91
CA TYR A 22 -3.41 -14.09 -10.43
C TYR A 22 -2.34 -13.98 -11.51
N ASN A 23 -1.34 -14.87 -11.46
CA ASN A 23 -0.29 -14.89 -12.49
C ASN A 23 -0.67 -15.94 -13.53
N THR A 24 -0.95 -15.49 -14.72
CA THR A 24 -1.53 -16.30 -15.75
C THR A 24 -0.56 -17.28 -16.39
N GLU A 25 0.72 -17.24 -16.03
CA GLU A 25 1.66 -18.17 -16.64
C GLU A 25 2.08 -19.24 -15.62
N THR A 26 2.35 -18.83 -14.38
CA THR A 26 2.84 -19.73 -13.34
C THR A 26 1.69 -20.38 -12.61
N LYS A 27 0.52 -19.77 -12.76
CA LYS A 27 -0.72 -20.26 -12.20
C LYS A 27 -0.76 -20.04 -10.69
N GLN A 28 0.01 -19.06 -10.21
CA GLN A 28 0.10 -18.79 -8.77
C GLN A 28 -0.67 -17.51 -8.39
N SER A 29 -1.29 -17.51 -7.20
CA SER A 29 -2.05 -16.36 -6.71
C SER A 29 -1.34 -15.68 -5.51
N THR A 30 -1.68 -14.40 -5.27
CA THR A 30 -1.09 -13.65 -4.14
C THR A 30 -2.08 -12.57 -3.62
N TRP A 31 -1.84 -12.08 -2.39
CA TRP A 31 -2.64 -10.99 -1.81
C TRP A 31 -1.86 -9.68 -1.96
N GLU A 32 -0.59 -9.80 -2.32
CA GLU A 32 0.33 -8.68 -2.45
C GLU A 32 0.33 -8.16 -3.89
N LYS A 33 0.34 -6.84 -4.04
CA LYS A 33 0.34 -6.25 -5.37
C LYS A 33 1.75 -6.29 -5.96
N PRO A 34 1.94 -7.02 -7.07
CA PRO A 34 3.24 -7.09 -7.73
C PRO A 34 3.66 -5.72 -8.27
N ASP A 35 4.95 -5.41 -8.13
CA ASP A 35 5.49 -4.08 -8.45
C ASP A 35 5.28 -3.67 -9.90
N ASP A 36 4.93 -4.63 -10.75
CA ASP A 36 4.63 -4.36 -12.15
C ASP A 36 3.22 -3.77 -12.33
N LEU A 37 2.34 -4.03 -11.37
CA LEU A 37 0.95 -3.56 -11.45
C LEU A 37 0.77 -2.28 -10.66
N LYS A 38 1.72 -2.00 -9.78
CA LYS A 38 1.60 -0.85 -8.90
C LYS A 38 1.53 0.45 -9.69
N THR A 39 0.47 1.19 -9.41
CA THR A 39 0.25 2.51 -9.96
C THR A 39 1.30 3.50 -9.40
N PRO A 40 1.64 4.61 -10.11
CA PRO A 40 2.69 5.54 -9.64
C PRO A 40 2.53 5.90 -8.17
N ALA A 41 1.28 6.14 -7.77
CA ALA A 41 0.96 6.48 -6.40
C ALA A 41 1.41 5.38 -5.45
N GLU A 42 1.01 4.16 -5.77
CA GLU A 42 1.43 2.99 -5.01
C GLU A 42 2.96 2.85 -5.00
N GLN A 43 3.61 3.09 -6.14
CA GLN A 43 5.08 3.03 -6.21
C GLN A 43 5.71 4.06 -5.26
N LEU A 44 5.11 5.23 -5.21
CA LEU A 44 5.54 6.27 -4.30
C LEU A 44 5.35 5.82 -2.85
N LEU A 45 4.14 5.38 -2.55
CA LEU A 45 3.77 4.98 -1.20
C LEU A 45 4.56 3.74 -0.76
N SER A 46 4.85 2.88 -1.71
CA SER A 46 5.51 1.61 -1.46
C SER A 46 6.91 1.78 -0.89
N LYS A 47 7.60 2.89 -1.16
CA LYS A 47 8.94 3.08 -0.62
C LYS A 47 8.88 3.75 0.76
N CYS A 48 7.71 4.26 1.13
CA CYS A 48 7.53 4.89 2.42
C CYS A 48 7.34 3.80 3.48
N PRO A 49 8.20 3.74 4.50
CA PRO A 49 8.09 2.73 5.55
C PRO A 49 6.90 2.98 6.48
N TRP A 50 6.42 4.22 6.49
CA TRP A 50 5.23 4.59 7.26
C TRP A 50 4.00 4.56 6.36
N LYS A 51 2.95 3.80 6.73
CA LYS A 51 1.73 3.73 5.91
C LYS A 51 0.44 3.95 6.72
N GLU A 52 -0.50 4.66 6.10
CA GLU A 52 -1.81 5.01 6.70
C GLU A 52 -2.87 3.89 6.66
N TYR A 53 -3.33 3.48 7.84
CA TYR A 53 -4.60 2.71 7.96
C TYR A 53 -5.42 3.24 9.14
N LYS A 54 -6.72 2.96 9.14
CA LYS A 54 -7.63 3.46 10.17
C LYS A 54 -8.01 2.37 11.18
N SER A 55 -8.28 2.78 12.42
CA SER A 55 -8.72 1.86 13.48
C SER A 55 -10.25 1.69 13.47
N ASP A 56 -10.83 1.14 14.54
CA ASP A 56 -12.25 0.76 14.51
C ASP A 56 -13.13 2.01 14.63
N SER A 57 -12.68 3.03 15.35
CA SER A 57 -13.42 4.30 15.43
C SER A 57 -13.18 5.19 14.21
N GLY A 58 -12.17 4.85 13.43
CA GLY A 58 -11.79 5.68 12.30
C GLY A 58 -10.60 6.57 12.64
N LYS A 59 -10.12 6.47 13.87
CA LYS A 59 -8.94 7.19 14.31
C LYS A 59 -7.68 6.54 13.68
N PRO A 60 -6.91 7.30 12.87
CA PRO A 60 -5.76 6.74 12.12
C PRO A 60 -4.54 6.33 12.99
N TYR A 61 -3.81 5.32 12.50
CA TYR A 61 -2.49 4.94 13.05
C TYR A 61 -1.51 4.81 11.90
N TYR A 62 -0.22 5.00 12.15
CA TYR A 62 0.76 4.95 11.07
C TYR A 62 1.86 3.94 11.45
N TYR A 63 2.08 2.90 10.61
CA TYR A 63 3.00 1.80 10.95
C TYR A 63 4.28 1.85 10.11
N ASN A 64 5.42 1.47 10.74
CA ASN A 64 6.72 1.50 10.08
C ASN A 64 7.18 0.07 9.80
N SER A 65 7.56 -0.19 8.55
CA SER A 65 7.93 -1.53 8.14
C SER A 65 9.35 -1.92 8.57
N GLN A 66 10.25 -0.95 8.76
CA GLN A 66 11.64 -1.27 9.09
C GLN A 66 11.79 -1.48 10.58
N THR A 67 11.21 -0.56 11.34
CA THR A 67 11.39 -0.54 12.78
C THR A 67 10.25 -1.25 13.49
N LYS A 68 9.18 -1.48 12.71
CA LYS A 68 8.01 -2.22 13.16
C LYS A 68 7.25 -1.45 14.24
N GLU A 69 7.45 -0.13 14.34
CA GLU A 69 6.84 0.68 15.38
C GLU A 69 5.51 1.29 14.91
N SER A 70 4.62 1.55 15.86
CA SER A 70 3.33 2.16 15.59
C SER A 70 3.21 3.52 16.34
N ARG A 71 2.74 4.57 15.67
CA ARG A 71 2.53 5.88 16.32
C ARG A 71 1.10 6.40 16.08
N TRP A 72 0.63 7.27 16.98
CA TRP A 72 -0.68 7.90 16.82
C TRP A 72 -0.59 9.13 15.93
N ALA A 73 0.49 9.92 16.04
CA ALA A 73 0.69 11.12 15.24
C ALA A 73 1.48 10.84 13.96
N LYS A 74 1.12 11.55 12.88
CA LYS A 74 1.84 11.48 11.61
C LYS A 74 3.25 12.04 11.73
N PRO A 75 4.30 11.25 11.42
CA PRO A 75 5.66 11.80 11.29
C PRO A 75 5.80 12.65 10.02
N LYS A 76 6.72 13.61 10.06
CA LYS A 76 6.91 14.58 8.98
C LYS A 76 7.33 13.88 7.68
N GLU A 77 7.99 12.74 7.83
CA GLU A 77 8.43 11.92 6.71
C GLU A 77 7.25 11.57 5.80
N LEU A 78 6.13 11.19 6.41
CA LEU A 78 4.96 10.77 5.66
C LEU A 78 4.23 11.99 5.12
N GLU A 79 4.37 13.08 5.84
CA GLU A 79 3.69 14.31 5.53
C GLU A 79 4.18 14.83 4.19
N ASP A 80 5.49 14.80 4.01
CA ASP A 80 6.12 15.20 2.77
C ASP A 80 5.85 14.20 1.66
N LEU A 81 5.65 12.94 2.05
CA LEU A 81 5.35 11.89 1.10
C LEU A 81 3.99 12.12 0.44
N GLU A 82 3.06 12.65 1.23
CA GLU A 82 1.73 12.97 0.74
C GLU A 82 1.80 14.15 -0.22
N GLY A 83 2.73 15.05 0.06
CA GLY A 83 2.88 16.24 -0.75
C GLY A 83 3.70 16.02 -2.00
N TYR A 84 3.69 14.79 -2.50
CA TYR A 84 4.43 14.44 -3.71
C TYR A 84 3.66 14.91 -4.95
N GLN A 85 3.26 16.18 -4.94
CA GLN A 85 2.48 16.78 -6.00
C GLN A 85 2.88 18.24 -6.16
N ASN A 86 3.31 18.82 -5.05
CA ASN A 86 3.85 20.18 -5.01
C ASN A 86 5.15 20.13 -4.26
N THR A 87 6.21 20.68 -4.84
CA THR A 87 7.57 20.53 -4.31
C THR A 87 7.88 19.05 -4.04
N ILE A 88 8.13 18.33 -5.13
CA ILE A 88 8.34 16.89 -5.10
C ILE A 88 9.37 16.49 -4.05
N VAL A 89 10.52 17.12 -4.08
CA VAL A 89 11.53 16.91 -3.05
C VAL A 89 11.46 18.03 -2.02
N ALA A 90 11.18 17.67 -0.77
CA ALA A 90 11.00 18.64 0.30
C ALA A 90 12.33 19.15 0.84
N GLY A 91 13.23 19.49 -0.06
CA GLY A 91 14.54 20.00 0.34
C GLY A 91 15.56 18.89 0.51
N SER A 92 15.10 17.65 0.42
CA SER A 92 15.97 16.49 0.61
C SER A 92 15.31 15.25 0.02
N LEU A 93 16.12 14.31 -0.46
CA LEU A 93 15.61 13.05 -0.98
C LEU A 93 15.62 12.00 0.12
N ILE A 94 14.72 11.04 0.01
CA ILE A 94 14.56 10.01 1.02
C ILE A 94 15.69 8.98 0.92
N THR A 95 16.90 9.42 1.26
CA THR A 95 18.08 8.57 1.25
C THR A 95 18.94 8.86 2.48
N LYS A 96 18.31 9.44 3.49
CA LYS A 96 19.00 9.86 4.70
C LYS A 96 17.99 10.07 5.82
N SER A 97 17.80 9.06 6.64
CA SER A 97 16.85 9.13 7.75
C SER A 97 17.58 9.22 9.08
N ASN A 98 17.07 10.05 9.98
CA ASN A 98 17.63 10.17 11.31
C ASN A 98 16.60 9.77 12.35
N LEU A 99 16.39 8.48 12.47
CA LEU A 99 15.44 7.95 13.42
C LEU A 99 16.16 7.52 14.69
N GLY B 1 -9.25 -28.31 -10.03
CA GLY B 1 -10.53 -27.84 -10.63
C GLY B 1 -10.57 -26.33 -10.74
N ALA B 2 -11.75 -25.76 -10.55
CA ALA B 2 -11.95 -24.31 -10.59
C ALA B 2 -11.52 -23.73 -11.92
N MET B 3 -11.81 -24.45 -13.00
CA MET B 3 -11.43 -24.02 -14.34
C MET B 3 -12.51 -23.12 -14.93
N SER B 4 -13.71 -23.20 -14.36
CA SER B 4 -14.80 -22.32 -14.74
C SER B 4 -15.14 -21.39 -13.58
N GLY B 5 -15.58 -20.18 -13.91
CA GLY B 5 -15.86 -19.19 -12.90
C GLY B 5 -14.67 -18.30 -12.65
N SER B 6 -14.34 -18.09 -11.39
CA SER B 6 -13.19 -17.29 -11.04
C SER B 6 -12.02 -18.19 -10.61
N PRO B 7 -10.78 -17.73 -10.79
CA PRO B 7 -9.59 -18.50 -10.41
C PRO B 7 -9.39 -18.56 -8.89
N PRO B 8 -8.54 -19.48 -8.38
CA PRO B 8 -8.39 -19.77 -6.93
C PRO B 8 -7.92 -18.59 -6.07
N LEU B 9 -8.29 -18.65 -4.79
CA LEU B 9 -7.83 -17.68 -3.79
C LEU B 9 -6.51 -18.17 -3.17
N PRO B 10 -5.55 -17.25 -2.94
CA PRO B 10 -4.20 -17.58 -2.44
C PRO B 10 -4.16 -18.00 -0.98
N PRO B 11 -3.17 -18.83 -0.61
CA PRO B 11 -2.89 -19.15 0.80
C PRO B 11 -2.51 -17.91 1.61
N GLY B 12 -2.80 -17.93 2.90
CA GLY B 12 -2.51 -16.78 3.75
C GLY B 12 -3.64 -15.78 3.73
N ALA B 13 -3.40 -14.62 4.34
CA ALA B 13 -4.39 -13.56 4.36
C ALA B 13 -3.71 -12.22 4.59
N PRO B 14 -4.17 -11.16 3.91
CA PRO B 14 -3.59 -9.84 4.07
C PRO B 14 -4.14 -9.18 5.32
N PRO B 15 -3.23 -8.71 6.22
CA PRO B 15 -3.53 -8.31 7.60
C PRO B 15 -4.96 -7.85 7.86
N PRO B 16 -5.87 -8.80 8.18
CA PRO B 16 -7.26 -8.48 8.52
C PRO B 16 -7.39 -7.60 9.77
N PRO B 17 -6.75 -7.96 10.92
CA PRO B 17 -6.79 -7.12 12.10
C PRO B 17 -5.69 -6.08 12.08
N PRO B 18 -5.95 -4.85 12.57
CA PRO B 18 -4.95 -3.78 12.58
C PRO B 18 -3.78 -4.11 13.50
N PRO B 19 -2.53 -3.96 13.03
CA PRO B 19 -1.34 -4.18 13.86
C PRO B 19 -1.37 -3.27 15.08
N PRO B 20 -0.81 -3.74 16.22
CA PRO B 20 -1.03 -3.12 17.54
C PRO B 20 -0.72 -1.61 17.57
N PRO B 21 -1.70 -0.76 17.98
CA PRO B 21 -1.40 0.61 18.33
C PRO B 21 -0.89 0.69 19.78
N PRO B 22 -0.09 1.72 20.11
CA PRO B 22 0.41 1.90 21.47
C PRO B 22 -0.73 2.07 22.49
N SER B 23 -0.76 1.21 23.49
CA SER B 23 -1.81 1.22 24.50
C SER B 23 -1.54 2.27 25.57
N GLY B 24 -0.27 2.64 25.71
CA GLY B 24 0.10 3.61 26.71
C GLY B 24 1.32 3.17 27.50
N SER B 25 2.44 3.85 27.27
CA SER B 25 3.68 3.53 27.95
C SER B 25 4.64 4.71 27.85
N GLY B 26 4.95 5.11 26.61
CA GLY B 26 5.86 6.22 26.40
C GLY B 26 5.50 7.04 25.18
N ASN B 27 4.24 6.94 24.75
CA ASN B 27 3.78 7.67 23.59
C ASN B 27 2.79 8.75 24.00
N GLY A 1 2.05 1.91 -25.96
CA GLY A 1 0.59 1.66 -25.82
C GLY A 1 0.30 0.51 -24.89
N ALA A 2 0.36 0.78 -23.59
CA ALA A 2 0.05 -0.22 -22.58
C ALA A 2 -1.38 -0.07 -22.10
N MET A 3 -1.93 -1.13 -21.52
CA MET A 3 -3.33 -1.15 -21.10
C MET A 3 -3.47 -0.71 -19.64
N GLY A 4 -2.40 -0.22 -19.06
CA GLY A 4 -2.41 0.19 -17.66
C GLY A 4 -1.26 -0.43 -16.90
N ALA A 5 -1.10 -1.74 -17.04
CA ALA A 5 0.03 -2.45 -16.47
C ALA A 5 0.45 -3.60 -17.37
N LYS A 6 1.49 -3.39 -18.16
CA LYS A 6 2.02 -4.44 -19.02
C LYS A 6 2.62 -5.56 -18.16
N SER A 7 1.88 -6.65 -18.01
CA SER A 7 2.25 -7.68 -17.06
C SER A 7 1.39 -8.92 -17.26
N MET A 8 1.72 -9.98 -16.52
CA MET A 8 0.96 -11.24 -16.59
C MET A 8 0.13 -11.44 -15.32
N TRP A 9 0.00 -10.36 -14.56
CA TRP A 9 -0.81 -10.35 -13.35
C TRP A 9 -2.16 -9.68 -13.64
N THR A 10 -3.26 -10.36 -13.32
CA THR A 10 -4.59 -9.81 -13.52
C THR A 10 -5.35 -9.69 -12.18
N GLU A 11 -6.46 -8.93 -12.15
CA GLU A 11 -7.17 -8.63 -10.88
C GLU A 11 -8.55 -9.31 -10.84
N HIS A 12 -8.88 -9.94 -9.69
CA HIS A 12 -10.20 -10.60 -9.53
C HIS A 12 -10.69 -10.47 -8.06
N LYS A 13 -12.01 -10.54 -7.86
CA LYS A 13 -12.61 -10.39 -6.52
C LYS A 13 -13.18 -11.75 -6.01
N SER A 14 -13.06 -11.99 -4.70
CA SER A 14 -13.65 -13.18 -4.04
C SER A 14 -15.05 -12.81 -3.51
N PRO A 15 -15.95 -13.81 -3.19
CA PRO A 15 -17.32 -13.51 -2.70
C PRO A 15 -17.35 -12.66 -1.42
N ASP A 16 -16.20 -12.34 -0.85
CA ASP A 16 -16.16 -11.57 0.40
C ASP A 16 -15.73 -10.13 0.13
N GLY A 17 -15.54 -9.77 -1.15
CA GLY A 17 -15.18 -8.41 -1.50
C GLY A 17 -13.67 -8.23 -1.60
N ARG A 18 -12.95 -9.29 -1.26
CA ARG A 18 -11.49 -9.27 -1.28
C ARG A 18 -10.95 -9.46 -2.70
N THR A 19 -9.70 -9.09 -2.88
CA THR A 19 -9.08 -9.08 -4.19
C THR A 19 -7.88 -10.04 -4.20
N TYR A 20 -7.74 -10.84 -5.25
CA TYR A 20 -6.58 -11.71 -5.37
C TYR A 20 -6.01 -11.62 -6.78
N TYR A 21 -4.69 -11.52 -6.88
CA TYR A 21 -4.05 -11.29 -8.16
C TYR A 21 -3.48 -12.61 -8.70
N TYR A 22 -3.73 -12.90 -9.98
CA TYR A 22 -3.35 -14.18 -10.60
C TYR A 22 -2.24 -13.94 -11.63
N ASN A 23 -1.23 -14.80 -11.64
CA ASN A 23 -0.16 -14.70 -12.64
C ASN A 23 -0.48 -15.66 -13.77
N THR A 24 -0.75 -15.11 -14.93
CA THR A 24 -1.28 -15.84 -16.05
C THR A 24 -0.26 -16.70 -16.77
N GLU A 25 1.01 -16.63 -16.37
CA GLU A 25 2.02 -17.46 -17.01
C GLU A 25 2.45 -18.61 -16.10
N THR A 26 2.65 -18.32 -14.81
CA THR A 26 3.13 -19.30 -13.86
C THR A 26 1.99 -20.07 -13.22
N LYS A 27 0.81 -19.48 -13.33
CA LYS A 27 -0.42 -20.08 -12.84
C LYS A 27 -0.49 -19.99 -11.31
N GLN A 28 0.25 -19.03 -10.73
CA GLN A 28 0.31 -18.88 -9.27
C GLN A 28 -0.51 -17.65 -8.80
N SER A 29 -1.17 -17.77 -7.63
CA SER A 29 -1.96 -16.67 -7.05
C SER A 29 -1.28 -16.06 -5.80
N THR A 30 -1.67 -14.82 -5.46
CA THR A 30 -1.14 -14.13 -4.26
C THR A 30 -2.17 -13.15 -3.67
N TRP A 31 -1.96 -12.72 -2.40
CA TRP A 31 -2.81 -11.71 -1.75
C TRP A 31 -2.10 -10.34 -1.82
N GLU A 32 -0.83 -10.36 -2.23
CA GLU A 32 0.00 -9.15 -2.30
C GLU A 32 -0.10 -8.53 -3.68
N LYS A 33 -0.10 -7.20 -3.73
CA LYS A 33 -0.08 -6.51 -5.01
C LYS A 33 1.35 -6.46 -5.55
N PRO A 34 1.61 -7.13 -6.68
CA PRO A 34 2.95 -7.13 -7.27
C PRO A 34 3.33 -5.73 -7.80
N ASP A 35 4.62 -5.39 -7.64
CA ASP A 35 5.17 -4.08 -7.98
C ASP A 35 4.83 -3.62 -9.40
N ASP A 36 4.52 -4.56 -10.28
CA ASP A 36 4.23 -4.25 -11.67
C ASP A 36 2.84 -3.63 -11.84
N LEU A 37 1.94 -3.94 -10.90
CA LEU A 37 0.56 -3.48 -10.99
C LEU A 37 0.38 -2.20 -10.20
N LYS A 38 1.37 -1.87 -9.39
CA LYS A 38 1.32 -0.67 -8.59
C LYS A 38 1.41 0.58 -9.46
N THR A 39 0.42 1.43 -9.29
CA THR A 39 0.38 2.72 -9.97
C THR A 39 1.50 3.63 -9.43
N PRO A 40 2.00 4.64 -10.22
CA PRO A 40 3.13 5.49 -9.76
C PRO A 40 2.94 5.99 -8.33
N ALA A 41 1.72 6.39 -8.01
CA ALA A 41 1.38 6.87 -6.67
C ALA A 41 1.64 5.79 -5.63
N GLU A 42 1.11 4.60 -5.89
CA GLU A 42 1.36 3.45 -5.04
C GLU A 42 2.85 3.17 -4.90
N GLN A 43 3.58 3.27 -6.00
CA GLN A 43 5.04 3.06 -5.97
C GLN A 43 5.72 4.07 -5.03
N LEU A 44 5.20 5.29 -5.05
CA LEU A 44 5.68 6.34 -4.14
C LEU A 44 5.39 5.95 -2.69
N LEU A 45 4.14 5.59 -2.43
CA LEU A 45 3.68 5.21 -1.10
C LEU A 45 4.39 3.93 -0.63
N SER A 46 4.66 3.05 -1.59
CA SER A 46 5.24 1.75 -1.32
C SER A 46 6.66 1.83 -0.78
N LYS A 47 7.42 2.87 -1.12
CA LYS A 47 8.79 2.96 -0.60
C LYS A 47 8.77 3.60 0.79
N CYS A 48 7.64 4.21 1.16
CA CYS A 48 7.51 4.84 2.46
C CYS A 48 7.20 3.77 3.50
N PRO A 49 8.07 3.61 4.51
CA PRO A 49 7.89 2.59 5.53
C PRO A 49 6.71 2.93 6.47
N TRP A 50 6.34 4.21 6.51
CA TRP A 50 5.20 4.66 7.30
C TRP A 50 3.94 4.72 6.42
N LYS A 51 2.86 4.03 6.81
CA LYS A 51 1.61 4.06 6.01
C LYS A 51 0.35 4.39 6.85
N GLU A 52 -0.51 5.22 6.25
CA GLU A 52 -1.77 5.72 6.85
C GLU A 52 -2.91 4.68 6.88
N TYR A 53 -3.44 4.39 8.08
CA TYR A 53 -4.76 3.73 8.21
C TYR A 53 -5.53 4.29 9.42
N LYS A 54 -6.86 4.11 9.41
CA LYS A 54 -7.74 4.64 10.47
C LYS A 54 -8.20 3.54 11.45
N SER A 55 -8.46 3.95 12.69
CA SER A 55 -8.93 3.06 13.77
C SER A 55 -10.48 2.88 13.75
N ASP A 56 -11.05 2.36 14.85
CA ASP A 56 -12.49 2.05 14.88
C ASP A 56 -13.31 3.33 15.03
N SER A 57 -12.78 4.31 15.76
CA SER A 57 -13.45 5.61 15.89
C SER A 57 -13.03 6.55 14.76
N GLY A 58 -12.01 6.16 14.02
CA GLY A 58 -11.51 7.00 12.96
C GLY A 58 -10.27 7.77 13.38
N LYS A 59 -9.78 7.47 14.58
CA LYS A 59 -8.56 8.05 15.10
C LYS A 59 -7.35 7.41 14.39
N PRO A 60 -6.55 8.19 13.63
CA PRO A 60 -5.51 7.63 12.74
C PRO A 60 -4.27 7.04 13.48
N TYR A 61 -3.65 6.04 12.84
CA TYR A 61 -2.35 5.47 13.30
C TYR A 61 -1.42 5.31 12.10
N TYR A 62 -0.11 5.37 12.31
CA TYR A 62 0.84 5.25 11.21
C TYR A 62 1.87 4.15 11.57
N TYR A 63 2.02 3.13 10.70
CA TYR A 63 2.88 1.96 11.00
C TYR A 63 4.16 1.96 10.15
N ASN A 64 5.26 1.49 10.75
CA ASN A 64 6.56 1.45 10.06
C ASN A 64 6.93 0.00 9.77
N SER A 65 7.28 -0.27 8.52
CA SER A 65 7.58 -1.62 8.09
C SER A 65 8.98 -2.10 8.50
N GLN A 66 9.93 -1.19 8.69
CA GLN A 66 11.30 -1.59 9.01
C GLN A 66 11.47 -1.78 10.51
N THR A 67 10.98 -0.83 11.27
CA THR A 67 11.17 -0.81 12.71
C THR A 67 10.00 -1.48 13.42
N LYS A 68 8.94 -1.65 12.65
CA LYS A 68 7.73 -2.34 13.10
C LYS A 68 7.00 -1.55 14.18
N GLU A 69 7.30 -0.25 14.30
CA GLU A 69 6.73 0.58 15.36
C GLU A 69 5.44 1.27 14.89
N SER A 70 4.56 1.56 15.84
CA SER A 70 3.31 2.25 15.59
C SER A 70 3.28 3.59 16.35
N ARG A 71 2.87 4.68 15.70
CA ARG A 71 2.75 5.99 16.38
C ARG A 71 1.36 6.60 16.14
N TRP A 72 0.93 7.46 17.08
CA TRP A 72 -0.34 8.17 16.95
C TRP A 72 -0.17 9.41 16.06
N ALA A 73 0.95 10.14 16.22
CA ALA A 73 1.23 11.35 15.44
C ALA A 73 1.99 11.06 14.15
N LYS A 74 1.69 11.82 13.09
CA LYS A 74 2.39 11.76 11.81
C LYS A 74 3.85 12.19 11.95
N PRO A 75 4.82 11.33 11.56
CA PRO A 75 6.21 11.77 11.41
C PRO A 75 6.39 12.64 10.15
N LYS A 76 7.36 13.55 10.20
CA LYS A 76 7.62 14.53 9.14
C LYS A 76 7.93 13.86 7.81
N GLU A 77 8.49 12.65 7.89
CA GLU A 77 8.82 11.86 6.70
C GLU A 77 7.59 11.65 5.83
N LEU A 78 6.46 11.35 6.46
CA LEU A 78 5.25 11.02 5.74
C LEU A 78 4.58 12.28 5.25
N GLU A 79 4.85 13.36 5.95
CA GLU A 79 4.26 14.65 5.62
C GLU A 79 4.74 15.11 4.26
N ASP A 80 6.03 14.93 4.02
CA ASP A 80 6.62 15.24 2.72
C ASP A 80 6.08 14.32 1.63
N LEU A 81 5.69 13.11 2.02
CA LEU A 81 5.09 12.16 1.10
C LEU A 81 3.73 12.65 0.60
N GLU A 82 2.97 13.25 1.50
CA GLU A 82 1.62 13.71 1.18
C GLU A 82 1.63 14.73 0.05
N GLY A 83 2.71 15.49 -0.04
CA GLY A 83 2.83 16.50 -1.07
C GLY A 83 3.24 15.93 -2.41
N TYR A 84 3.04 14.62 -2.57
CA TYR A 84 3.44 13.90 -3.78
C TYR A 84 4.92 14.14 -4.01
N GLN A 85 5.71 13.79 -2.99
CA GLN A 85 7.16 14.05 -2.96
C GLN A 85 7.49 15.46 -3.47
N ASN A 86 7.37 16.44 -2.57
CA ASN A 86 7.60 17.85 -2.90
C ASN A 86 8.96 18.06 -3.58
N THR A 87 9.93 17.19 -3.29
CA THR A 87 11.27 17.21 -3.91
C THR A 87 11.82 18.63 -4.04
N ILE A 88 12.35 19.13 -2.94
CA ILE A 88 12.85 20.50 -2.84
C ILE A 88 13.86 20.78 -3.94
N VAL A 89 13.64 21.87 -4.65
CA VAL A 89 14.47 22.23 -5.80
C VAL A 89 15.53 23.26 -5.42
N ALA A 90 16.57 23.35 -6.23
CA ALA A 90 17.57 24.39 -6.09
C ALA A 90 17.49 25.34 -7.27
N GLY A 91 17.39 26.64 -7.00
CA GLY A 91 17.26 27.61 -8.07
C GLY A 91 18.60 28.04 -8.63
N SER A 92 18.62 29.03 -9.51
CA SER A 92 19.86 29.48 -10.13
C SER A 92 20.42 30.71 -9.42
N LEU A 93 21.05 30.48 -8.28
CA LEU A 93 21.67 31.56 -7.53
C LEU A 93 23.11 31.75 -7.99
N ILE A 94 23.46 32.97 -8.36
CA ILE A 94 24.79 33.28 -8.81
C ILE A 94 25.70 33.56 -7.62
N THR A 95 26.30 32.51 -7.09
CA THR A 95 27.24 32.65 -5.99
C THR A 95 28.62 33.09 -6.51
N LYS A 96 28.68 34.30 -7.03
CA LYS A 96 29.92 34.84 -7.58
C LYS A 96 29.82 36.36 -7.65
N SER A 97 29.24 36.95 -6.61
CA SER A 97 29.09 38.40 -6.54
C SER A 97 30.40 39.03 -6.05
N ASN A 98 31.35 39.16 -6.97
CA ASN A 98 32.67 39.67 -6.62
C ASN A 98 32.88 41.06 -7.20
N LEU A 99 31.79 41.67 -7.63
CA LEU A 99 31.85 43.01 -8.22
C LEU A 99 30.50 43.69 -8.04
N GLY B 1 -14.54 -29.22 -17.63
CA GLY B 1 -14.48 -28.64 -16.27
C GLY B 1 -15.42 -27.46 -16.13
N ALA B 2 -15.04 -26.50 -15.31
CA ALA B 2 -15.86 -25.32 -15.07
C ALA B 2 -15.53 -24.22 -16.08
N MET B 3 -16.30 -24.16 -17.15
CA MET B 3 -16.11 -23.17 -18.19
C MET B 3 -16.56 -21.79 -17.72
N SER B 4 -15.72 -20.79 -17.95
CA SER B 4 -16.02 -19.41 -17.59
C SER B 4 -16.20 -19.26 -16.08
N GLY B 5 -15.35 -19.96 -15.33
CA GLY B 5 -15.33 -19.80 -13.90
C GLY B 5 -14.26 -18.83 -13.46
N SER B 6 -14.07 -18.67 -12.17
CA SER B 6 -13.04 -17.79 -11.66
C SER B 6 -11.81 -18.60 -11.24
N PRO B 7 -10.61 -18.03 -11.36
CA PRO B 7 -9.37 -18.73 -11.01
C PRO B 7 -9.20 -18.88 -9.48
N PRO B 8 -8.32 -19.80 -9.03
CA PRO B 8 -8.18 -20.18 -7.61
C PRO B 8 -7.75 -19.06 -6.65
N LEU B 9 -8.14 -19.22 -5.39
CA LEU B 9 -7.71 -18.35 -4.30
C LEU B 9 -6.38 -18.84 -3.72
N PRO B 10 -5.47 -17.92 -3.39
CA PRO B 10 -4.11 -18.26 -2.92
C PRO B 10 -4.07 -18.82 -1.51
N PRO B 11 -3.08 -19.69 -1.23
CA PRO B 11 -2.81 -20.17 0.13
C PRO B 11 -2.31 -19.04 1.04
N GLY B 12 -2.61 -19.12 2.32
CA GLY B 12 -2.22 -18.07 3.24
C GLY B 12 -3.33 -17.07 3.42
N ALA B 13 -3.07 -16.05 4.22
CA ALA B 13 -4.05 -15.00 4.46
C ALA B 13 -3.37 -13.66 4.61
N PRO B 14 -4.02 -12.59 4.13
CA PRO B 14 -3.50 -11.24 4.24
C PRO B 14 -3.74 -10.70 5.65
N PRO B 15 -3.27 -9.48 5.97
CA PRO B 15 -3.54 -8.86 7.27
C PRO B 15 -4.70 -7.85 7.23
N PRO B 16 -5.96 -8.31 7.36
CA PRO B 16 -7.12 -7.43 7.40
C PRO B 16 -7.18 -6.50 8.63
N PRO B 17 -7.05 -7.00 9.88
CA PRO B 17 -7.20 -6.16 11.08
C PRO B 17 -6.02 -5.21 11.25
N PRO B 18 -6.22 -4.09 11.97
CA PRO B 18 -5.16 -3.11 12.21
C PRO B 18 -4.05 -3.68 13.08
N PRO B 19 -2.78 -3.47 12.70
CA PRO B 19 -1.64 -3.82 13.55
C PRO B 19 -1.64 -2.95 14.80
N PRO B 20 -1.13 -3.48 15.93
CA PRO B 20 -1.33 -2.88 17.26
C PRO B 20 -0.92 -1.41 17.35
N PRO B 21 -1.83 -0.51 17.76
CA PRO B 21 -1.46 0.84 18.16
C PRO B 21 -0.93 0.84 19.61
N PRO B 22 -0.08 1.82 19.96
CA PRO B 22 0.44 1.94 21.33
C PRO B 22 -0.68 2.16 22.34
N SER B 23 -0.74 1.30 23.35
CA SER B 23 -1.79 1.35 24.35
C SER B 23 -1.56 2.49 25.33
N GLY B 24 -2.00 3.68 24.95
CA GLY B 24 -1.83 4.83 25.80
C GLY B 24 -2.07 6.12 25.03
N SER B 25 -1.97 7.25 25.72
CA SER B 25 -2.19 8.54 25.08
C SER B 25 -1.17 9.55 25.57
N GLY B 26 -0.85 10.52 24.73
CA GLY B 26 0.10 11.55 25.09
C GLY B 26 -0.10 12.82 24.30
N ASN B 27 0.98 13.29 23.69
CA ASN B 27 0.93 14.51 22.89
C ASN B 27 1.41 14.22 21.48
N GLY A 1 -0.12 1.83 -23.96
CA GLY A 1 -0.25 0.37 -24.27
C GLY A 1 -0.68 0.14 -25.70
N ALA A 2 -0.26 -0.97 -26.27
CA ALA A 2 -0.62 -1.29 -27.65
C ALA A 2 -2.03 -1.85 -27.72
N MET A 3 -2.19 -3.09 -27.30
CA MET A 3 -3.49 -3.74 -27.33
C MET A 3 -4.11 -3.76 -25.94
N GLY A 4 -3.28 -3.55 -24.92
CA GLY A 4 -3.79 -3.53 -23.56
C GLY A 4 -3.24 -4.67 -22.72
N ALA A 5 -2.28 -5.39 -23.28
CA ALA A 5 -1.66 -6.51 -22.56
C ALA A 5 -0.78 -5.98 -21.43
N LYS A 6 -1.05 -6.41 -20.21
CA LYS A 6 -0.32 -5.93 -19.05
C LYS A 6 0.19 -7.10 -18.22
N SER A 7 1.37 -7.61 -18.58
CA SER A 7 2.02 -8.66 -17.79
C SER A 7 1.18 -9.95 -17.81
N MET A 8 1.53 -10.91 -16.95
CA MET A 8 0.77 -12.15 -16.84
C MET A 8 -0.01 -12.18 -15.54
N TRP A 9 -0.06 -11.03 -14.89
CA TRP A 9 -0.82 -10.84 -13.68
C TRP A 9 -2.16 -10.16 -14.01
N THR A 10 -3.26 -10.78 -13.66
CA THR A 10 -4.58 -10.21 -13.93
C THR A 10 -5.32 -9.87 -12.60
N GLU A 11 -6.39 -9.08 -12.69
CA GLU A 11 -7.09 -8.61 -11.47
C GLU A 11 -8.47 -9.26 -11.34
N HIS A 12 -8.81 -9.75 -10.12
CA HIS A 12 -10.14 -10.31 -9.86
C HIS A 12 -10.58 -9.98 -8.42
N LYS A 13 -11.90 -9.90 -8.19
CA LYS A 13 -12.45 -9.55 -6.87
C LYS A 13 -13.08 -10.79 -6.19
N SER A 14 -12.93 -10.90 -4.87
CA SER A 14 -13.56 -11.98 -4.08
C SER A 14 -14.93 -11.50 -3.57
N PRO A 15 -15.87 -12.38 -3.13
CA PRO A 15 -17.20 -11.95 -2.63
C PRO A 15 -17.13 -10.96 -1.45
N ASP A 16 -15.93 -10.66 -0.97
CA ASP A 16 -15.77 -9.78 0.18
C ASP A 16 -15.26 -8.39 -0.24
N GLY A 17 -15.14 -8.13 -1.54
CA GLY A 17 -14.70 -6.82 -2.02
C GLY A 17 -13.20 -6.73 -2.13
N ARG A 18 -12.54 -7.80 -1.72
CA ARG A 18 -11.09 -7.90 -1.77
C ARG A 18 -10.63 -8.25 -3.18
N THR A 19 -9.36 -8.01 -3.46
CA THR A 19 -8.80 -8.21 -4.78
C THR A 19 -7.68 -9.23 -4.71
N TYR A 20 -7.63 -10.19 -5.64
CA TYR A 20 -6.53 -11.15 -5.66
C TYR A 20 -5.97 -11.24 -7.07
N TYR A 21 -4.65 -11.17 -7.19
CA TYR A 21 -4.02 -11.11 -8.48
C TYR A 21 -3.49 -12.50 -8.87
N TYR A 22 -3.78 -12.92 -10.10
CA TYR A 22 -3.45 -14.28 -10.58
C TYR A 22 -2.36 -14.19 -11.65
N ASN A 23 -1.36 -15.07 -11.57
CA ASN A 23 -0.31 -15.11 -12.58
C ASN A 23 -0.66 -16.21 -13.57
N THR A 24 -0.94 -15.80 -14.79
CA THR A 24 -1.50 -16.68 -15.78
C THR A 24 -0.50 -17.66 -16.38
N GLU A 25 0.76 -17.57 -16.01
CA GLU A 25 1.74 -18.50 -16.57
C GLU A 25 2.19 -19.52 -15.52
N THR A 26 2.35 -19.07 -14.28
CA THR A 26 2.81 -19.93 -13.20
C THR A 26 1.64 -20.56 -12.47
N LYS A 27 0.47 -19.96 -12.70
CA LYS A 27 -0.79 -20.45 -12.16
C LYS A 27 -0.87 -20.16 -10.66
N GLN A 28 -0.08 -19.19 -10.19
CA GLN A 28 0.01 -18.88 -8.76
C GLN A 28 -0.78 -17.60 -8.41
N SER A 29 -1.37 -17.55 -7.21
CA SER A 29 -2.14 -16.38 -6.76
C SER A 29 -1.43 -15.66 -5.58
N THR A 30 -1.75 -14.37 -5.39
CA THR A 30 -1.17 -13.56 -4.29
C THR A 30 -2.16 -12.48 -3.81
N TRP A 31 -1.93 -11.95 -2.59
CA TRP A 31 -2.75 -10.85 -2.04
C TRP A 31 -2.00 -9.53 -2.22
N GLU A 32 -0.71 -9.65 -2.57
CA GLU A 32 0.17 -8.49 -2.75
C GLU A 32 0.13 -8.03 -4.19
N LYS A 33 0.19 -6.72 -4.41
CA LYS A 33 0.20 -6.19 -5.75
C LYS A 33 1.62 -6.24 -6.31
N PRO A 34 1.84 -7.03 -7.39
CA PRO A 34 3.17 -7.12 -8.01
C PRO A 34 3.58 -5.77 -8.61
N ASP A 35 4.87 -5.43 -8.47
CA ASP A 35 5.39 -4.11 -8.84
C ASP A 35 5.09 -3.75 -10.29
N ASP A 36 4.83 -4.75 -11.11
CA ASP A 36 4.54 -4.55 -12.52
C ASP A 36 3.13 -4.00 -12.74
N LEU A 37 2.25 -4.19 -11.76
CA LEU A 37 0.87 -3.71 -11.86
C LEU A 37 0.70 -2.41 -11.08
N LYS A 38 1.70 -2.08 -10.26
CA LYS A 38 1.65 -0.87 -9.47
C LYS A 38 1.72 0.39 -10.33
N THR A 39 0.74 1.23 -10.12
CA THR A 39 0.68 2.54 -10.75
C THR A 39 1.87 3.39 -10.27
N PRO A 40 2.40 4.35 -11.09
CA PRO A 40 3.59 5.14 -10.71
C PRO A 40 3.48 5.70 -9.30
N ALA A 41 2.29 6.16 -8.96
CA ALA A 41 2.02 6.71 -7.64
C ALA A 41 2.27 5.68 -6.56
N GLU A 42 1.72 4.50 -6.76
CA GLU A 42 1.96 3.38 -5.85
C GLU A 42 3.43 3.02 -5.76
N GLN A 43 4.13 3.02 -6.90
CA GLN A 43 5.58 2.76 -6.90
C GLN A 43 6.31 3.76 -6.02
N LEU A 44 5.86 5.00 -6.09
CA LEU A 44 6.40 6.06 -5.26
C LEU A 44 6.07 5.82 -3.79
N LEU A 45 4.79 5.60 -3.53
CA LEU A 45 4.28 5.45 -2.17
C LEU A 45 4.81 4.19 -1.49
N SER A 46 4.93 3.11 -2.25
CA SER A 46 5.32 1.81 -1.70
C SER A 46 6.69 1.85 -1.01
N LYS A 47 7.47 2.91 -1.21
CA LYS A 47 8.73 3.04 -0.48
C LYS A 47 8.51 3.61 0.93
N CYS A 48 7.28 4.05 1.24
CA CYS A 48 6.99 4.67 2.53
C CYS A 48 6.85 3.58 3.60
N PRO A 49 7.75 3.56 4.61
CA PRO A 49 7.66 2.56 5.68
C PRO A 49 6.52 2.84 6.65
N TRP A 50 6.08 4.10 6.70
CA TRP A 50 4.93 4.50 7.50
C TRP A 50 3.65 4.45 6.65
N LYS A 51 2.62 3.72 7.09
CA LYS A 51 1.36 3.65 6.33
C LYS A 51 0.10 3.87 7.21
N GLU A 52 -0.87 4.58 6.63
CA GLU A 52 -2.14 4.95 7.27
C GLU A 52 -3.20 3.83 7.33
N TYR A 53 -3.63 3.46 8.54
CA TYR A 53 -4.88 2.68 8.72
C TYR A 53 -5.68 3.22 9.90
N LYS A 54 -6.98 2.94 9.92
CA LYS A 54 -7.90 3.47 10.94
C LYS A 54 -8.27 2.39 11.98
N SER A 55 -8.48 2.84 13.23
CA SER A 55 -8.86 1.98 14.36
C SER A 55 -10.36 1.61 14.33
N ASP A 56 -10.89 1.08 15.46
CA ASP A 56 -12.30 0.64 15.49
C ASP A 56 -13.24 1.83 15.54
N SER A 57 -12.83 2.89 16.24
CA SER A 57 -13.61 4.13 16.26
C SER A 57 -13.29 5.01 15.07
N GLY A 58 -12.21 4.68 14.38
CA GLY A 58 -11.79 5.46 13.25
C GLY A 58 -10.64 6.40 13.59
N LYS A 59 -10.18 6.34 14.84
CA LYS A 59 -9.03 7.11 15.29
C LYS A 59 -7.76 6.53 14.62
N PRO A 60 -7.06 7.32 13.78
CA PRO A 60 -5.95 6.81 12.94
C PRO A 60 -4.67 6.39 13.72
N TYR A 61 -3.95 5.41 13.14
CA TYR A 61 -2.60 5.03 13.61
C TYR A 61 -1.69 4.87 12.40
N TYR A 62 -0.38 5.07 12.57
CA TYR A 62 0.55 4.99 11.45
C TYR A 62 1.68 3.99 11.83
N TYR A 63 1.90 2.95 11.01
CA TYR A 63 2.86 1.87 11.35
C TYR A 63 4.12 1.92 10.48
N ASN A 64 5.27 1.57 11.09
CA ASN A 64 6.56 1.57 10.39
C ASN A 64 7.02 0.13 10.17
N SER A 65 7.35 -0.19 8.94
CA SER A 65 7.76 -1.54 8.59
C SER A 65 9.23 -1.83 8.96
N GLN A 66 10.08 -0.79 9.03
CA GLN A 66 11.50 -1.00 9.28
C GLN A 66 11.74 -1.21 10.77
N THR A 67 11.19 -0.31 11.56
CA THR A 67 11.47 -0.28 12.98
C THR A 67 10.37 -1.02 13.75
N LYS A 68 9.27 -1.26 13.03
CA LYS A 68 8.13 -2.00 13.54
C LYS A 68 7.37 -1.23 14.63
N GLU A 69 7.56 0.09 14.70
CA GLU A 69 6.93 0.92 15.72
C GLU A 69 5.60 1.50 15.23
N SER A 70 4.71 1.77 16.17
CA SER A 70 3.40 2.39 15.90
C SER A 70 3.32 3.77 16.59
N ARG A 71 2.75 4.78 15.92
CA ARG A 71 2.55 6.10 16.54
C ARG A 71 1.12 6.60 16.32
N TRP A 72 0.63 7.45 17.24
CA TRP A 72 -0.68 8.06 17.09
C TRP A 72 -0.62 9.25 16.11
N ALA A 73 0.42 10.09 16.22
CA ALA A 73 0.59 11.26 15.34
C ALA A 73 1.41 10.96 14.09
N LYS A 74 1.03 11.58 12.97
CA LYS A 74 1.76 11.48 11.72
C LYS A 74 3.19 12.03 11.83
N PRO A 75 4.22 11.22 11.49
CA PRO A 75 5.58 11.76 11.31
C PRO A 75 5.69 12.59 10.01
N LYS A 76 6.63 13.54 10.01
CA LYS A 76 6.80 14.48 8.90
C LYS A 76 7.21 13.75 7.62
N GLU A 77 7.81 12.58 7.77
CA GLU A 77 8.20 11.74 6.64
C GLU A 77 7.00 11.44 5.77
N LEU A 78 5.88 11.07 6.39
CA LEU A 78 4.70 10.67 5.67
C LEU A 78 4.00 11.88 5.11
N GLU A 79 4.17 12.99 5.82
CA GLU A 79 3.54 14.24 5.44
C GLU A 79 4.13 14.70 4.11
N ASP A 80 5.45 14.61 4.02
CA ASP A 80 6.19 14.91 2.81
C ASP A 80 5.74 14.03 1.65
N LEU A 81 5.49 12.77 1.95
CA LEU A 81 5.13 11.78 0.95
C LEU A 81 3.75 12.09 0.35
N GLU A 82 2.86 12.59 1.19
CA GLU A 82 1.49 12.89 0.77
C GLU A 82 1.46 13.90 -0.37
N GLY A 83 2.41 14.81 -0.36
CA GLY A 83 2.47 15.84 -1.38
C GLY A 83 3.18 15.37 -2.63
N TYR A 84 3.05 14.07 -2.92
CA TYR A 84 3.69 13.45 -4.07
C TYR A 84 5.21 13.52 -3.90
N GLN A 85 5.63 13.39 -2.63
CA GLN A 85 7.02 13.55 -2.17
C GLN A 85 7.57 14.95 -2.51
N ASN A 86 8.17 15.60 -1.52
CA ASN A 86 8.67 16.96 -1.73
C ASN A 86 10.15 16.96 -2.03
N THR A 87 10.51 16.15 -3.01
CA THR A 87 11.89 15.99 -3.46
C THR A 87 12.86 15.74 -2.30
N ILE A 88 12.96 14.50 -1.89
CA ILE A 88 13.87 14.11 -0.83
C ILE A 88 15.26 13.93 -1.41
N VAL A 89 16.01 15.02 -1.47
CA VAL A 89 17.34 15.01 -2.07
C VAL A 89 18.40 14.51 -1.10
N ALA A 90 17.95 13.97 0.04
CA ALA A 90 18.83 13.49 1.10
C ALA A 90 19.75 14.60 1.60
N GLY A 91 19.26 15.83 1.51
CA GLY A 91 20.03 16.98 1.93
C GLY A 91 19.16 18.22 1.98
N SER A 92 17.85 18.04 2.13
CA SER A 92 16.92 19.14 2.13
C SER A 92 16.62 19.59 3.57
N LEU A 93 17.68 19.66 4.36
CA LEU A 93 17.58 20.12 5.73
C LEU A 93 18.70 21.10 6.02
N ILE A 94 18.33 22.36 6.17
CA ILE A 94 19.30 23.41 6.41
C ILE A 94 19.90 23.24 7.81
N THR A 95 21.04 22.57 7.88
CA THR A 95 21.71 22.34 9.15
C THR A 95 22.89 23.30 9.27
N LYS A 96 22.61 24.60 9.18
CA LYS A 96 23.66 25.61 9.23
C LYS A 96 23.03 27.00 9.38
N SER A 97 23.02 27.49 10.60
CA SER A 97 22.49 28.82 10.86
C SER A 97 23.59 29.85 10.65
N ASN A 98 24.75 29.61 11.26
CA ASN A 98 25.89 30.52 11.15
C ASN A 98 27.19 29.74 11.23
N LEU A 99 28.30 30.45 11.41
CA LEU A 99 29.63 29.85 11.57
C LEU A 99 30.08 29.19 10.27
N GLY B 1 -21.72 -20.37 -20.32
CA GLY B 1 -20.89 -21.46 -19.75
C GLY B 1 -21.42 -21.92 -18.41
N ALA B 2 -21.18 -23.19 -18.09
CA ALA B 2 -21.66 -23.76 -16.84
C ALA B 2 -20.49 -24.25 -15.98
N MET B 3 -19.30 -24.25 -16.55
CA MET B 3 -18.11 -24.68 -15.81
C MET B 3 -17.13 -23.53 -15.67
N SER B 4 -17.50 -22.38 -16.22
CA SER B 4 -16.66 -21.21 -16.15
C SER B 4 -16.75 -20.58 -14.76
N GLY B 5 -15.61 -20.45 -14.10
CA GLY B 5 -15.59 -19.90 -12.76
C GLY B 5 -14.35 -19.10 -12.49
N SER B 6 -14.33 -18.43 -11.35
CA SER B 6 -13.19 -17.60 -10.98
C SER B 6 -12.01 -18.48 -10.53
N PRO B 7 -10.78 -17.99 -10.73
CA PRO B 7 -9.57 -18.73 -10.33
C PRO B 7 -9.35 -18.71 -8.81
N PRO B 8 -8.50 -19.60 -8.28
CA PRO B 8 -8.33 -19.83 -6.82
C PRO B 8 -7.88 -18.59 -6.01
N LEU B 9 -8.26 -18.59 -4.73
CA LEU B 9 -7.84 -17.57 -3.78
C LEU B 9 -6.51 -18.00 -3.12
N PRO B 10 -5.59 -17.04 -2.92
CA PRO B 10 -4.23 -17.32 -2.39
C PRO B 10 -4.18 -17.58 -0.89
N PRO B 11 -3.21 -18.39 -0.45
CA PRO B 11 -2.92 -18.57 0.98
C PRO B 11 -2.22 -17.34 1.58
N GLY B 12 -2.30 -17.18 2.91
CA GLY B 12 -1.65 -16.08 3.57
C GLY B 12 -2.47 -14.81 3.54
N ALA B 13 -3.63 -14.84 4.20
CA ALA B 13 -4.56 -13.72 4.27
C ALA B 13 -3.85 -12.41 4.54
N PRO B 14 -4.28 -11.32 3.87
CA PRO B 14 -3.62 -10.03 3.97
C PRO B 14 -3.83 -9.45 5.35
N PRO B 15 -2.72 -9.00 5.99
CA PRO B 15 -2.59 -8.71 7.43
C PRO B 15 -3.91 -8.54 8.17
N PRO B 16 -4.53 -9.66 8.58
CA PRO B 16 -5.83 -9.65 9.25
C PRO B 16 -5.83 -8.90 10.61
N PRO B 17 -4.98 -9.27 11.59
CA PRO B 17 -5.00 -8.61 12.89
C PRO B 17 -4.33 -7.24 12.86
N PRO B 18 -4.96 -6.19 13.42
CA PRO B 18 -4.35 -4.86 13.44
C PRO B 18 -3.11 -4.83 14.34
N PRO B 19 -1.98 -4.31 13.84
CA PRO B 19 -0.76 -4.23 14.61
C PRO B 19 -0.93 -3.29 15.80
N PRO B 20 -0.33 -3.63 16.96
CA PRO B 20 -0.63 -2.97 18.25
C PRO B 20 -0.43 -1.45 18.21
N PRO B 21 -1.45 -0.66 18.59
CA PRO B 21 -1.26 0.76 18.84
C PRO B 21 -0.64 0.97 20.23
N PRO B 22 0.15 2.03 20.41
CA PRO B 22 0.82 2.32 21.68
C PRO B 22 -0.17 2.67 22.79
N SER B 23 0.11 2.17 23.98
CA SER B 23 -0.71 2.48 25.15
C SER B 23 -0.46 3.91 25.60
N GLY B 24 0.70 4.44 25.25
CA GLY B 24 1.03 5.80 25.58
C GLY B 24 2.43 5.93 26.13
N SER B 25 2.58 6.80 27.11
CA SER B 25 3.85 7.00 27.77
C SER B 25 3.66 6.97 29.28
N GLY B 26 2.76 6.09 29.73
CA GLY B 26 2.45 6.00 31.14
C GLY B 26 3.28 4.95 31.85
N ASN B 27 4.17 4.30 31.11
CA ASN B 27 5.07 3.33 31.71
C ASN B 27 6.39 4.00 32.05
N GLY A 1 8.06 -5.61 -14.91
CA GLY A 1 7.78 -7.05 -14.73
C GLY A 1 6.84 -7.60 -15.80
N ALA A 2 6.92 -7.04 -16.99
CA ALA A 2 6.04 -7.43 -18.09
C ALA A 2 6.61 -8.62 -18.84
N MET A 3 6.32 -9.81 -18.35
CA MET A 3 6.80 -11.04 -18.98
C MET A 3 5.84 -11.49 -20.07
N GLY A 4 4.76 -10.75 -20.25
CA GLY A 4 3.79 -11.10 -21.29
C GLY A 4 2.78 -9.97 -21.50
N ALA A 5 1.89 -10.15 -22.48
CA ALA A 5 0.90 -9.13 -22.79
C ALA A 5 -0.07 -8.93 -21.62
N LYS A 6 -0.40 -7.66 -21.35
CA LYS A 6 -1.27 -7.29 -20.24
C LYS A 6 -0.68 -7.74 -18.91
N SER A 7 0.66 -7.77 -18.87
CA SER A 7 1.43 -8.02 -17.64
C SER A 7 1.37 -9.47 -17.13
N MET A 8 0.36 -10.25 -17.56
CA MET A 8 0.16 -11.63 -17.11
C MET A 8 -0.44 -11.69 -15.70
N TRP A 9 -0.52 -10.54 -15.08
CA TRP A 9 -1.19 -10.40 -13.81
C TRP A 9 -2.55 -9.74 -14.01
N THR A 10 -3.61 -10.41 -13.59
CA THR A 10 -4.96 -9.86 -13.71
C THR A 10 -5.57 -9.60 -12.33
N GLU A 11 -6.65 -8.80 -12.27
CA GLU A 11 -7.26 -8.41 -11.00
C GLU A 11 -8.64 -9.06 -10.81
N HIS A 12 -8.89 -9.63 -9.63
CA HIS A 12 -10.19 -10.25 -9.33
C HIS A 12 -10.57 -10.00 -7.86
N LYS A 13 -11.88 -10.03 -7.56
CA LYS A 13 -12.39 -9.77 -6.21
C LYS A 13 -12.96 -11.06 -5.56
N SER A 14 -12.73 -11.23 -4.27
CA SER A 14 -13.30 -12.35 -3.49
C SER A 14 -14.67 -11.91 -2.93
N PRO A 15 -15.57 -12.85 -2.49
CA PRO A 15 -16.88 -12.47 -1.90
C PRO A 15 -16.77 -11.56 -0.67
N ASP A 16 -15.55 -11.27 -0.23
CA ASP A 16 -15.35 -10.46 0.97
C ASP A 16 -14.90 -9.03 0.59
N GLY A 17 -14.87 -8.73 -0.71
CA GLY A 17 -14.51 -7.39 -1.17
C GLY A 17 -13.02 -7.25 -1.41
N ARG A 18 -12.28 -8.27 -1.03
CA ARG A 18 -10.84 -8.29 -1.15
C ARG A 18 -10.41 -8.60 -2.58
N THR A 19 -9.18 -8.29 -2.89
CA THR A 19 -8.67 -8.40 -4.24
C THR A 19 -7.49 -9.39 -4.26
N TYR A 20 -7.44 -10.28 -5.26
CA TYR A 20 -6.31 -11.19 -5.40
C TYR A 20 -5.84 -11.21 -6.84
N TYR A 21 -4.53 -11.16 -7.04
CA TYR A 21 -3.98 -11.03 -8.37
C TYR A 21 -3.46 -12.39 -8.87
N TYR A 22 -3.82 -12.75 -10.10
CA TYR A 22 -3.50 -14.06 -10.68
C TYR A 22 -2.49 -13.90 -11.82
N ASN A 23 -1.50 -14.78 -11.88
CA ASN A 23 -0.53 -14.76 -12.98
C ASN A 23 -0.96 -15.80 -14.00
N THR A 24 -1.31 -15.34 -15.18
CA THR A 24 -1.95 -16.17 -16.17
C THR A 24 -1.00 -17.10 -16.89
N GLU A 25 0.30 -17.03 -16.62
CA GLU A 25 1.22 -17.93 -17.29
C GLU A 25 1.71 -19.01 -16.34
N THR A 26 2.04 -18.63 -15.10
CA THR A 26 2.56 -19.56 -14.12
C THR A 26 1.44 -20.28 -13.40
N LYS A 27 0.27 -19.64 -13.42
CA LYS A 27 -0.94 -20.13 -12.79
C LYS A 27 -0.88 -19.93 -11.26
N GLN A 28 -0.05 -18.98 -10.82
CA GLN A 28 0.17 -18.74 -9.39
C GLN A 28 -0.60 -17.49 -8.92
N SER A 29 -1.16 -17.56 -7.71
CA SER A 29 -1.90 -16.41 -7.12
C SER A 29 -1.10 -15.76 -5.96
N THR A 30 -1.43 -14.50 -5.68
CA THR A 30 -0.79 -13.76 -4.57
C THR A 30 -1.75 -12.71 -3.97
N TRP A 31 -1.45 -12.25 -2.75
CA TRP A 31 -2.23 -11.18 -2.11
C TRP A 31 -1.50 -9.85 -2.30
N GLU A 32 -0.22 -9.93 -2.70
CA GLU A 32 0.62 -8.75 -2.89
C GLU A 32 0.44 -8.21 -4.30
N LYS A 33 0.47 -6.90 -4.44
CA LYS A 33 0.36 -6.29 -5.75
C LYS A 33 1.74 -6.28 -6.42
N PRO A 34 1.88 -6.98 -7.57
CA PRO A 34 3.14 -7.00 -8.30
C PRO A 34 3.49 -5.62 -8.86
N ASP A 35 4.79 -5.29 -8.86
CA ASP A 35 5.28 -3.96 -9.22
C ASP A 35 4.84 -3.50 -10.60
N ASP A 36 4.42 -4.43 -11.46
CA ASP A 36 3.99 -4.09 -12.82
C ASP A 36 2.58 -3.48 -12.80
N LEU A 37 1.80 -3.80 -11.78
CA LEU A 37 0.42 -3.35 -11.71
C LEU A 37 0.30 -2.10 -10.83
N LYS A 38 1.33 -1.85 -10.04
CA LYS A 38 1.31 -0.74 -9.11
C LYS A 38 1.25 0.60 -9.84
N THR A 39 0.26 1.39 -9.46
CA THR A 39 0.11 2.74 -9.98
C THR A 39 1.26 3.63 -9.46
N PRO A 40 1.64 4.74 -10.15
CA PRO A 40 2.79 5.58 -9.70
C PRO A 40 2.70 5.92 -8.22
N ALA A 41 1.48 6.21 -7.77
CA ALA A 41 1.23 6.53 -6.37
C ALA A 41 1.66 5.39 -5.47
N GLU A 42 1.18 4.19 -5.79
CA GLU A 42 1.56 2.99 -5.08
C GLU A 42 3.08 2.77 -5.11
N GLN A 43 3.70 2.99 -6.27
CA GLN A 43 5.16 2.87 -6.38
C GLN A 43 5.86 3.82 -5.41
N LEU A 44 5.31 5.02 -5.31
CA LEU A 44 5.82 6.01 -4.37
C LEU A 44 5.58 5.56 -2.93
N LEU A 45 4.34 5.19 -2.64
CA LEU A 45 3.94 4.82 -1.29
C LEU A 45 4.67 3.59 -0.80
N SER A 46 4.91 2.65 -1.71
CA SER A 46 5.53 1.37 -1.39
C SER A 46 6.92 1.54 -0.77
N LYS A 47 7.58 2.67 -1.00
CA LYS A 47 8.91 2.88 -0.41
C LYS A 47 8.77 3.39 1.04
N CYS A 48 7.58 3.84 1.42
CA CYS A 48 7.39 4.41 2.75
C CYS A 48 7.15 3.30 3.78
N PRO A 49 8.01 3.21 4.81
CA PRO A 49 7.85 2.20 5.86
C PRO A 49 6.69 2.52 6.80
N TRP A 50 6.25 3.78 6.78
CA TRP A 50 5.09 4.22 7.56
C TRP A 50 3.83 4.15 6.69
N LYS A 51 2.79 3.43 7.12
CA LYS A 51 1.56 3.30 6.30
C LYS A 51 0.28 3.67 7.08
N GLU A 52 -0.61 4.38 6.36
CA GLU A 52 -1.91 4.87 6.89
C GLU A 52 -2.99 3.79 6.99
N TYR A 53 -3.47 3.53 8.21
CA TYR A 53 -4.75 2.80 8.40
C TYR A 53 -5.59 3.45 9.51
N LYS A 54 -6.91 3.23 9.46
CA LYS A 54 -7.84 3.84 10.40
C LYS A 54 -8.31 2.84 11.48
N SER A 55 -8.60 3.38 12.67
CA SER A 55 -9.06 2.59 13.83
C SER A 55 -10.56 2.24 13.74
N ASP A 56 -11.14 1.80 14.87
CA ASP A 56 -12.57 1.41 14.91
C ASP A 56 -13.45 2.66 14.88
N SER A 57 -13.00 3.74 15.52
CA SER A 57 -13.72 5.01 15.46
C SER A 57 -13.34 5.83 14.23
N GLY A 58 -12.32 5.41 13.53
CA GLY A 58 -11.88 6.11 12.35
C GLY A 58 -10.68 7.02 12.64
N LYS A 59 -10.21 6.96 13.88
CA LYS A 59 -9.03 7.71 14.31
C LYS A 59 -7.76 7.03 13.76
N PRO A 60 -6.99 7.72 12.89
CA PRO A 60 -5.84 7.10 12.18
C PRO A 60 -4.63 6.73 13.08
N TYR A 61 -3.93 5.66 12.67
CA TYR A 61 -2.65 5.26 13.27
C TYR A 61 -1.65 4.97 12.15
N TYR A 62 -0.36 5.15 12.40
CA TYR A 62 0.63 4.97 11.34
C TYR A 62 1.70 3.97 11.81
N TYR A 63 1.91 2.88 11.06
CA TYR A 63 2.83 1.79 11.49
C TYR A 63 4.12 1.77 10.66
N ASN A 64 5.24 1.43 11.32
CA ASN A 64 6.56 1.39 10.67
C ASN A 64 7.00 -0.05 10.52
N SER A 65 7.37 -0.44 9.32
CA SER A 65 7.76 -1.81 9.04
C SER A 65 9.20 -2.15 9.46
N GLN A 66 10.07 -1.15 9.58
CA GLN A 66 11.48 -1.42 9.91
C GLN A 66 11.67 -1.52 11.41
N THR A 67 11.05 -0.61 12.13
CA THR A 67 11.23 -0.52 13.57
C THR A 67 10.08 -1.19 14.30
N LYS A 68 9.00 -1.39 13.56
CA LYS A 68 7.80 -2.05 14.05
C LYS A 68 7.11 -1.24 15.14
N GLU A 69 7.26 0.09 15.11
CA GLU A 69 6.60 0.97 16.07
C GLU A 69 5.30 1.54 15.52
N SER A 70 4.38 1.88 16.41
CA SER A 70 3.10 2.49 16.07
C SER A 70 3.01 3.90 16.68
N ARG A 71 2.55 4.91 15.91
CA ARG A 71 2.36 6.27 16.46
C ARG A 71 0.96 6.80 16.15
N TRP A 72 0.49 7.72 17.00
CA TRP A 72 -0.79 8.39 16.78
C TRP A 72 -0.63 9.55 15.80
N ALA A 73 0.47 10.31 15.91
CA ALA A 73 0.73 11.46 15.04
C ALA A 73 1.56 11.09 13.81
N LYS A 74 1.20 11.67 12.67
CA LYS A 74 1.94 11.53 11.41
C LYS A 74 3.39 12.02 11.55
N PRO A 75 4.40 11.18 11.25
CA PRO A 75 5.77 11.67 11.08
C PRO A 75 5.93 12.43 9.76
N LYS A 76 6.90 13.36 9.73
CA LYS A 76 7.11 14.27 8.59
C LYS A 76 7.53 13.51 7.33
N GLU A 77 8.15 12.35 7.50
CA GLU A 77 8.52 11.51 6.36
C GLU A 77 7.31 11.17 5.51
N LEU A 78 6.20 10.80 6.16
CA LEU A 78 5.01 10.39 5.46
C LEU A 78 4.32 11.59 4.86
N GLU A 79 4.55 12.72 5.50
CA GLU A 79 3.95 13.96 5.07
C GLU A 79 4.53 14.38 3.73
N ASP A 80 5.84 14.17 3.58
CA ASP A 80 6.50 14.42 2.31
C ASP A 80 5.96 13.51 1.23
N LEU A 81 5.68 12.27 1.60
CA LEU A 81 5.10 11.30 0.69
C LEU A 81 3.75 11.80 0.18
N GLU A 82 2.99 12.42 1.07
CA GLU A 82 1.67 12.94 0.74
C GLU A 82 1.75 14.11 -0.25
N GLY A 83 2.93 14.73 -0.32
CA GLY A 83 3.12 15.88 -1.20
C GLY A 83 2.71 15.63 -2.64
N TYR A 84 2.68 14.36 -3.02
CA TYR A 84 2.28 13.98 -4.37
C TYR A 84 0.77 13.79 -4.43
N GLN A 85 0.04 14.88 -4.27
CA GLN A 85 -1.41 14.83 -4.40
C GLN A 85 -1.83 15.17 -5.82
N ASN A 86 -0.93 15.86 -6.54
CA ASN A 86 -1.16 16.25 -7.93
C ASN A 86 -2.59 16.68 -8.18
N THR A 87 -2.99 17.73 -7.50
CA THR A 87 -4.33 18.28 -7.63
C THR A 87 -4.28 19.59 -8.41
N ILE A 88 -3.22 19.74 -9.20
CA ILE A 88 -2.99 20.92 -10.02
C ILE A 88 -2.70 22.14 -9.17
N VAL A 89 -1.53 22.73 -9.38
CA VAL A 89 -1.08 23.87 -8.60
C VAL A 89 -2.01 25.07 -8.79
N ALA A 90 -2.18 25.86 -7.74
CA ALA A 90 -3.00 27.05 -7.79
C ALA A 90 -2.30 28.17 -8.56
N GLY A 91 -2.35 28.09 -9.88
CA GLY A 91 -1.75 29.12 -10.70
C GLY A 91 -2.28 29.08 -12.13
N SER A 92 -2.39 30.22 -12.79
CA SER A 92 -2.91 30.28 -14.16
C SER A 92 -2.36 31.53 -14.86
N LEU A 93 -1.07 31.54 -15.13
CA LEU A 93 -0.42 32.69 -15.74
C LEU A 93 -0.41 32.56 -17.26
N ILE A 94 -1.22 33.39 -17.90
CA ILE A 94 -1.26 33.44 -19.35
C ILE A 94 -0.01 34.17 -19.85
N THR A 95 0.99 33.40 -20.28
CA THR A 95 2.26 33.98 -20.67
C THR A 95 2.29 34.27 -22.18
N LYS A 96 1.17 33.99 -22.85
CA LYS A 96 1.09 34.17 -24.30
C LYS A 96 -0.35 33.99 -24.78
N SER A 97 -1.04 35.10 -24.98
CA SER A 97 -2.40 35.08 -25.50
C SER A 97 -2.42 35.58 -26.95
N ASN A 98 -1.73 36.69 -27.19
CA ASN A 98 -1.65 37.26 -28.53
C ASN A 98 -0.20 37.51 -28.90
N LEU A 99 0.04 38.02 -30.10
CA LEU A 99 1.39 38.35 -30.53
C LEU A 99 1.45 39.80 -30.97
N GLY B 1 -14.18 -26.41 -13.93
CA GLY B 1 -12.84 -26.21 -13.35
C GLY B 1 -12.77 -24.96 -12.50
N ALA B 2 -11.55 -24.53 -12.17
CA ALA B 2 -11.37 -23.37 -11.33
C ALA B 2 -11.68 -22.08 -12.08
N MET B 3 -11.22 -22.01 -13.33
CA MET B 3 -11.39 -20.80 -14.12
C MET B 3 -12.79 -20.71 -14.71
N SER B 4 -13.57 -21.77 -14.54
CA SER B 4 -14.96 -21.77 -14.98
C SER B 4 -15.77 -20.72 -14.24
N GLY B 5 -15.41 -20.49 -12.99
CA GLY B 5 -16.00 -19.42 -12.22
C GLY B 5 -15.02 -18.30 -12.01
N SER B 6 -14.31 -18.36 -10.90
CA SER B 6 -13.24 -17.43 -10.63
C SER B 6 -12.00 -18.22 -10.21
N PRO B 7 -10.80 -17.74 -10.57
CA PRO B 7 -9.56 -18.47 -10.30
C PRO B 7 -9.25 -18.53 -8.79
N PRO B 8 -8.40 -19.48 -8.36
CA PRO B 8 -8.16 -19.78 -6.93
C PRO B 8 -7.67 -18.61 -6.08
N LEU B 9 -8.12 -18.60 -4.82
CA LEU B 9 -7.60 -17.67 -3.82
C LEU B 9 -6.26 -18.18 -3.30
N PRO B 10 -5.28 -17.29 -3.13
CA PRO B 10 -3.89 -17.66 -2.78
C PRO B 10 -3.74 -18.19 -1.36
N PRO B 11 -2.78 -19.10 -1.16
CA PRO B 11 -2.40 -19.56 0.18
C PRO B 11 -1.75 -18.43 0.98
N GLY B 12 -1.97 -18.41 2.29
CA GLY B 12 -1.40 -17.37 3.12
C GLY B 12 -2.40 -16.30 3.46
N ALA B 13 -1.93 -15.26 4.11
CA ALA B 13 -2.79 -14.16 4.54
C ALA B 13 -2.11 -12.85 4.21
N PRO B 14 -2.89 -11.80 3.90
CA PRO B 14 -2.33 -10.51 3.52
C PRO B 14 -1.85 -9.73 4.73
N PRO B 15 -1.18 -8.56 4.49
CA PRO B 15 -0.66 -7.67 5.54
C PRO B 15 -1.41 -7.80 6.87
N PRO B 16 -0.66 -8.14 7.93
CA PRO B 16 -1.21 -8.40 9.26
C PRO B 16 -2.36 -7.47 9.66
N PRO B 17 -3.46 -8.05 10.18
CA PRO B 17 -4.59 -7.29 10.72
C PRO B 17 -4.11 -6.22 11.70
N PRO B 18 -4.97 -5.24 12.06
CA PRO B 18 -4.52 -4.02 12.76
C PRO B 18 -3.59 -4.33 13.94
N PRO B 19 -2.36 -3.80 13.86
CA PRO B 19 -1.37 -3.93 14.94
C PRO B 19 -1.68 -2.97 16.09
N PRO B 20 -1.08 -3.22 17.28
CA PRO B 20 -1.42 -2.47 18.50
C PRO B 20 -1.16 -0.96 18.37
N PRO B 21 -2.17 -0.10 18.62
CA PRO B 21 -1.92 1.31 18.83
C PRO B 21 -1.45 1.56 20.26
N PRO B 22 -0.52 2.50 20.48
CA PRO B 22 0.02 2.77 21.82
C PRO B 22 -1.07 3.20 22.80
N SER B 23 -1.15 2.49 23.91
CA SER B 23 -2.10 2.81 24.96
C SER B 23 -1.61 3.99 25.78
N GLY B 24 -1.97 5.20 25.35
CA GLY B 24 -1.49 6.39 26.00
C GLY B 24 0.00 6.58 25.78
N SER B 25 0.78 6.40 26.83
CA SER B 25 2.22 6.48 26.74
C SER B 25 2.86 5.20 27.26
N GLY B 26 2.05 4.14 27.31
CA GLY B 26 2.51 2.88 27.86
C GLY B 26 3.51 2.16 26.98
N ASN B 27 4.77 2.16 27.42
CA ASN B 27 5.83 1.40 26.78
C ASN B 27 6.05 1.84 25.34
N GLY A 1 10.85 0.77 -20.31
CA GLY A 1 9.93 0.10 -19.37
C GLY A 1 9.22 -1.08 -20.02
N ALA A 2 8.79 -2.04 -19.21
CA ALA A 2 8.06 -3.19 -19.72
C ALA A 2 6.61 -2.83 -20.00
N MET A 3 6.36 -2.29 -21.20
CA MET A 3 5.02 -1.85 -21.57
C MET A 3 4.53 -2.60 -22.80
N GLY A 4 5.38 -3.46 -23.37
CA GLY A 4 4.98 -4.20 -24.57
C GLY A 4 3.89 -5.21 -24.26
N ALA A 5 4.04 -5.88 -23.12
CA ALA A 5 3.03 -6.80 -22.64
C ALA A 5 2.47 -6.29 -21.33
N LYS A 6 1.17 -6.40 -21.12
CA LYS A 6 0.53 -5.86 -19.92
C LYS A 6 0.63 -6.83 -18.76
N SER A 7 1.82 -7.41 -18.60
CA SER A 7 2.12 -8.32 -17.49
C SER A 7 1.30 -9.61 -17.62
N MET A 8 1.59 -10.57 -16.75
CA MET A 8 0.82 -11.80 -16.67
C MET A 8 0.07 -11.88 -15.34
N TRP A 9 -0.06 -10.72 -14.72
CA TRP A 9 -0.85 -10.58 -13.51
C TRP A 9 -2.19 -9.93 -13.85
N THR A 10 -3.28 -10.58 -13.49
CA THR A 10 -4.61 -10.04 -13.73
C THR A 10 -5.35 -9.80 -12.41
N GLU A 11 -6.44 -9.02 -12.44
CA GLU A 11 -7.14 -8.60 -11.22
C GLU A 11 -8.51 -9.30 -11.10
N HIS A 12 -8.83 -9.84 -9.90
CA HIS A 12 -10.13 -10.48 -9.67
C HIS A 12 -10.60 -10.20 -8.22
N LYS A 13 -11.92 -10.21 -8.01
CA LYS A 13 -12.52 -9.91 -6.70
C LYS A 13 -13.10 -11.19 -6.04
N SER A 14 -12.96 -11.31 -4.72
CA SER A 14 -13.56 -12.42 -3.94
C SER A 14 -14.97 -12.01 -3.47
N PRO A 15 -15.86 -12.97 -3.03
CA PRO A 15 -17.22 -12.61 -2.55
C PRO A 15 -17.24 -11.60 -1.39
N ASP A 16 -16.07 -11.23 -0.87
CA ASP A 16 -16.01 -10.34 0.29
C ASP A 16 -15.61 -8.91 -0.12
N GLY A 17 -15.36 -8.69 -1.42
CA GLY A 17 -15.00 -7.36 -1.89
C GLY A 17 -13.50 -7.19 -2.00
N ARG A 18 -12.76 -8.20 -1.57
CA ARG A 18 -11.31 -8.20 -1.60
C ARG A 18 -10.79 -8.56 -2.97
N THR A 19 -9.53 -8.24 -3.21
CA THR A 19 -8.94 -8.39 -4.53
C THR A 19 -7.76 -9.37 -4.44
N TYR A 20 -7.64 -10.27 -5.41
CA TYR A 20 -6.49 -11.17 -5.44
C TYR A 20 -5.93 -11.24 -6.86
N TYR A 21 -4.61 -11.17 -6.97
CA TYR A 21 -3.97 -11.07 -8.27
C TYR A 21 -3.41 -12.44 -8.70
N TYR A 22 -3.70 -12.83 -9.94
CA TYR A 22 -3.32 -14.16 -10.47
C TYR A 22 -2.25 -14.01 -11.55
N ASN A 23 -1.23 -14.86 -11.52
CA ASN A 23 -0.20 -14.84 -12.55
C ASN A 23 -0.54 -15.92 -13.57
N THR A 24 -0.86 -15.48 -14.77
CA THR A 24 -1.42 -16.33 -15.79
C THR A 24 -0.41 -17.26 -16.44
N GLU A 25 0.86 -17.13 -16.09
CA GLU A 25 1.86 -18.00 -16.70
C GLU A 25 2.38 -19.03 -15.69
N THR A 26 2.59 -18.59 -14.44
CA THR A 26 3.12 -19.47 -13.41
C THR A 26 2.00 -20.20 -12.68
N LYS A 27 0.79 -19.65 -12.84
CA LYS A 27 -0.43 -20.22 -12.30
C LYS A 27 -0.50 -19.97 -10.78
N GLN A 28 0.25 -18.99 -10.29
CA GLN A 28 0.33 -18.72 -8.85
C GLN A 28 -0.49 -17.48 -8.46
N SER A 29 -1.12 -17.52 -7.28
CA SER A 29 -1.91 -16.38 -6.76
C SER A 29 -1.19 -15.69 -5.59
N THR A 30 -1.56 -14.41 -5.33
CA THR A 30 -1.00 -13.64 -4.21
C THR A 30 -2.01 -12.60 -3.69
N TRP A 31 -1.77 -12.07 -2.47
CA TRP A 31 -2.59 -10.99 -1.91
C TRP A 31 -1.87 -9.65 -2.08
N GLU A 32 -0.58 -9.72 -2.42
CA GLU A 32 0.26 -8.53 -2.58
C GLU A 32 0.23 -8.05 -4.01
N LYS A 33 0.12 -6.74 -4.20
CA LYS A 33 0.11 -6.18 -5.53
C LYS A 33 1.52 -6.15 -6.11
N PRO A 34 1.75 -6.90 -7.21
CA PRO A 34 3.06 -6.92 -7.85
C PRO A 34 3.42 -5.55 -8.41
N ASP A 35 4.69 -5.16 -8.25
CA ASP A 35 5.16 -3.81 -8.59
C ASP A 35 4.95 -3.44 -10.05
N ASP A 36 4.66 -4.43 -10.88
CA ASP A 36 4.38 -4.21 -12.30
C ASP A 36 2.96 -3.70 -12.53
N LEU A 37 2.06 -3.94 -11.57
CA LEU A 37 0.66 -3.52 -11.69
C LEU A 37 0.42 -2.22 -10.95
N LYS A 38 1.33 -1.87 -10.04
CA LYS A 38 1.18 -0.70 -9.21
C LYS A 38 1.14 0.58 -10.03
N THR A 39 0.08 1.35 -9.79
CA THR A 39 -0.08 2.65 -10.41
C THR A 39 1.01 3.62 -9.88
N PRO A 40 1.42 4.67 -10.64
CA PRO A 40 2.51 5.59 -10.20
C PRO A 40 2.32 6.04 -8.75
N ALA A 41 1.09 6.35 -8.39
CA ALA A 41 0.76 6.78 -7.04
C ALA A 41 1.15 5.71 -6.03
N GLU A 42 0.70 4.50 -6.29
CA GLU A 42 1.07 3.34 -5.48
C GLU A 42 2.58 3.15 -5.40
N GLN A 43 3.27 3.31 -6.52
CA GLN A 43 4.73 3.19 -6.54
C GLN A 43 5.38 4.23 -5.62
N LEU A 44 4.81 5.41 -5.62
CA LEU A 44 5.26 6.48 -4.72
C LEU A 44 5.03 6.09 -3.26
N LEU A 45 3.81 5.64 -2.98
CA LEU A 45 3.42 5.26 -1.62
C LEU A 45 4.17 4.01 -1.17
N SER A 46 4.39 3.10 -2.10
CA SER A 46 4.98 1.81 -1.80
C SER A 46 6.36 1.91 -1.16
N LYS A 47 7.07 3.03 -1.33
CA LYS A 47 8.39 3.15 -0.70
C LYS A 47 8.26 3.69 0.74
N CYS A 48 7.04 4.06 1.15
CA CYS A 48 6.84 4.61 2.50
C CYS A 48 6.79 3.47 3.53
N PRO A 49 7.76 3.42 4.48
CA PRO A 49 7.73 2.40 5.53
C PRO A 49 6.64 2.67 6.56
N TRP A 50 6.22 3.92 6.64
CA TRP A 50 5.09 4.32 7.47
C TRP A 50 3.80 4.27 6.61
N LYS A 51 2.78 3.51 7.02
CA LYS A 51 1.56 3.39 6.20
C LYS A 51 0.25 3.61 7.00
N GLU A 52 -0.70 4.27 6.33
CA GLU A 52 -2.05 4.58 6.86
C GLU A 52 -2.92 3.35 7.12
N TYR A 53 -3.38 3.18 8.36
CA TYR A 53 -4.62 2.42 8.61
C TYR A 53 -5.46 3.12 9.68
N LYS A 54 -6.79 2.94 9.62
CA LYS A 54 -7.71 3.59 10.53
C LYS A 54 -8.22 2.62 11.61
N SER A 55 -8.50 3.15 12.81
CA SER A 55 -9.05 2.34 13.93
C SER A 55 -10.58 2.33 13.90
N ASP A 56 -11.22 1.94 15.03
CA ASP A 56 -12.67 1.64 15.01
C ASP A 56 -13.50 2.92 14.89
N SER A 57 -13.06 4.02 15.47
CA SER A 57 -13.77 5.29 15.36
C SER A 57 -13.35 6.06 14.11
N GLY A 58 -12.28 5.61 13.47
CA GLY A 58 -11.76 6.31 12.33
C GLY A 58 -10.59 7.20 12.72
N LYS A 59 -10.11 7.04 13.95
CA LYS A 59 -8.89 7.72 14.41
C LYS A 59 -7.67 6.96 13.85
N PRO A 60 -6.84 7.63 13.01
CA PRO A 60 -5.72 6.96 12.31
C PRO A 60 -4.51 6.57 13.20
N TYR A 61 -3.81 5.50 12.76
CA TYR A 61 -2.52 5.10 13.34
C TYR A 61 -1.55 4.77 12.20
N TYR A 62 -0.25 4.99 12.40
CA TYR A 62 0.70 4.83 11.32
C TYR A 62 1.81 3.83 11.74
N TYR A 63 2.03 2.78 10.93
CA TYR A 63 2.97 1.68 11.29
C TYR A 63 4.25 1.73 10.43
N ASN A 64 5.39 1.38 11.04
CA ASN A 64 6.68 1.36 10.33
C ASN A 64 7.13 -0.07 10.13
N SER A 65 7.49 -0.42 8.91
CA SER A 65 7.89 -1.79 8.60
C SER A 65 9.34 -2.09 8.98
N GLN A 66 10.20 -1.07 9.08
CA GLN A 66 11.61 -1.31 9.38
C GLN A 66 11.82 -1.49 10.87
N THR A 67 11.24 -0.59 11.64
CA THR A 67 11.46 -0.55 13.08
C THR A 67 10.33 -1.24 13.82
N LYS A 68 9.24 -1.46 13.08
CA LYS A 68 8.07 -2.18 13.56
C LYS A 68 7.31 -1.38 14.63
N GLU A 69 7.52 -0.06 14.68
CA GLU A 69 6.90 0.78 15.72
C GLU A 69 5.56 1.36 15.23
N SER A 70 4.67 1.62 16.18
CA SER A 70 3.36 2.22 15.92
C SER A 70 3.27 3.60 16.61
N ARG A 71 2.75 4.62 15.90
CA ARG A 71 2.57 5.96 16.52
C ARG A 71 1.15 6.50 16.26
N TRP A 72 0.71 7.42 17.12
CA TRP A 72 -0.56 8.10 16.92
C TRP A 72 -0.40 9.30 15.97
N ALA A 73 0.68 10.07 16.11
CA ALA A 73 0.93 11.25 15.28
C ALA A 73 1.71 10.92 14.01
N LYS A 74 1.37 11.60 12.92
CA LYS A 74 2.08 11.49 11.64
C LYS A 74 3.53 11.98 11.75
N PRO A 75 4.52 11.13 11.45
CA PRO A 75 5.91 11.60 11.31
C PRO A 75 6.10 12.40 10.02
N LYS A 76 7.05 13.33 10.03
CA LYS A 76 7.29 14.24 8.91
C LYS A 76 7.67 13.50 7.64
N GLU A 77 8.28 12.33 7.81
CA GLU A 77 8.64 11.46 6.69
C GLU A 77 7.44 11.21 5.80
N LEU A 78 6.31 10.87 6.42
CA LEU A 78 5.11 10.51 5.71
C LEU A 78 4.47 11.75 5.12
N GLU A 79 4.70 12.86 5.78
CA GLU A 79 4.15 14.12 5.35
C GLU A 79 4.81 14.53 4.05
N ASP A 80 6.12 14.35 3.99
CA ASP A 80 6.88 14.58 2.77
C ASP A 80 6.36 13.69 1.65
N LEU A 81 5.99 12.46 2.01
CA LEU A 81 5.45 11.51 1.06
C LEU A 81 4.15 12.04 0.46
N GLU A 82 3.33 12.66 1.30
CA GLU A 82 2.07 13.22 0.86
C GLU A 82 2.30 14.32 -0.17
N GLY A 83 3.41 15.03 -0.01
CA GLY A 83 3.73 16.12 -0.91
C GLY A 83 4.56 15.69 -2.09
N TYR A 84 4.33 14.46 -2.56
CA TYR A 84 4.98 13.93 -3.76
C TYR A 84 6.49 13.82 -3.53
N GLN A 85 6.85 13.59 -2.26
CA GLN A 85 8.26 13.52 -1.83
C GLN A 85 9.00 14.82 -2.04
N ASN A 86 8.21 15.88 -2.30
CA ASN A 86 8.68 17.27 -2.47
C ASN A 86 10.13 17.37 -2.90
N THR A 87 10.39 16.89 -4.10
CA THR A 87 11.74 16.84 -4.63
C THR A 87 12.11 18.17 -5.28
N ILE A 88 13.25 18.72 -4.89
CA ILE A 88 13.80 19.87 -5.55
C ILE A 88 15.04 19.44 -6.34
N VAL A 89 15.14 18.12 -6.52
CA VAL A 89 16.25 17.49 -7.23
C VAL A 89 17.60 17.84 -6.57
N ALA A 90 17.54 18.21 -5.30
CA ALA A 90 18.71 18.68 -4.55
C ALA A 90 19.37 19.84 -5.28
N GLY A 91 18.55 20.67 -5.92
CA GLY A 91 19.08 21.78 -6.71
C GLY A 91 19.08 23.09 -5.95
N SER A 92 18.82 23.02 -4.65
CA SER A 92 18.86 24.21 -3.80
C SER A 92 19.90 24.04 -2.71
N LEU A 93 21.05 23.54 -3.10
CA LEU A 93 22.16 23.33 -2.18
C LEU A 93 23.40 24.04 -2.69
N ILE A 94 23.82 25.07 -1.98
CA ILE A 94 25.00 25.83 -2.35
C ILE A 94 26.21 25.24 -1.62
N THR A 95 26.83 24.24 -2.22
CA THR A 95 27.98 23.59 -1.62
C THR A 95 28.78 22.81 -2.66
N LYS A 96 29.70 23.52 -3.32
CA LYS A 96 30.53 22.94 -4.37
C LYS A 96 31.56 23.96 -4.85
N SER A 97 31.09 25.18 -5.05
CA SER A 97 31.96 26.26 -5.50
C SER A 97 32.67 26.92 -4.32
N ASN A 98 33.33 26.09 -3.51
CA ASN A 98 34.06 26.57 -2.34
C ASN A 98 35.50 26.88 -2.71
N LEU A 99 35.86 26.55 -3.95
CA LEU A 99 37.19 26.80 -4.46
C LEU A 99 37.11 27.45 -5.84
N GLY B 1 -14.44 -32.20 -9.70
CA GLY B 1 -14.62 -32.08 -11.17
C GLY B 1 -13.67 -31.07 -11.77
N ALA B 2 -14.20 -30.18 -12.59
CA ALA B 2 -13.39 -29.16 -13.24
C ALA B 2 -14.14 -27.84 -13.32
N MET B 3 -15.03 -27.62 -12.35
CA MET B 3 -15.83 -26.39 -12.31
C MET B 3 -14.94 -25.18 -12.08
N SER B 4 -14.65 -24.47 -13.17
CA SER B 4 -13.80 -23.30 -13.09
C SER B 4 -14.63 -22.05 -12.86
N GLY B 5 -14.94 -21.80 -11.60
CA GLY B 5 -15.64 -20.58 -11.24
C GLY B 5 -14.68 -19.57 -10.65
N SER B 6 -14.03 -18.81 -11.54
CA SER B 6 -12.97 -17.87 -11.16
C SER B 6 -11.75 -18.63 -10.62
N PRO B 7 -10.55 -18.05 -10.80
CA PRO B 7 -9.31 -18.71 -10.37
C PRO B 7 -9.17 -18.74 -8.83
N PRO B 8 -8.27 -19.61 -8.30
CA PRO B 8 -8.14 -19.87 -6.85
C PRO B 8 -7.73 -18.66 -5.98
N LEU B 9 -8.12 -18.71 -4.71
CA LEU B 9 -7.70 -17.72 -3.71
C LEU B 9 -6.37 -18.16 -3.07
N PRO B 10 -5.44 -17.23 -2.88
CA PRO B 10 -4.08 -17.52 -2.39
C PRO B 10 -4.00 -17.84 -0.90
N PRO B 11 -3.05 -18.72 -0.52
CA PRO B 11 -2.68 -18.93 0.89
C PRO B 11 -1.88 -17.75 1.45
N GLY B 12 -1.85 -17.60 2.77
CA GLY B 12 -1.12 -16.50 3.37
C GLY B 12 -1.96 -15.25 3.46
N ALA B 13 -3.03 -15.33 4.25
CA ALA B 13 -3.99 -14.24 4.42
C ALA B 13 -3.30 -12.91 4.71
N PRO B 14 -3.80 -11.83 4.12
CA PRO B 14 -3.22 -10.51 4.28
C PRO B 14 -3.46 -10.01 5.70
N PRO B 15 -2.37 -9.57 6.40
CA PRO B 15 -2.33 -9.31 7.84
C PRO B 15 -3.70 -9.09 8.49
N PRO B 16 -4.36 -10.20 8.89
CA PRO B 16 -5.71 -10.17 9.47
C PRO B 16 -5.84 -9.28 10.71
N PRO B 17 -4.99 -9.43 11.74
CA PRO B 17 -5.09 -8.62 12.95
C PRO B 17 -4.40 -7.27 12.77
N PRO B 18 -5.09 -6.15 13.05
CA PRO B 18 -4.47 -4.83 12.93
C PRO B 18 -3.35 -4.67 13.96
N PRO B 19 -2.14 -4.30 13.51
CA PRO B 19 -0.99 -4.21 14.40
C PRO B 19 -1.23 -3.19 15.52
N PRO B 20 -0.78 -3.50 16.75
CA PRO B 20 -1.18 -2.79 17.98
C PRO B 20 -0.88 -1.29 17.97
N PRO B 21 -1.86 -0.41 18.27
CA PRO B 21 -1.56 0.96 18.61
C PRO B 21 -1.10 1.08 20.07
N PRO B 22 -0.20 2.02 20.38
CA PRO B 22 0.29 2.21 21.75
C PRO B 22 -0.83 2.54 22.74
N SER B 23 -0.92 1.75 23.80
CA SER B 23 -1.94 1.96 24.83
C SER B 23 -1.53 3.09 25.76
N GLY B 24 -2.01 4.29 25.46
CA GLY B 24 -1.67 5.45 26.27
C GLY B 24 -2.66 5.66 27.41
N SER B 25 -2.25 6.46 28.39
CA SER B 25 -3.09 6.72 29.53
C SER B 25 -2.77 8.10 30.09
N GLY B 26 -3.66 9.05 29.87
CA GLY B 26 -3.47 10.40 30.35
C GLY B 26 -3.74 10.51 31.84
N ASN B 27 -4.98 10.35 32.23
CA ASN B 27 -5.38 10.40 33.62
C ASN B 27 -6.21 9.19 33.97
N GLY A 1 -12.10 -2.31 -18.17
CA GLY A 1 -10.90 -3.07 -18.58
C GLY A 1 -9.79 -2.14 -19.06
N ALA A 2 -8.60 -2.69 -19.28
CA ALA A 2 -7.49 -1.90 -19.79
C ALA A 2 -7.35 -2.09 -21.29
N MET A 3 -7.92 -3.18 -21.80
CA MET A 3 -7.95 -3.49 -23.23
C MET A 3 -6.54 -3.64 -23.80
N GLY A 4 -5.57 -3.98 -22.95
CA GLY A 4 -4.20 -4.13 -23.41
C GLY A 4 -3.22 -4.24 -22.26
N ALA A 5 -3.42 -5.23 -21.40
CA ALA A 5 -2.54 -5.43 -20.26
C ALA A 5 -1.20 -5.98 -20.70
N LYS A 6 -0.13 -5.32 -20.27
CA LYS A 6 1.22 -5.74 -20.62
C LYS A 6 1.85 -6.49 -19.45
N SER A 7 1.08 -7.40 -18.89
CA SER A 7 1.49 -8.19 -17.75
C SER A 7 0.76 -9.53 -17.79
N MET A 8 1.20 -10.47 -16.97
CA MET A 8 0.52 -11.75 -16.86
C MET A 8 -0.23 -11.83 -15.54
N TRP A 9 -0.31 -10.70 -14.87
CA TRP A 9 -1.07 -10.55 -13.65
C TRP A 9 -2.42 -9.91 -13.96
N THR A 10 -3.50 -10.56 -13.56
CA THR A 10 -4.84 -10.01 -13.77
C THR A 10 -5.55 -9.75 -12.43
N GLU A 11 -6.63 -8.97 -12.45
CA GLU A 11 -7.32 -8.57 -11.21
C GLU A 11 -8.68 -9.28 -11.09
N HIS A 12 -8.97 -9.85 -9.90
CA HIS A 12 -10.26 -10.51 -9.66
C HIS A 12 -10.75 -10.23 -8.22
N LYS A 13 -12.07 -10.31 -8.00
CA LYS A 13 -12.66 -10.04 -6.69
C LYS A 13 -13.22 -11.34 -6.07
N SER A 14 -13.06 -11.52 -4.76
CA SER A 14 -13.64 -12.65 -4.02
C SER A 14 -15.06 -12.27 -3.55
N PRO A 15 -15.95 -13.24 -3.17
CA PRO A 15 -17.30 -12.91 -2.65
C PRO A 15 -17.28 -11.98 -1.42
N ASP A 16 -16.10 -11.66 -0.92
CA ASP A 16 -15.97 -10.86 0.30
C ASP A 16 -15.54 -9.42 -0.02
N GLY A 17 -15.41 -9.10 -1.33
CA GLY A 17 -15.06 -7.74 -1.73
C GLY A 17 -13.56 -7.55 -1.87
N ARG A 18 -12.81 -8.55 -1.45
CA ARG A 18 -11.36 -8.54 -1.50
C ARG A 18 -10.87 -8.80 -2.93
N THR A 19 -9.63 -8.45 -3.19
CA THR A 19 -9.05 -8.55 -4.51
C THR A 19 -7.85 -9.49 -4.49
N TYR A 20 -7.74 -10.39 -5.45
CA TYR A 20 -6.59 -11.29 -5.52
C TYR A 20 -6.04 -11.30 -6.94
N TYR A 21 -4.72 -11.21 -7.05
CA TYR A 21 -4.09 -11.08 -8.36
C TYR A 21 -3.51 -12.44 -8.79
N TYR A 22 -3.81 -12.84 -10.03
CA TYR A 22 -3.42 -14.16 -10.55
C TYR A 22 -2.36 -14.00 -11.63
N ASN A 23 -1.33 -14.85 -11.60
CA ASN A 23 -0.31 -14.81 -12.65
C ASN A 23 -0.63 -15.89 -13.67
N THR A 24 -0.96 -15.47 -14.86
CA THR A 24 -1.51 -16.34 -15.88
C THR A 24 -0.47 -17.24 -16.53
N GLU A 25 0.80 -17.08 -16.18
CA GLU A 25 1.82 -17.92 -16.80
C GLU A 25 2.33 -18.96 -15.80
N THR A 26 2.57 -18.54 -14.57
CA THR A 26 3.09 -19.42 -13.54
C THR A 26 1.97 -20.18 -12.86
N LYS A 27 0.78 -19.59 -12.95
CA LYS A 27 -0.44 -20.13 -12.36
C LYS A 27 -0.47 -19.90 -10.84
N GLN A 28 0.31 -18.92 -10.37
CA GLN A 28 0.42 -18.65 -8.93
C GLN A 28 -0.45 -17.43 -8.52
N SER A 29 -1.08 -17.50 -7.36
CA SER A 29 -1.90 -16.38 -6.84
C SER A 29 -1.21 -15.67 -5.66
N THR A 30 -1.60 -14.41 -5.42
CA THR A 30 -1.06 -13.62 -4.30
C THR A 30 -2.10 -12.61 -3.77
N TRP A 31 -1.88 -12.09 -2.55
CA TRP A 31 -2.73 -11.02 -1.98
C TRP A 31 -1.99 -9.69 -2.14
N GLU A 32 -0.70 -9.76 -2.49
CA GLU A 32 0.16 -8.58 -2.62
C GLU A 32 0.17 -8.11 -4.06
N LYS A 33 0.06 -6.79 -4.24
CA LYS A 33 0.04 -6.21 -5.56
C LYS A 33 1.44 -6.21 -6.17
N PRO A 34 1.64 -6.93 -7.29
CA PRO A 34 2.95 -6.95 -7.97
C PRO A 34 3.32 -5.57 -8.53
N ASP A 35 4.61 -5.24 -8.46
CA ASP A 35 5.12 -3.91 -8.82
C ASP A 35 4.75 -3.48 -10.23
N ASP A 36 4.44 -4.44 -11.09
CA ASP A 36 4.08 -4.16 -12.48
C ASP A 36 2.63 -3.69 -12.62
N LEU A 37 1.82 -3.92 -11.59
CA LEU A 37 0.43 -3.47 -11.61
C LEU A 37 0.28 -2.20 -10.79
N LYS A 38 1.26 -1.91 -9.95
CA LYS A 38 1.20 -0.76 -9.07
C LYS A 38 1.18 0.53 -9.86
N THR A 39 0.16 1.33 -9.59
CA THR A 39 0.03 2.64 -10.19
C THR A 39 1.16 3.56 -9.68
N PRO A 40 1.61 4.59 -10.45
CA PRO A 40 2.74 5.44 -10.02
C PRO A 40 2.60 5.90 -8.57
N ALA A 41 1.37 6.24 -8.18
CA ALA A 41 1.08 6.68 -6.83
C ALA A 41 1.46 5.59 -5.82
N GLU A 42 0.98 4.39 -6.08
CA GLU A 42 1.32 3.23 -5.26
C GLU A 42 2.82 3.00 -5.20
N GLN A 43 3.50 3.16 -6.34
CA GLN A 43 4.97 3.03 -6.38
C GLN A 43 5.63 4.05 -5.46
N LEU A 44 5.10 5.26 -5.47
CA LEU A 44 5.58 6.32 -4.60
C LEU A 44 5.34 5.97 -3.14
N LEU A 45 4.12 5.53 -2.84
CA LEU A 45 3.72 5.19 -1.48
C LEU A 45 4.48 3.97 -0.97
N SER A 46 4.77 3.05 -1.87
CA SER A 46 5.40 1.78 -1.52
C SER A 46 6.76 1.96 -0.86
N LYS A 47 7.48 3.04 -1.15
CA LYS A 47 8.81 3.22 -0.56
C LYS A 47 8.70 3.76 0.87
N CYS A 48 7.50 4.19 1.26
CA CYS A 48 7.31 4.74 2.60
C CYS A 48 7.12 3.61 3.61
N PRO A 49 8.04 3.49 4.58
CA PRO A 49 7.96 2.44 5.61
C PRO A 49 6.82 2.71 6.59
N TRP A 50 6.38 3.96 6.64
CA TRP A 50 5.23 4.35 7.44
C TRP A 50 3.97 4.30 6.58
N LYS A 51 2.95 3.53 6.97
CA LYS A 51 1.73 3.43 6.14
C LYS A 51 0.44 3.70 6.95
N GLU A 52 -0.47 4.44 6.32
CA GLU A 52 -1.76 4.84 6.92
C GLU A 52 -2.82 3.72 6.95
N TYR A 53 -3.30 3.41 8.16
CA TYR A 53 -4.57 2.68 8.31
C TYR A 53 -5.42 3.31 9.42
N LYS A 54 -6.73 3.11 9.36
CA LYS A 54 -7.66 3.75 10.32
C LYS A 54 -8.17 2.74 11.37
N SER A 55 -8.47 3.26 12.57
CA SER A 55 -8.97 2.45 13.70
C SER A 55 -10.46 2.11 13.56
N ASP A 56 -11.10 1.63 14.64
CA ASP A 56 -12.51 1.23 14.55
C ASP A 56 -13.41 2.46 14.48
N SER A 57 -13.01 3.54 15.15
CA SER A 57 -13.78 4.77 15.11
C SER A 57 -13.25 5.76 14.08
N GLY A 58 -12.18 5.40 13.40
CA GLY A 58 -11.68 6.23 12.32
C GLY A 58 -10.49 7.09 12.73
N LYS A 59 -10.01 6.90 13.95
CA LYS A 59 -8.83 7.59 14.43
C LYS A 59 -7.57 6.91 13.86
N PRO A 60 -6.78 7.62 13.04
CA PRO A 60 -5.64 7.02 12.31
C PRO A 60 -4.45 6.57 13.19
N TYR A 61 -3.76 5.51 12.72
CA TYR A 61 -2.47 5.08 13.29
C TYR A 61 -1.49 4.82 12.15
N TYR A 62 -0.20 5.02 12.38
CA TYR A 62 0.77 4.90 11.30
C TYR A 62 1.86 3.88 11.71
N TYR A 63 2.08 2.83 10.89
CA TYR A 63 3.01 1.73 11.26
C TYR A 63 4.30 1.76 10.42
N ASN A 64 5.42 1.39 11.05
CA ASN A 64 6.73 1.38 10.37
C ASN A 64 7.18 -0.06 10.16
N SER A 65 7.59 -0.37 8.93
CA SER A 65 7.99 -1.71 8.58
C SER A 65 9.43 -2.06 9.01
N GLN A 66 10.30 -1.05 9.17
CA GLN A 66 11.70 -1.32 9.49
C GLN A 66 11.88 -1.52 10.99
N THR A 67 11.24 -0.67 11.75
CA THR A 67 11.41 -0.66 13.20
C THR A 67 10.26 -1.39 13.89
N LYS A 68 9.17 -1.54 13.14
CA LYS A 68 7.97 -2.25 13.60
C LYS A 68 7.23 -1.46 14.68
N GLU A 69 7.42 -0.13 14.73
CA GLU A 69 6.80 0.71 15.75
C GLU A 69 5.47 1.31 15.24
N SER A 70 4.57 1.62 16.17
CA SER A 70 3.29 2.24 15.87
C SER A 70 3.17 3.61 16.58
N ARG A 71 2.74 4.65 15.86
CA ARG A 71 2.55 5.99 16.48
C ARG A 71 1.15 6.53 16.19
N TRP A 72 0.68 7.44 17.06
CA TRP A 72 -0.60 8.11 16.86
C TRP A 72 -0.43 9.31 15.91
N ALA A 73 0.66 10.07 16.05
CA ALA A 73 0.93 11.24 15.21
C ALA A 73 1.70 10.90 13.94
N LYS A 74 1.33 11.56 12.85
CA LYS A 74 2.05 11.46 11.58
C LYS A 74 3.49 11.98 11.70
N PRO A 75 4.51 11.16 11.39
CA PRO A 75 5.88 11.67 11.24
C PRO A 75 6.04 12.48 9.94
N LYS A 76 6.99 13.42 9.97
CA LYS A 76 7.25 14.35 8.86
C LYS A 76 7.60 13.60 7.57
N GLU A 77 8.21 12.44 7.73
CA GLU A 77 8.58 11.61 6.60
C GLU A 77 7.38 11.31 5.72
N LEU A 78 6.26 10.98 6.35
CA LEU A 78 5.06 10.60 5.62
C LEU A 78 4.38 11.84 5.08
N GLU A 79 4.60 12.95 5.74
CA GLU A 79 3.99 14.20 5.35
C GLU A 79 4.61 14.66 4.03
N ASP A 80 5.93 14.53 3.96
CA ASP A 80 6.65 14.79 2.72
C ASP A 80 6.18 13.87 1.60
N LEU A 81 5.83 12.63 1.95
CA LEU A 81 5.33 11.68 0.99
C LEU A 81 4.01 12.19 0.42
N GLU A 82 3.19 12.78 1.28
CA GLU A 82 1.90 13.35 0.88
C GLU A 82 2.10 14.60 0.05
N GLY A 83 3.29 15.19 0.19
CA GLY A 83 3.63 16.43 -0.51
C GLY A 83 3.62 16.31 -2.02
N TYR A 84 3.46 15.09 -2.51
CA TYR A 84 3.26 14.87 -3.93
C TYR A 84 1.84 15.30 -4.30
N GLN A 85 1.66 16.62 -4.47
CA GLN A 85 0.38 17.24 -4.81
C GLN A 85 -0.78 16.61 -4.05
N ASN A 86 -0.81 16.83 -2.73
CA ASN A 86 -1.92 16.35 -1.90
C ASN A 86 -3.24 16.91 -2.43
N THR A 87 -3.19 18.08 -3.03
CA THR A 87 -4.33 18.64 -3.72
C THR A 87 -4.35 18.12 -5.16
N ILE A 88 -4.71 16.86 -5.32
CA ILE A 88 -4.81 16.25 -6.63
C ILE A 88 -5.77 17.02 -7.51
N VAL A 89 -6.88 17.43 -6.91
CA VAL A 89 -7.85 18.27 -7.58
C VAL A 89 -7.23 19.63 -7.93
N ALA A 90 -7.43 20.07 -9.17
CA ALA A 90 -6.94 21.37 -9.62
C ALA A 90 -7.66 22.53 -8.93
N GLY A 91 -7.46 22.66 -7.63
CA GLY A 91 -8.07 23.74 -6.87
C GLY A 91 -7.11 24.34 -5.87
N SER A 92 -5.82 24.29 -6.19
CA SER A 92 -4.79 24.81 -5.30
C SER A 92 -3.67 25.41 -6.12
N LEU A 93 -4.05 26.19 -7.12
CA LEU A 93 -3.10 26.82 -8.02
C LEU A 93 -2.37 27.95 -7.31
N ILE A 94 -1.06 27.99 -7.48
CA ILE A 94 -0.25 29.07 -6.91
C ILE A 94 -0.64 30.41 -7.57
N THR A 95 -1.05 31.37 -6.75
CA THR A 95 -1.46 32.67 -7.25
C THR A 95 -0.25 33.58 -7.42
N LYS A 96 0.72 33.10 -8.18
CA LYS A 96 1.94 33.85 -8.48
C LYS A 96 2.77 33.06 -9.49
N SER A 97 2.56 33.34 -10.76
CA SER A 97 3.25 32.64 -11.81
C SER A 97 4.58 33.33 -12.13
N ASN A 98 5.63 32.53 -12.30
CA ASN A 98 6.96 33.08 -12.59
C ASN A 98 7.15 33.20 -14.09
N LEU A 99 6.64 34.28 -14.66
CA LEU A 99 6.77 34.53 -16.09
C LEU A 99 6.65 36.00 -16.38
N GLY B 1 -11.97 -10.77 -16.65
CA GLY B 1 -12.92 -11.35 -15.68
C GLY B 1 -12.83 -12.86 -15.64
N ALA B 2 -13.95 -13.51 -15.34
CA ALA B 2 -13.99 -14.96 -15.27
C ALA B 2 -15.36 -15.48 -15.71
N MET B 3 -15.40 -16.07 -16.90
CA MET B 3 -16.65 -16.60 -17.43
C MET B 3 -16.67 -18.12 -17.35
N SER B 4 -15.49 -18.72 -17.39
CA SER B 4 -15.37 -20.17 -17.28
C SER B 4 -14.94 -20.55 -15.86
N GLY B 5 -15.56 -19.93 -14.87
CA GLY B 5 -15.17 -20.15 -13.50
C GLY B 5 -14.06 -19.22 -13.07
N SER B 6 -14.01 -18.90 -11.78
CA SER B 6 -12.99 -18.00 -11.27
C SER B 6 -11.77 -18.78 -10.80
N PRO B 7 -10.57 -18.19 -10.91
CA PRO B 7 -9.32 -18.84 -10.49
C PRO B 7 -9.17 -18.86 -8.96
N PRO B 8 -8.26 -19.71 -8.42
CA PRO B 8 -8.10 -19.98 -6.98
C PRO B 8 -7.72 -18.76 -6.11
N LEU B 9 -8.09 -18.83 -4.84
CA LEU B 9 -7.69 -17.84 -3.84
C LEU B 9 -6.36 -18.26 -3.20
N PRO B 10 -5.44 -17.30 -2.99
CA PRO B 10 -4.07 -17.57 -2.48
C PRO B 10 -4.02 -17.89 -0.98
N PRO B 11 -3.02 -18.68 -0.57
CA PRO B 11 -2.70 -18.90 0.85
C PRO B 11 -2.04 -17.67 1.49
N GLY B 12 -2.11 -17.57 2.82
CA GLY B 12 -1.44 -16.47 3.52
C GLY B 12 -2.27 -15.21 3.55
N ALA B 13 -3.29 -15.19 4.40
CA ALA B 13 -4.21 -14.06 4.54
C ALA B 13 -3.46 -12.73 4.62
N PRO B 14 -4.02 -11.67 4.00
CA PRO B 14 -3.35 -10.38 3.93
C PRO B 14 -3.36 -9.67 5.29
N PRO B 15 -2.60 -8.56 5.44
CA PRO B 15 -2.40 -7.83 6.69
C PRO B 15 -3.44 -8.14 7.77
N PRO B 16 -2.99 -8.82 8.84
CA PRO B 16 -3.87 -9.31 9.91
C PRO B 16 -4.53 -8.18 10.70
N PRO B 17 -5.36 -8.51 11.71
CA PRO B 17 -5.94 -7.51 12.63
C PRO B 17 -4.96 -6.40 12.98
N PRO B 18 -5.46 -5.16 13.20
CA PRO B 18 -4.62 -3.97 13.34
C PRO B 18 -3.49 -4.16 14.34
N PRO B 19 -2.24 -3.91 13.91
CA PRO B 19 -1.07 -4.02 14.79
C PRO B 19 -1.18 -3.01 15.93
N PRO B 20 -0.63 -3.35 17.11
CA PRO B 20 -0.93 -2.64 18.37
C PRO B 20 -0.67 -1.15 18.32
N PRO B 21 -1.69 -0.30 18.57
CA PRO B 21 -1.47 1.11 18.86
C PRO B 21 -1.10 1.30 20.34
N PRO B 22 -0.19 2.23 20.66
CA PRO B 22 0.16 2.51 22.05
C PRO B 22 -1.05 2.91 22.88
N SER B 23 -1.25 2.20 23.99
CA SER B 23 -2.39 2.47 24.87
C SER B 23 -2.27 3.87 25.48
N GLY B 24 -3.16 4.76 25.10
CA GLY B 24 -3.13 6.12 25.60
C GLY B 24 -3.22 7.13 24.49
N SER B 25 -2.52 8.24 24.65
CA SER B 25 -2.53 9.30 23.65
C SER B 25 -1.11 9.65 23.23
N GLY B 26 -0.90 9.85 21.94
CA GLY B 26 0.41 10.15 21.42
C GLY B 26 1.34 8.95 21.45
N ASN B 27 1.94 8.71 22.61
CA ASN B 27 2.84 7.58 22.80
C ASN B 27 3.14 7.40 24.28
N GLY A 1 -8.44 -13.69 -23.88
CA GLY A 1 -8.62 -13.01 -22.57
C GLY A 1 -7.56 -11.95 -22.33
N ALA A 2 -7.48 -10.97 -23.23
CA ALA A 2 -6.54 -9.88 -23.11
C ALA A 2 -7.06 -8.66 -23.85
N MET A 3 -7.18 -7.55 -23.13
CA MET A 3 -7.66 -6.31 -23.73
C MET A 3 -6.49 -5.47 -24.21
N GLY A 4 -5.30 -5.77 -23.69
CA GLY A 4 -4.11 -5.04 -24.08
C GLY A 4 -2.94 -5.33 -23.16
N ALA A 5 -3.19 -5.25 -21.86
CA ALA A 5 -2.16 -5.51 -20.86
C ALA A 5 -1.84 -7.00 -20.83
N LYS A 6 -0.55 -7.34 -20.86
CA LYS A 6 -0.11 -8.72 -20.87
C LYS A 6 0.93 -8.95 -19.77
N SER A 7 0.82 -8.16 -18.72
CA SER A 7 1.76 -8.22 -17.60
C SER A 7 1.70 -9.54 -16.80
N MET A 8 0.83 -10.48 -17.22
CA MET A 8 0.72 -11.82 -16.65
C MET A 8 -0.03 -11.81 -15.32
N TRP A 9 -0.19 -10.64 -14.74
CA TRP A 9 -0.95 -10.48 -13.53
C TRP A 9 -2.30 -9.83 -13.83
N THR A 10 -3.39 -10.51 -13.45
CA THR A 10 -4.73 -9.97 -13.65
C THR A 10 -5.42 -9.73 -12.30
N GLU A 11 -6.52 -8.96 -12.28
CA GLU A 11 -7.17 -8.55 -11.02
C GLU A 11 -8.55 -9.23 -10.86
N HIS A 12 -8.84 -9.76 -9.65
CA HIS A 12 -10.14 -10.38 -9.37
C HIS A 12 -10.57 -10.11 -7.92
N LYS A 13 -11.89 -10.17 -7.65
CA LYS A 13 -12.43 -9.91 -6.31
C LYS A 13 -12.97 -11.22 -5.67
N SER A 14 -12.79 -11.37 -4.36
CA SER A 14 -13.36 -12.49 -3.60
C SER A 14 -14.73 -12.06 -3.01
N PRO A 15 -15.64 -13.02 -2.63
CA PRO A 15 -16.99 -12.66 -2.11
C PRO A 15 -16.99 -11.73 -0.90
N ASP A 16 -15.82 -11.40 -0.37
CA ASP A 16 -15.72 -10.59 0.84
C ASP A 16 -15.27 -9.16 0.52
N GLY A 17 -15.06 -8.87 -0.77
CA GLY A 17 -14.67 -7.52 -1.18
C GLY A 17 -13.17 -7.38 -1.32
N ARG A 18 -12.44 -8.45 -1.00
CA ARG A 18 -10.99 -8.46 -1.12
C ARG A 18 -10.58 -8.68 -2.57
N THR A 19 -9.33 -8.35 -2.87
CA THR A 19 -8.79 -8.45 -4.23
C THR A 19 -7.61 -9.43 -4.22
N TYR A 20 -7.51 -10.29 -5.24
CA TYR A 20 -6.37 -11.19 -5.34
C TYR A 20 -5.85 -11.20 -6.77
N TYR A 21 -4.54 -11.15 -6.93
CA TYR A 21 -3.94 -11.04 -8.24
C TYR A 21 -3.40 -12.40 -8.70
N TYR A 22 -3.70 -12.79 -9.94
CA TYR A 22 -3.34 -14.10 -10.48
C TYR A 22 -2.27 -13.96 -11.57
N ASN A 23 -1.26 -14.83 -11.54
CA ASN A 23 -0.22 -14.81 -12.57
C ASN A 23 -0.55 -15.87 -13.60
N THR A 24 -0.82 -15.42 -14.82
CA THR A 24 -1.35 -16.26 -15.86
C THR A 24 -0.32 -17.20 -16.49
N GLU A 25 0.95 -17.11 -16.10
CA GLU A 25 1.92 -18.02 -16.66
C GLU A 25 2.33 -19.08 -15.62
N THR A 26 2.59 -18.64 -14.39
CA THR A 26 3.07 -19.52 -13.34
C THR A 26 1.90 -20.19 -12.63
N LYS A 27 0.73 -19.63 -12.87
CA LYS A 27 -0.52 -20.16 -12.37
C LYS A 27 -0.62 -19.95 -10.87
N GLN A 28 0.15 -18.99 -10.35
CA GLN A 28 0.25 -18.73 -8.91
C GLN A 28 -0.54 -17.48 -8.50
N SER A 29 -1.14 -17.50 -7.31
CA SER A 29 -1.90 -16.36 -6.78
C SER A 29 -1.17 -15.67 -5.61
N THR A 30 -1.50 -14.40 -5.35
CA THR A 30 -0.92 -13.64 -4.23
C THR A 30 -1.91 -12.59 -3.69
N TRP A 31 -1.65 -12.08 -2.47
CA TRP A 31 -2.45 -11.00 -1.86
C TRP A 31 -1.72 -9.67 -2.02
N GLU A 32 -0.46 -9.73 -2.47
CA GLU A 32 0.37 -8.53 -2.64
C GLU A 32 0.27 -8.02 -4.06
N LYS A 33 0.35 -6.73 -4.22
CA LYS A 33 0.29 -6.13 -5.55
C LYS A 33 1.68 -6.12 -6.18
N PRO A 34 1.87 -6.85 -7.29
CA PRO A 34 3.17 -6.88 -7.99
C PRO A 34 3.53 -5.51 -8.59
N ASP A 35 4.83 -5.19 -8.59
CA ASP A 35 5.35 -3.88 -9.00
C ASP A 35 4.94 -3.47 -10.41
N ASP A 36 4.56 -4.43 -11.24
CA ASP A 36 4.17 -4.15 -12.62
C ASP A 36 2.73 -3.60 -12.70
N LEU A 37 1.93 -3.85 -11.66
CA LEU A 37 0.54 -3.40 -11.64
C LEU A 37 0.39 -2.12 -10.83
N LYS A 38 1.41 -1.80 -10.05
CA LYS A 38 1.36 -0.64 -9.18
C LYS A 38 1.32 0.67 -9.96
N THR A 39 0.31 1.47 -9.66
CA THR A 39 0.17 2.80 -10.23
C THR A 39 1.29 3.72 -9.67
N PRO A 40 1.72 4.81 -10.38
CA PRO A 40 2.82 5.67 -9.90
C PRO A 40 2.66 6.06 -8.43
N ALA A 41 1.42 6.36 -8.05
CA ALA A 41 1.10 6.73 -6.69
C ALA A 41 1.48 5.62 -5.72
N GLU A 42 1.04 4.42 -6.02
CA GLU A 42 1.39 3.23 -5.27
C GLU A 42 2.91 3.04 -5.22
N GLN A 43 3.58 3.25 -6.35
CA GLN A 43 5.05 3.15 -6.38
C GLN A 43 5.69 4.16 -5.44
N LEU A 44 5.09 5.34 -5.37
CA LEU A 44 5.54 6.36 -4.44
C LEU A 44 5.30 5.92 -3.00
N LEU A 45 4.08 5.46 -2.73
CA LEU A 45 3.68 5.03 -1.40
C LEU A 45 4.48 3.81 -0.94
N SER A 46 4.80 2.94 -1.87
CA SER A 46 5.47 1.68 -1.57
C SER A 46 6.86 1.88 -0.98
N LYS A 47 7.54 2.99 -1.25
CA LYS A 47 8.85 3.21 -0.67
C LYS A 47 8.73 3.73 0.78
N CYS A 48 7.53 4.16 1.16
CA CYS A 48 7.31 4.70 2.49
C CYS A 48 7.03 3.55 3.48
N PRO A 49 7.92 3.37 4.47
CA PRO A 49 7.75 2.31 5.47
C PRO A 49 6.60 2.61 6.44
N TRP A 50 6.19 3.87 6.49
CA TRP A 50 5.05 4.29 7.29
C TRP A 50 3.77 4.30 6.43
N LYS A 51 2.73 3.57 6.83
CA LYS A 51 1.48 3.53 6.03
C LYS A 51 0.23 3.81 6.88
N GLU A 52 -0.69 4.60 6.30
CA GLU A 52 -1.95 5.00 6.95
C GLU A 52 -3.04 3.93 6.95
N TYR A 53 -3.51 3.56 8.16
CA TYR A 53 -4.78 2.85 8.32
C TYR A 53 -5.59 3.49 9.44
N LYS A 54 -6.93 3.36 9.36
CA LYS A 54 -7.82 4.03 10.30
C LYS A 54 -8.39 3.04 11.34
N SER A 55 -8.65 3.57 12.55
CA SER A 55 -9.20 2.80 13.67
C SER A 55 -10.72 2.58 13.54
N ASP A 56 -11.38 2.15 14.63
CA ASP A 56 -12.82 1.85 14.58
C ASP A 56 -13.63 3.13 14.54
N SER A 57 -13.15 4.18 15.21
CA SER A 57 -13.85 5.47 15.19
C SER A 57 -13.23 6.45 14.22
N GLY A 58 -12.20 6.02 13.49
CA GLY A 58 -11.67 6.85 12.42
C GLY A 58 -10.42 7.62 12.83
N LYS A 59 -9.94 7.37 14.04
CA LYS A 59 -8.71 7.99 14.52
C LYS A 59 -7.50 7.24 13.91
N PRO A 60 -6.67 7.91 13.09
CA PRO A 60 -5.60 7.23 12.33
C PRO A 60 -4.42 6.70 13.19
N TYR A 61 -3.81 5.60 12.72
CA TYR A 61 -2.55 5.08 13.28
C TYR A 61 -1.60 4.79 12.13
N TYR A 62 -0.29 4.93 12.33
CA TYR A 62 0.65 4.80 11.24
C TYR A 62 1.72 3.74 11.60
N TYR A 63 1.90 2.71 10.75
CA TYR A 63 2.79 1.57 11.07
C TYR A 63 4.06 1.60 10.21
N ASN A 64 5.19 1.16 10.81
CA ASN A 64 6.49 1.14 10.11
C ASN A 64 6.89 -0.31 9.85
N SER A 65 7.28 -0.59 8.62
CA SER A 65 7.66 -1.92 8.21
C SER A 65 9.05 -2.33 8.73
N GLN A 66 9.99 -1.39 8.78
CA GLN A 66 11.37 -1.71 9.11
C GLN A 66 11.51 -1.93 10.61
N THR A 67 10.99 -0.99 11.37
CA THR A 67 11.17 -0.98 12.80
C THR A 67 10.02 -1.68 13.50
N LYS A 68 8.95 -1.88 12.74
CA LYS A 68 7.76 -2.58 13.18
C LYS A 68 7.03 -1.81 14.29
N GLU A 69 7.28 -0.50 14.38
CA GLU A 69 6.70 0.32 15.45
C GLU A 69 5.39 0.98 14.98
N SER A 70 4.51 1.27 15.95
CA SER A 70 3.24 1.93 15.71
C SER A 70 3.21 3.29 16.44
N ARG A 71 2.74 4.36 15.78
CA ARG A 71 2.60 5.68 16.43
C ARG A 71 1.20 6.26 16.20
N TRP A 72 0.79 7.15 17.10
CA TRP A 72 -0.49 7.86 16.94
C TRP A 72 -0.32 9.08 16.02
N ALA A 73 0.78 9.83 16.17
CA ALA A 73 1.03 11.02 15.36
C ALA A 73 1.78 10.71 14.06
N LYS A 74 1.42 11.43 12.98
CA LYS A 74 2.11 11.33 11.70
C LYS A 74 3.57 11.81 11.80
N PRO A 75 4.56 10.96 11.45
CA PRO A 75 5.94 11.44 11.27
C PRO A 75 6.09 12.24 9.97
N LYS A 76 7.03 13.19 9.98
CA LYS A 76 7.23 14.13 8.87
C LYS A 76 7.51 13.42 7.54
N GLU A 77 8.15 12.26 7.63
CA GLU A 77 8.47 11.47 6.44
C GLU A 77 7.22 11.21 5.61
N LEU A 78 6.13 10.90 6.28
CA LEU A 78 4.90 10.55 5.59
C LEU A 78 4.21 11.81 5.11
N GLU A 79 4.48 12.90 5.79
CA GLU A 79 3.89 14.17 5.44
C GLU A 79 4.49 14.67 4.15
N ASP A 80 5.80 14.51 4.03
CA ASP A 80 6.51 14.81 2.79
C ASP A 80 5.93 14.00 1.64
N LEU A 81 5.57 12.76 1.94
CA LEU A 81 4.94 11.88 0.97
C LEU A 81 3.63 12.47 0.46
N GLU A 82 2.84 13.02 1.38
CA GLU A 82 1.54 13.58 1.04
C GLU A 82 1.68 14.74 0.06
N GLY A 83 2.84 15.39 0.09
CA GLY A 83 3.11 16.48 -0.81
C GLY A 83 3.79 16.01 -2.08
N TYR A 84 3.55 14.76 -2.44
CA TYR A 84 4.06 14.15 -3.68
C TYR A 84 5.59 14.05 -3.64
N GLN A 85 6.12 13.94 -2.41
CA GLN A 85 7.57 13.83 -2.17
C GLN A 85 8.31 15.07 -2.71
N ASN A 86 7.57 16.15 -2.86
CA ASN A 86 8.11 17.43 -3.30
C ASN A 86 8.26 18.36 -2.11
N THR A 87 9.38 18.22 -1.42
CA THR A 87 9.65 19.00 -0.22
C THR A 87 10.18 20.40 -0.54
N ILE A 88 10.68 20.60 -1.76
CA ILE A 88 11.19 21.91 -2.16
C ILE A 88 10.07 22.91 -2.46
N VAL A 89 9.22 23.11 -1.47
CA VAL A 89 8.14 24.09 -1.56
C VAL A 89 8.28 25.12 -0.43
N ALA A 90 7.50 26.19 -0.50
CA ALA A 90 7.51 27.21 0.54
C ALA A 90 6.67 26.80 1.74
N GLY A 91 6.92 25.60 2.23
CA GLY A 91 6.17 25.09 3.36
C GLY A 91 6.95 24.07 4.16
N SER A 92 8.26 23.98 3.91
CA SER A 92 9.09 23.02 4.62
C SER A 92 10.00 23.73 5.62
N LEU A 93 9.64 24.95 5.94
CA LEU A 93 10.40 25.77 6.87
C LEU A 93 9.76 25.70 8.26
N ILE A 94 10.59 25.75 9.29
CA ILE A 94 10.17 25.69 10.70
C ILE A 94 9.01 24.71 10.94
N THR A 95 9.16 23.50 10.39
CA THR A 95 8.18 22.43 10.60
C THR A 95 8.89 21.08 10.52
N LYS A 96 10.09 21.00 11.08
CA LYS A 96 10.91 19.80 10.99
C LYS A 96 12.08 19.87 11.97
N SER A 97 12.51 18.71 12.44
CA SER A 97 13.67 18.64 13.32
C SER A 97 14.94 18.59 12.48
N ASN A 98 15.42 19.77 12.11
CA ASN A 98 16.56 19.89 11.21
C ASN A 98 17.85 20.03 12.01
N LEU A 99 18.90 20.54 11.36
CA LEU A 99 20.20 20.67 12.00
C LEU A 99 20.63 22.13 12.03
N GLY B 1 -14.18 -20.68 -17.12
CA GLY B 1 -13.26 -20.19 -16.07
C GLY B 1 -13.12 -18.67 -16.11
N ALA B 2 -11.99 -18.18 -15.59
CA ALA B 2 -11.68 -16.75 -15.55
C ALA B 2 -12.70 -15.98 -14.71
N MET B 3 -13.82 -15.60 -15.31
CA MET B 3 -14.86 -14.88 -14.58
C MET B 3 -15.79 -15.87 -13.88
N SER B 4 -16.29 -16.84 -14.63
CA SER B 4 -17.16 -17.85 -14.06
C SER B 4 -16.37 -18.78 -13.15
N GLY B 5 -16.77 -18.85 -11.89
CA GLY B 5 -16.08 -19.66 -10.93
C GLY B 5 -14.91 -18.92 -10.31
N SER B 6 -14.18 -18.19 -11.15
CA SER B 6 -13.01 -17.41 -10.74
C SER B 6 -11.83 -18.32 -10.34
N PRO B 7 -10.59 -17.86 -10.58
CA PRO B 7 -9.38 -18.62 -10.26
C PRO B 7 -9.12 -18.70 -8.74
N PRO B 8 -8.22 -19.61 -8.29
CA PRO B 8 -8.00 -19.92 -6.85
C PRO B 8 -7.59 -18.73 -5.97
N LEU B 9 -7.95 -18.81 -4.69
CA LEU B 9 -7.53 -17.84 -3.68
C LEU B 9 -6.19 -18.27 -3.06
N PRO B 10 -5.27 -17.32 -2.85
CA PRO B 10 -3.90 -17.60 -2.36
C PRO B 10 -3.84 -17.89 -0.85
N PRO B 11 -2.86 -18.71 -0.42
CA PRO B 11 -2.54 -18.91 1.00
C PRO B 11 -1.84 -17.68 1.60
N GLY B 12 -1.88 -17.55 2.93
CA GLY B 12 -1.21 -16.42 3.59
C GLY B 12 -2.06 -15.18 3.61
N ALA B 13 -3.19 -15.26 4.32
CA ALA B 13 -4.17 -14.16 4.40
C ALA B 13 -3.50 -12.82 4.72
N PRO B 14 -4.00 -11.73 4.11
CA PRO B 14 -3.45 -10.41 4.33
C PRO B 14 -3.90 -9.86 5.68
N PRO B 15 -2.93 -9.40 6.51
CA PRO B 15 -3.09 -9.09 7.93
C PRO B 15 -4.52 -8.74 8.37
N PRO B 16 -5.31 -9.77 8.75
CA PRO B 16 -6.70 -9.56 9.23
C PRO B 16 -6.80 -8.70 10.51
N PRO B 17 -6.03 -9.00 11.59
CA PRO B 17 -6.03 -8.17 12.79
C PRO B 17 -5.14 -6.94 12.63
N PRO B 18 -5.71 -5.72 12.72
CA PRO B 18 -4.91 -4.48 12.68
C PRO B 18 -3.74 -4.54 13.65
N PRO B 19 -2.52 -4.23 13.18
CA PRO B 19 -1.33 -4.27 14.03
C PRO B 19 -1.45 -3.31 15.21
N PRO B 20 -0.99 -3.72 16.40
CA PRO B 20 -1.33 -3.05 17.67
C PRO B 20 -0.98 -1.56 17.71
N PRO B 21 -1.95 -0.67 18.01
CA PRO B 21 -1.63 0.71 18.37
C PRO B 21 -1.16 0.79 19.82
N PRO B 22 -0.24 1.72 20.14
CA PRO B 22 0.29 1.86 21.50
C PRO B 22 -0.80 2.17 22.51
N SER B 23 -0.72 1.51 23.67
CA SER B 23 -1.67 1.72 24.75
C SER B 23 -1.33 2.99 25.53
N GLY B 24 -1.20 4.09 24.79
CA GLY B 24 -0.89 5.38 25.38
C GLY B 24 -1.41 6.50 24.51
N SER B 25 -1.38 7.72 25.03
CA SER B 25 -1.86 8.88 24.28
C SER B 25 -3.34 8.74 23.94
N GLY B 26 -4.11 8.22 24.90
CA GLY B 26 -5.52 8.02 24.68
C GLY B 26 -6.25 7.76 25.98
N ASN B 27 -6.32 6.49 26.36
CA ASN B 27 -7.01 6.10 27.58
C ASN B 27 -6.01 5.57 28.61
N GLY A 1 -9.62 -9.67 -24.54
CA GLY A 1 -8.45 -10.54 -24.30
C GLY A 1 -7.25 -9.75 -23.84
N ALA A 2 -6.06 -10.23 -24.14
CA ALA A 2 -4.83 -9.53 -23.79
C ALA A 2 -4.32 -8.71 -24.97
N MET A 3 -5.12 -7.76 -25.42
CA MET A 3 -4.76 -6.93 -26.57
C MET A 3 -4.03 -5.67 -26.12
N GLY A 4 -4.04 -5.41 -24.82
CA GLY A 4 -3.37 -4.23 -24.29
C GLY A 4 -2.75 -4.49 -22.94
N ALA A 5 -2.13 -5.66 -22.81
CA ALA A 5 -1.58 -6.07 -21.53
C ALA A 5 -0.05 -6.06 -21.55
N LYS A 6 0.54 -5.51 -20.50
CA LYS A 6 2.00 -5.50 -20.34
C LYS A 6 2.39 -6.38 -19.17
N SER A 7 1.47 -7.23 -18.77
CA SER A 7 1.68 -8.11 -17.65
C SER A 7 0.85 -9.39 -17.80
N MET A 8 1.16 -10.40 -17.01
CA MET A 8 0.40 -11.63 -16.98
C MET A 8 -0.33 -11.74 -15.64
N TRP A 9 -0.39 -10.62 -14.95
CA TRP A 9 -1.10 -10.52 -13.69
C TRP A 9 -2.45 -9.85 -13.93
N THR A 10 -3.53 -10.53 -13.58
CA THR A 10 -4.87 -9.97 -13.71
C THR A 10 -5.52 -9.78 -12.33
N GLU A 11 -6.59 -8.98 -12.27
CA GLU A 11 -7.20 -8.61 -10.98
C GLU A 11 -8.60 -9.27 -10.83
N HIS A 12 -8.86 -9.88 -9.66
CA HIS A 12 -10.17 -10.52 -9.41
C HIS A 12 -10.57 -10.32 -7.93
N LYS A 13 -11.88 -10.36 -7.66
CA LYS A 13 -12.41 -10.17 -6.29
C LYS A 13 -13.00 -11.49 -5.73
N SER A 14 -12.71 -11.78 -4.46
CA SER A 14 -13.26 -12.97 -3.75
C SER A 14 -14.66 -12.61 -3.19
N PRO A 15 -15.51 -13.62 -2.79
CA PRO A 15 -16.86 -13.31 -2.24
C PRO A 15 -16.84 -12.41 -1.00
N ASP A 16 -15.66 -12.06 -0.50
CA ASP A 16 -15.55 -11.27 0.72
C ASP A 16 -15.18 -9.81 0.41
N GLY A 17 -14.97 -9.48 -0.88
CA GLY A 17 -14.62 -8.12 -1.25
C GLY A 17 -13.11 -7.94 -1.39
N ARG A 18 -12.38 -8.99 -1.07
CA ARG A 18 -10.92 -8.99 -1.15
C ARG A 18 -10.47 -9.19 -2.60
N THR A 19 -9.24 -8.83 -2.88
CA THR A 19 -8.70 -8.86 -4.23
C THR A 19 -7.52 -9.81 -4.28
N TYR A 20 -7.44 -10.66 -5.30
CA TYR A 20 -6.29 -11.56 -5.45
C TYR A 20 -5.80 -11.53 -6.87
N TYR A 21 -4.49 -11.45 -7.04
CA TYR A 21 -3.90 -11.28 -8.36
C TYR A 21 -3.38 -12.62 -8.89
N TYR A 22 -3.73 -12.96 -10.13
CA TYR A 22 -3.40 -14.25 -10.74
C TYR A 22 -2.38 -14.06 -11.85
N ASN A 23 -1.37 -14.94 -11.91
CA ASN A 23 -0.39 -14.88 -12.98
C ASN A 23 -0.76 -15.88 -14.06
N THR A 24 -1.12 -15.38 -15.22
CA THR A 24 -1.71 -16.19 -16.27
C THR A 24 -0.71 -17.07 -17.01
N GLU A 25 0.58 -16.96 -16.68
CA GLU A 25 1.57 -17.79 -17.37
C GLU A 25 2.10 -18.88 -16.45
N THR A 26 2.32 -18.55 -15.17
CA THR A 26 2.87 -19.48 -14.21
C THR A 26 1.76 -20.23 -13.50
N LYS A 27 0.57 -19.65 -13.58
CA LYS A 27 -0.64 -20.22 -13.02
C LYS A 27 -0.63 -20.12 -11.49
N GLN A 28 0.14 -19.17 -10.97
CA GLN A 28 0.29 -18.97 -9.52
C GLN A 28 -0.50 -17.74 -9.03
N SER A 29 -1.07 -17.83 -7.82
CA SER A 29 -1.82 -16.70 -7.22
C SER A 29 -1.04 -16.07 -6.04
N THR A 30 -1.38 -14.81 -5.73
CA THR A 30 -0.77 -14.09 -4.60
C THR A 30 -1.74 -13.06 -3.99
N TRP A 31 -1.47 -12.61 -2.76
CA TRP A 31 -2.26 -11.54 -2.13
C TRP A 31 -1.49 -10.21 -2.26
N GLU A 32 -0.22 -10.32 -2.66
CA GLU A 32 0.66 -9.15 -2.79
C GLU A 32 0.54 -8.55 -4.17
N LYS A 33 0.59 -7.23 -4.23
CA LYS A 33 0.47 -6.55 -5.51
C LYS A 33 1.83 -6.49 -6.20
N PRO A 34 1.97 -7.14 -7.36
CA PRO A 34 3.22 -7.10 -8.13
C PRO A 34 3.48 -5.69 -8.66
N ASP A 35 4.76 -5.28 -8.63
CA ASP A 35 5.15 -3.90 -8.95
C ASP A 35 4.69 -3.44 -10.33
N ASP A 36 4.42 -4.40 -11.21
CA ASP A 36 4.00 -4.09 -12.57
C ASP A 36 2.56 -3.60 -12.61
N LEU A 37 1.77 -3.95 -11.61
CA LEU A 37 0.36 -3.54 -11.55
C LEU A 37 0.20 -2.28 -10.72
N LYS A 38 1.23 -1.95 -9.95
CA LYS A 38 1.20 -0.79 -9.10
C LYS A 38 1.15 0.49 -9.93
N THR A 39 0.14 1.28 -9.66
CA THR A 39 -0.03 2.59 -10.29
C THR A 39 1.10 3.53 -9.80
N PRO A 40 1.50 4.58 -10.57
CA PRO A 40 2.62 5.46 -10.18
C PRO A 40 2.50 5.91 -8.72
N ALA A 41 1.28 6.25 -8.33
CA ALA A 41 1.00 6.67 -6.96
C ALA A 41 1.40 5.60 -5.97
N GLU A 42 0.93 4.39 -6.22
CA GLU A 42 1.29 3.24 -5.41
C GLU A 42 2.81 3.02 -5.39
N GLN A 43 3.47 3.17 -6.54
CA GLN A 43 4.94 3.04 -6.60
C GLN A 43 5.61 4.08 -5.72
N LEU A 44 5.05 5.27 -5.69
CA LEU A 44 5.52 6.34 -4.82
C LEU A 44 5.30 5.98 -3.35
N LEU A 45 4.06 5.61 -3.04
CA LEU A 45 3.67 5.29 -1.68
C LEU A 45 4.37 4.04 -1.17
N SER A 46 4.57 3.08 -2.06
CA SER A 46 5.11 1.77 -1.70
C SER A 46 6.50 1.86 -1.06
N LYS A 47 7.21 2.99 -1.23
CA LYS A 47 8.52 3.13 -0.59
C LYS A 47 8.36 3.63 0.85
N CYS A 48 7.16 4.06 1.24
CA CYS A 48 6.95 4.60 2.58
C CYS A 48 6.75 3.45 3.59
N PRO A 49 7.65 3.30 4.57
CA PRO A 49 7.50 2.27 5.59
C PRO A 49 6.41 2.62 6.62
N TRP A 50 6.07 3.90 6.68
CA TRP A 50 4.98 4.38 7.52
C TRP A 50 3.69 4.47 6.68
N LYS A 51 2.61 3.81 7.09
CA LYS A 51 1.34 3.86 6.32
C LYS A 51 0.11 4.21 7.20
N GLU A 52 -0.78 5.01 6.60
CA GLU A 52 -2.04 5.45 7.24
C GLU A 52 -3.14 4.37 7.29
N TYR A 53 -3.62 4.07 8.50
CA TYR A 53 -4.93 3.41 8.68
C TYR A 53 -5.71 4.07 9.81
N LYS A 54 -7.04 3.94 9.76
CA LYS A 54 -7.93 4.61 10.72
C LYS A 54 -8.47 3.67 11.79
N SER A 55 -8.72 4.24 12.98
CA SER A 55 -9.24 3.50 14.16
C SER A 55 -10.78 3.35 14.11
N ASP A 56 -11.39 2.98 15.25
CA ASP A 56 -12.84 2.75 15.29
C ASP A 56 -13.60 4.08 15.26
N SER A 57 -13.01 5.13 15.86
CA SER A 57 -13.61 6.45 15.83
C SER A 57 -13.13 7.26 14.63
N GLY A 58 -12.11 6.78 13.97
CA GLY A 58 -11.55 7.49 12.83
C GLY A 58 -10.31 8.28 13.20
N LYS A 59 -9.82 8.05 14.41
CA LYS A 59 -8.57 8.64 14.87
C LYS A 59 -7.39 7.87 14.25
N PRO A 60 -6.57 8.51 13.40
CA PRO A 60 -5.52 7.80 12.63
C PRO A 60 -4.34 7.26 13.48
N TYR A 61 -3.77 6.14 13.00
CA TYR A 61 -2.52 5.60 13.55
C TYR A 61 -1.59 5.28 12.39
N TYR A 62 -0.28 5.39 12.58
CA TYR A 62 0.65 5.21 11.49
C TYR A 62 1.66 4.10 11.84
N TYR A 63 1.76 3.05 11.01
CA TYR A 63 2.61 1.86 11.33
C TYR A 63 3.86 1.80 10.46
N ASN A 64 4.97 1.32 11.04
CA ASN A 64 6.25 1.22 10.32
C ASN A 64 6.56 -0.25 10.05
N SER A 65 6.88 -0.56 8.81
CA SER A 65 7.13 -1.93 8.39
C SER A 65 8.54 -2.43 8.77
N GLN A 66 9.50 -1.52 8.96
CA GLN A 66 10.87 -1.95 9.25
C GLN A 66 11.03 -2.21 10.74
N THR A 67 10.55 -1.26 11.53
CA THR A 67 10.78 -1.29 12.96
C THR A 67 9.57 -1.87 13.68
N LYS A 68 8.47 -1.95 12.94
CA LYS A 68 7.24 -2.54 13.40
C LYS A 68 6.63 -1.75 14.56
N GLU A 69 6.92 -0.46 14.65
CA GLU A 69 6.38 0.38 15.72
C GLU A 69 5.12 1.12 15.26
N SER A 70 4.27 1.46 16.22
CA SER A 70 3.03 2.19 15.98
C SER A 70 3.07 3.55 16.72
N ARG A 71 2.69 4.64 16.03
CA ARG A 71 2.64 5.98 16.68
C ARG A 71 1.29 6.65 16.45
N TRP A 72 0.93 7.59 17.33
CA TRP A 72 -0.29 8.38 17.17
C TRP A 72 -0.04 9.58 16.24
N ALA A 73 1.11 10.25 16.37
CA ALA A 73 1.44 11.43 15.54
C ALA A 73 2.16 11.04 14.24
N LYS A 74 1.83 11.78 13.17
CA LYS A 74 2.50 11.63 11.88
C LYS A 74 3.98 12.02 11.95
N PRO A 75 4.91 11.11 11.62
CA PRO A 75 6.32 11.51 11.43
C PRO A 75 6.51 12.31 10.13
N LYS A 76 7.49 13.22 10.14
CA LYS A 76 7.72 14.18 9.05
C LYS A 76 8.01 13.48 7.72
N GLU A 77 8.55 12.27 7.78
CA GLU A 77 8.81 11.46 6.59
C GLU A 77 7.53 11.26 5.79
N LEU A 78 6.44 10.94 6.47
CA LEU A 78 5.19 10.63 5.80
C LEU A 78 4.55 11.91 5.29
N GLU A 79 4.89 12.99 5.96
CA GLU A 79 4.38 14.29 5.60
C GLU A 79 4.94 14.70 4.24
N ASP A 80 6.23 14.46 4.06
CA ASP A 80 6.88 14.66 2.77
C ASP A 80 6.25 13.82 1.68
N LEU A 81 5.84 12.61 2.06
CA LEU A 81 5.27 11.67 1.12
C LEU A 81 3.92 12.16 0.60
N GLU A 82 3.10 12.67 1.51
CA GLU A 82 1.78 13.18 1.13
C GLU A 82 1.94 14.42 0.26
N GLY A 83 2.92 15.24 0.61
CA GLY A 83 3.19 16.44 -0.15
C GLY A 83 4.20 16.20 -1.25
N TYR A 84 4.09 15.05 -1.90
CA TYR A 84 4.94 14.72 -3.03
C TYR A 84 4.76 15.74 -4.15
N GLN A 85 5.64 16.72 -4.18
CA GLN A 85 5.66 17.71 -5.25
C GLN A 85 7.03 17.66 -5.92
N ASN A 86 7.05 17.83 -7.24
CA ASN A 86 8.32 17.77 -7.99
C ASN A 86 9.06 19.09 -7.93
N THR A 87 9.12 19.65 -6.73
CA THR A 87 9.79 20.91 -6.49
C THR A 87 11.30 20.73 -6.56
N ILE A 88 11.94 21.60 -7.33
CA ILE A 88 13.38 21.58 -7.47
C ILE A 88 14.01 22.24 -6.25
N VAL A 89 13.41 23.34 -5.83
CA VAL A 89 13.83 24.03 -4.63
C VAL A 89 12.67 24.15 -3.64
N ALA A 90 12.80 23.45 -2.52
CA ALA A 90 11.77 23.47 -1.49
C ALA A 90 12.30 24.10 -0.21
N GLY A 91 13.47 24.68 -0.32
CA GLY A 91 14.11 25.29 0.82
C GLY A 91 14.42 26.77 0.59
N SER A 92 13.72 27.36 -0.38
CA SER A 92 13.94 28.77 -0.71
C SER A 92 13.18 29.67 0.27
N LEU A 93 13.37 29.44 1.55
CA LEU A 93 12.72 30.20 2.59
C LEU A 93 13.73 30.66 3.62
N ILE A 94 13.81 31.96 3.83
CA ILE A 94 14.76 32.53 4.76
C ILE A 94 14.30 32.25 6.19
N THR A 95 14.77 31.14 6.75
CA THR A 95 14.42 30.78 8.12
C THR A 95 15.28 31.58 9.10
N LYS A 96 16.35 32.19 8.57
CA LYS A 96 17.27 32.99 9.38
C LYS A 96 18.39 33.53 8.50
N SER A 97 18.30 34.81 8.15
CA SER A 97 19.33 35.45 7.36
C SER A 97 20.56 35.67 8.23
N ASN A 98 21.72 35.25 7.74
CA ASN A 98 22.95 35.40 8.49
C ASN A 98 23.97 36.22 7.70
N LEU A 99 23.46 37.18 6.94
CA LEU A 99 24.29 38.06 6.14
C LEU A 99 23.58 39.39 5.96
N GLY B 1 -17.73 -32.10 -9.41
CA GLY B 1 -16.90 -31.54 -10.50
C GLY B 1 -17.64 -30.45 -11.26
N ALA B 2 -17.11 -30.10 -12.43
CA ALA B 2 -17.73 -29.09 -13.29
C ALA B 2 -17.80 -27.73 -12.58
N MET B 3 -16.65 -27.23 -12.18
CA MET B 3 -16.58 -25.95 -11.49
C MET B 3 -15.59 -25.00 -12.16
N SER B 4 -16.08 -24.25 -13.14
CA SER B 4 -15.28 -23.22 -13.78
C SER B 4 -15.95 -21.86 -13.61
N GLY B 5 -15.16 -20.85 -13.32
CA GLY B 5 -15.70 -19.51 -13.12
C GLY B 5 -14.64 -18.54 -12.68
N SER B 6 -14.10 -18.75 -11.49
CA SER B 6 -13.03 -17.91 -10.99
C SER B 6 -11.80 -18.75 -10.66
N PRO B 7 -10.61 -18.20 -10.86
CA PRO B 7 -9.34 -18.90 -10.58
C PRO B 7 -9.07 -19.01 -9.06
N PRO B 8 -8.15 -19.92 -8.66
CA PRO B 8 -7.89 -20.26 -7.23
C PRO B 8 -7.45 -19.09 -6.34
N LEU B 9 -7.79 -19.21 -5.04
CA LEU B 9 -7.34 -18.27 -4.02
C LEU B 9 -5.99 -18.72 -3.44
N PRO B 10 -5.07 -17.76 -3.21
CA PRO B 10 -3.68 -18.05 -2.77
C PRO B 10 -3.55 -18.39 -1.29
N PRO B 11 -2.54 -19.22 -0.95
CA PRO B 11 -2.12 -19.43 0.45
C PRO B 11 -1.34 -18.22 1.00
N GLY B 12 -1.27 -18.11 2.33
CA GLY B 12 -0.51 -17.03 2.95
C GLY B 12 -1.31 -15.75 3.08
N ALA B 13 -2.27 -15.76 4.01
CA ALA B 13 -3.18 -14.63 4.24
C ALA B 13 -2.46 -13.28 4.25
N PRO B 14 -3.13 -12.22 3.77
CA PRO B 14 -2.56 -10.90 3.69
C PRO B 14 -2.58 -10.19 5.05
N PRO B 15 -1.99 -8.98 5.15
CA PRO B 15 -1.97 -8.18 6.38
C PRO B 15 -3.19 -8.41 7.28
N PRO B 16 -2.94 -8.80 8.53
CA PRO B 16 -4.00 -9.16 9.49
C PRO B 16 -4.80 -7.94 9.94
N PRO B 17 -5.81 -8.14 10.82
CA PRO B 17 -6.57 -7.03 11.43
C PRO B 17 -5.65 -5.94 11.99
N PRO B 18 -6.19 -4.75 12.32
CA PRO B 18 -5.40 -3.59 12.72
C PRO B 18 -4.33 -3.93 13.77
N PRO B 19 -3.05 -3.63 13.49
CA PRO B 19 -1.96 -3.83 14.44
C PRO B 19 -2.09 -2.87 15.62
N PRO B 20 -1.54 -3.25 16.79
CA PRO B 20 -1.78 -2.54 18.06
C PRO B 20 -1.36 -1.07 18.05
N PRO B 21 -2.27 -0.12 18.38
CA PRO B 21 -1.86 1.23 18.72
C PRO B 21 -1.38 1.30 20.18
N PRO B 22 -0.44 2.19 20.49
CA PRO B 22 0.06 2.33 21.87
C PRO B 22 -1.05 2.75 22.83
N SER B 23 -1.24 1.95 23.88
CA SER B 23 -2.29 2.21 24.86
C SER B 23 -1.77 3.11 25.97
N GLY B 24 -2.49 4.18 26.25
CA GLY B 24 -2.11 5.09 27.31
C GLY B 24 -3.27 5.44 28.20
N SER B 25 -2.96 5.98 29.38
CA SER B 25 -3.98 6.37 30.36
C SER B 25 -4.78 5.14 30.80
N GLY B 26 -4.18 4.34 31.67
CA GLY B 26 -4.83 3.13 32.14
C GLY B 26 -4.18 1.89 31.57
N ASN B 27 -2.89 1.99 31.27
CA ASN B 27 -2.16 0.88 30.67
C ASN B 27 -0.74 0.84 31.20
N GLY A 1 -4.87 -0.28 -14.76
CA GLY A 1 -5.57 -0.61 -16.03
C GLY A 1 -5.19 -1.99 -16.53
N ALA A 2 -6.18 -2.80 -16.87
CA ALA A 2 -5.92 -4.15 -17.36
C ALA A 2 -5.43 -4.12 -18.81
N MET A 3 -6.08 -3.31 -19.62
CA MET A 3 -5.78 -3.25 -21.05
C MET A 3 -4.55 -2.39 -21.31
N GLY A 4 -4.10 -1.67 -20.29
CA GLY A 4 -2.93 -0.82 -20.43
C GLY A 4 -1.75 -1.34 -19.64
N ALA A 5 -1.76 -2.64 -19.37
CA ALA A 5 -0.68 -3.27 -18.63
C ALA A 5 -0.11 -4.46 -19.39
N LYS A 6 1.13 -4.35 -19.83
CA LYS A 6 1.80 -5.45 -20.51
C LYS A 6 2.30 -6.45 -19.47
N SER A 7 1.40 -7.30 -19.01
CA SER A 7 1.71 -8.21 -17.92
C SER A 7 0.88 -9.49 -18.03
N MET A 8 1.20 -10.47 -17.19
CA MET A 8 0.43 -11.71 -17.12
C MET A 8 -0.30 -11.79 -15.77
N TRP A 9 -0.33 -10.67 -15.09
CA TRP A 9 -1.04 -10.55 -13.83
C TRP A 9 -2.39 -9.86 -14.06
N THR A 10 -3.47 -10.50 -13.64
CA THR A 10 -4.80 -9.93 -13.77
C THR A 10 -5.45 -9.70 -12.37
N GLU A 11 -6.52 -8.90 -12.33
CA GLU A 11 -7.14 -8.51 -11.06
C GLU A 11 -8.50 -9.19 -10.87
N HIS A 12 -8.75 -9.76 -9.67
CA HIS A 12 -10.04 -10.40 -9.39
C HIS A 12 -10.46 -10.15 -7.94
N LYS A 13 -11.77 -10.23 -7.66
CA LYS A 13 -12.32 -9.98 -6.31
C LYS A 13 -12.87 -11.29 -5.70
N SER A 14 -12.65 -11.48 -4.39
CA SER A 14 -13.20 -12.62 -3.64
C SER A 14 -14.59 -12.23 -3.06
N PRO A 15 -15.45 -13.21 -2.65
CA PRO A 15 -16.80 -12.89 -2.11
C PRO A 15 -16.82 -11.94 -0.90
N ASP A 16 -15.64 -11.58 -0.41
CA ASP A 16 -15.55 -10.74 0.79
C ASP A 16 -15.09 -9.32 0.43
N GLY A 17 -14.94 -9.05 -0.87
CA GLY A 17 -14.59 -7.73 -1.33
C GLY A 17 -13.09 -7.58 -1.54
N ARG A 18 -12.34 -8.58 -1.12
CA ARG A 18 -10.89 -8.56 -1.24
C ARG A 18 -10.43 -8.84 -2.67
N THR A 19 -9.19 -8.48 -2.94
CA THR A 19 -8.63 -8.58 -4.27
C THR A 19 -7.47 -9.57 -4.27
N TYR A 20 -7.35 -10.40 -5.30
CA TYR A 20 -6.20 -11.29 -5.43
C TYR A 20 -5.73 -11.30 -6.87
N TYR A 21 -4.42 -11.25 -7.06
CA TYR A 21 -3.85 -11.11 -8.40
C TYR A 21 -3.35 -12.49 -8.90
N TYR A 22 -3.71 -12.83 -10.14
CA TYR A 22 -3.40 -14.15 -10.72
C TYR A 22 -2.38 -14.00 -11.86
N ASN A 23 -1.39 -14.89 -11.90
CA ASN A 23 -0.42 -14.88 -13.00
C ASN A 23 -0.86 -15.90 -14.03
N THR A 24 -1.23 -15.41 -15.20
CA THR A 24 -1.88 -16.21 -16.20
C THR A 24 -0.95 -17.17 -16.92
N GLU A 25 0.34 -17.11 -16.65
CA GLU A 25 1.25 -18.02 -17.33
C GLU A 25 1.76 -19.11 -16.39
N THR A 26 2.09 -18.73 -15.15
CA THR A 26 2.61 -19.67 -14.18
C THR A 26 1.49 -20.40 -13.47
N LYS A 27 0.34 -19.75 -13.47
CA LYS A 27 -0.88 -20.25 -12.84
C LYS A 27 -0.82 -20.07 -11.33
N GLN A 28 -0.01 -19.12 -10.84
CA GLN A 28 0.15 -18.89 -9.40
C GLN A 28 -0.60 -17.62 -8.94
N SER A 29 -1.15 -17.66 -7.72
CA SER A 29 -1.87 -16.51 -7.14
C SER A 29 -1.07 -15.86 -5.98
N THR A 30 -1.37 -14.59 -5.68
CA THR A 30 -0.72 -13.85 -4.57
C THR A 30 -1.67 -12.80 -3.95
N TRP A 31 -1.34 -12.32 -2.73
CA TRP A 31 -2.09 -11.23 -2.09
C TRP A 31 -1.32 -9.91 -2.25
N GLU A 32 -0.08 -10.01 -2.75
CA GLU A 32 0.77 -8.83 -2.94
C GLU A 32 0.61 -8.29 -4.35
N LYS A 33 0.59 -6.97 -4.47
CA LYS A 33 0.47 -6.36 -5.78
C LYS A 33 1.85 -6.32 -6.46
N PRO A 34 2.02 -7.06 -7.57
CA PRO A 34 3.29 -7.10 -8.28
C PRO A 34 3.66 -5.72 -8.86
N ASP A 35 4.95 -5.37 -8.79
CA ASP A 35 5.46 -4.05 -9.19
C ASP A 35 5.07 -3.64 -10.61
N ASP A 36 4.68 -4.62 -11.41
CA ASP A 36 4.28 -4.36 -12.78
C ASP A 36 2.86 -3.80 -12.87
N LEU A 37 2.03 -4.06 -11.86
CA LEU A 37 0.66 -3.58 -11.84
C LEU A 37 0.53 -2.31 -11.02
N LYS A 38 1.55 -2.01 -10.23
CA LYS A 38 1.54 -0.84 -9.38
C LYS A 38 1.51 0.44 -10.20
N THR A 39 0.51 1.25 -9.92
CA THR A 39 0.38 2.56 -10.54
C THR A 39 1.52 3.49 -10.06
N PRO A 40 1.93 4.54 -10.83
CA PRO A 40 3.05 5.43 -10.42
C PRO A 40 2.92 5.90 -8.97
N ALA A 41 1.69 6.23 -8.59
CA ALA A 41 1.39 6.65 -7.23
C ALA A 41 1.79 5.57 -6.24
N GLU A 42 1.33 4.37 -6.49
CA GLU A 42 1.69 3.20 -5.69
C GLU A 42 3.21 2.99 -5.66
N GLN A 43 3.87 3.09 -6.81
CA GLN A 43 5.33 2.88 -6.86
C GLN A 43 6.06 3.84 -5.93
N LEU A 44 5.66 5.09 -5.94
CA LEU A 44 6.29 6.09 -5.07
C LEU A 44 5.83 5.92 -3.62
N LEU A 45 4.58 5.56 -3.40
CA LEU A 45 4.04 5.38 -2.05
C LEU A 45 4.54 4.09 -1.41
N SER A 46 4.67 3.05 -2.21
CA SER A 46 5.03 1.72 -1.73
C SER A 46 6.37 1.71 -0.98
N LYS A 47 7.18 2.74 -1.15
CA LYS A 47 8.45 2.80 -0.42
C LYS A 47 8.26 3.43 0.98
N CYS A 48 7.03 3.83 1.32
CA CYS A 48 6.77 4.41 2.64
C CYS A 48 6.63 3.31 3.68
N PRO A 49 7.55 3.22 4.66
CA PRO A 49 7.45 2.22 5.72
C PRO A 49 6.36 2.58 6.74
N TRP A 50 6.00 3.85 6.79
CA TRP A 50 4.90 4.33 7.61
C TRP A 50 3.62 4.36 6.77
N LYS A 51 2.56 3.67 7.20
CA LYS A 51 1.31 3.65 6.41
C LYS A 51 0.06 4.01 7.24
N GLU A 52 -0.80 4.81 6.61
CA GLU A 52 -2.05 5.33 7.20
C GLU A 52 -3.20 4.30 7.25
N TYR A 53 -3.69 4.01 8.48
CA TYR A 53 -5.00 3.36 8.66
C TYR A 53 -5.77 4.01 9.83
N LYS A 54 -7.09 3.84 9.85
CA LYS A 54 -7.95 4.46 10.87
C LYS A 54 -8.39 3.46 11.96
N SER A 55 -8.65 3.99 13.16
CA SER A 55 -9.14 3.20 14.31
C SER A 55 -10.67 2.98 14.22
N ASP A 56 -11.29 2.52 15.32
CA ASP A 56 -12.74 2.21 15.29
C ASP A 56 -13.55 3.50 15.35
N SER A 57 -13.07 4.53 16.06
CA SER A 57 -13.74 5.83 16.06
C SER A 57 -13.21 6.75 14.97
N GLY A 58 -12.21 6.29 14.22
CA GLY A 58 -11.74 7.06 13.09
C GLY A 58 -10.46 7.85 13.39
N LYS A 59 -9.94 7.67 14.60
CA LYS A 59 -8.69 8.31 15.00
C LYS A 59 -7.50 7.56 14.36
N PRO A 60 -6.71 8.23 13.50
CA PRO A 60 -5.66 7.56 12.70
C PRO A 60 -4.45 7.06 13.54
N TYR A 61 -3.84 5.96 13.06
CA TYR A 61 -2.56 5.45 13.60
C TYR A 61 -1.62 5.17 12.45
N TYR A 62 -0.30 5.27 12.66
CA TYR A 62 0.63 5.11 11.56
C TYR A 62 1.67 4.03 11.95
N TYR A 63 1.77 2.96 11.15
CA TYR A 63 2.62 1.79 11.49
C TYR A 63 3.85 1.70 10.58
N ASN A 64 4.98 1.25 11.15
CA ASN A 64 6.25 1.16 10.41
C ASN A 64 6.59 -0.32 10.15
N SER A 65 6.92 -0.63 8.91
CA SER A 65 7.22 -1.99 8.50
C SER A 65 8.62 -2.44 8.96
N GLN A 66 9.58 -1.52 8.98
CA GLN A 66 10.97 -1.90 9.27
C GLN A 66 11.20 -2.09 10.75
N THR A 67 10.70 -1.13 11.52
CA THR A 67 10.94 -1.11 12.95
C THR A 67 9.79 -1.74 13.71
N LYS A 68 8.67 -1.88 13.00
CA LYS A 68 7.47 -2.53 13.51
C LYS A 68 6.84 -1.72 14.65
N GLU A 69 7.11 -0.41 14.70
CA GLU A 69 6.58 0.45 15.75
C GLU A 69 5.28 1.16 15.30
N SER A 70 4.44 1.51 16.28
CA SER A 70 3.20 2.22 16.04
C SER A 70 3.24 3.60 16.74
N ARG A 71 2.81 4.67 16.05
CA ARG A 71 2.73 6.01 16.67
C ARG A 71 1.35 6.63 16.44
N TRP A 72 0.95 7.52 17.35
CA TRP A 72 -0.32 8.25 17.20
C TRP A 72 -0.14 9.43 16.22
N ALA A 73 0.96 10.20 16.37
CA ALA A 73 1.21 11.36 15.52
C ALA A 73 1.91 10.99 14.21
N LYS A 74 1.59 11.73 13.14
CA LYS A 74 2.24 11.58 11.84
C LYS A 74 3.70 12.03 11.88
N PRO A 75 4.66 11.14 11.53
CA PRO A 75 6.06 11.57 11.31
C PRO A 75 6.20 12.35 9.99
N LYS A 76 7.17 13.27 9.96
CA LYS A 76 7.38 14.20 8.85
C LYS A 76 7.65 13.47 7.54
N GLU A 77 8.19 12.26 7.65
CA GLU A 77 8.44 11.42 6.47
C GLU A 77 7.17 11.24 5.67
N LEU A 78 6.09 10.89 6.36
CA LEU A 78 4.84 10.55 5.71
C LEU A 78 4.16 11.81 5.23
N GLU A 79 4.44 12.89 5.92
CA GLU A 79 3.86 14.18 5.61
C GLU A 79 4.34 14.64 4.24
N ASP A 80 5.64 14.48 4.01
CA ASP A 80 6.24 14.78 2.72
C ASP A 80 5.70 13.83 1.64
N LEU A 81 5.44 12.59 2.05
CA LEU A 81 4.93 11.57 1.14
C LEU A 81 3.54 11.95 0.63
N GLU A 82 2.72 12.51 1.51
CA GLU A 82 1.36 12.90 1.16
C GLU A 82 1.35 13.96 0.07
N GLY A 83 2.40 14.78 0.05
CA GLY A 83 2.51 15.82 -0.94
C GLY A 83 2.93 15.31 -2.30
N TYR A 84 2.84 13.99 -2.47
CA TYR A 84 3.20 13.33 -3.74
C TYR A 84 4.63 13.67 -4.11
N GLN A 85 5.57 13.13 -3.34
CA GLN A 85 6.99 13.34 -3.57
C GLN A 85 7.36 13.06 -5.04
N ASN A 86 8.17 13.94 -5.62
CA ASN A 86 8.58 13.80 -7.01
C ASN A 86 9.98 13.21 -7.09
N THR A 87 10.03 11.90 -7.23
CA THR A 87 11.28 11.19 -7.33
C THR A 87 11.80 11.20 -8.76
N ILE A 88 12.38 12.33 -9.15
CA ILE A 88 12.90 12.50 -10.49
C ILE A 88 14.24 11.81 -10.65
N VAL A 89 14.28 10.87 -11.57
CA VAL A 89 15.48 10.08 -11.82
C VAL A 89 16.51 10.91 -12.59
N ALA A 90 17.55 11.37 -11.89
CA ALA A 90 18.57 12.21 -12.48
C ALA A 90 19.80 12.29 -11.58
N GLY A 91 20.20 11.15 -11.03
CA GLY A 91 21.37 11.11 -10.16
C GLY A 91 22.56 10.46 -10.84
N SER A 92 22.29 9.68 -11.89
CA SER A 92 23.36 9.03 -12.64
C SER A 92 23.04 9.06 -14.12
N LEU A 93 22.48 10.18 -14.56
CA LEU A 93 22.05 10.35 -15.94
C LEU A 93 22.55 11.68 -16.47
N ILE A 94 23.16 11.68 -17.65
CA ILE A 94 23.76 12.87 -18.23
C ILE A 94 24.76 13.45 -17.23
N THR A 95 25.89 12.79 -17.08
CA THR A 95 26.86 13.16 -16.06
C THR A 95 28.07 13.86 -16.68
N LYS A 96 27.85 14.53 -17.81
CA LYS A 96 28.92 15.26 -18.47
C LYS A 96 28.36 16.42 -19.29
N SER A 97 27.72 16.12 -20.40
CA SER A 97 27.18 17.15 -21.27
C SER A 97 25.77 17.53 -20.81
N ASN A 98 25.69 18.47 -19.87
CA ASN A 98 24.41 18.89 -19.32
C ASN A 98 23.79 19.96 -20.21
N LEU A 99 23.18 19.53 -21.30
CA LEU A 99 22.56 20.45 -22.25
C LEU A 99 21.10 20.10 -22.43
N GLY B 1 -7.48 -28.15 -17.53
CA GLY B 1 -7.14 -27.28 -16.38
C GLY B 1 -8.36 -26.86 -15.60
N ALA B 2 -8.24 -26.87 -14.29
CA ALA B 2 -9.35 -26.51 -13.41
C ALA B 2 -9.58 -25.02 -13.41
N MET B 3 -10.55 -24.58 -14.18
CA MET B 3 -10.86 -23.16 -14.30
C MET B 3 -11.69 -22.69 -13.11
N SER B 4 -12.62 -23.55 -12.71
CA SER B 4 -13.40 -23.39 -11.47
C SER B 4 -14.25 -22.11 -11.47
N GLY B 5 -14.60 -21.62 -12.66
CA GLY B 5 -15.34 -20.38 -12.75
C GLY B 5 -14.45 -19.17 -12.51
N SER B 6 -14.06 -18.98 -11.27
CA SER B 6 -13.09 -17.95 -10.91
C SER B 6 -11.83 -18.65 -10.42
N PRO B 7 -10.65 -18.04 -10.67
CA PRO B 7 -9.36 -18.68 -10.36
C PRO B 7 -9.09 -18.74 -8.85
N PRO B 8 -8.18 -19.64 -8.43
CA PRO B 8 -7.93 -19.96 -7.01
C PRO B 8 -7.48 -18.80 -6.13
N LEU B 9 -7.87 -18.86 -4.85
CA LEU B 9 -7.39 -17.92 -3.84
C LEU B 9 -6.04 -18.39 -3.30
N PRO B 10 -5.08 -17.47 -3.12
CA PRO B 10 -3.69 -17.80 -2.76
C PRO B 10 -3.53 -18.26 -1.31
N PRO B 11 -2.51 -19.12 -1.07
CA PRO B 11 -2.12 -19.49 0.29
C PRO B 11 -1.55 -18.28 1.06
N GLY B 12 -1.57 -18.38 2.39
CA GLY B 12 -1.09 -17.27 3.21
C GLY B 12 -2.20 -16.28 3.51
N ALA B 13 -1.87 -15.25 4.27
CA ALA B 13 -2.84 -14.24 4.63
C ALA B 13 -2.21 -12.85 4.51
N PRO B 14 -3.00 -11.87 4.04
CA PRO B 14 -2.52 -10.51 3.85
C PRO B 14 -2.52 -9.74 5.16
N PRO B 15 -2.03 -8.48 5.17
CA PRO B 15 -2.06 -7.61 6.36
C PRO B 15 -3.26 -7.88 7.26
N PRO B 16 -3.00 -8.31 8.51
CA PRO B 16 -4.04 -8.75 9.44
C PRO B 16 -4.88 -7.59 9.98
N PRO B 17 -5.89 -7.89 10.84
CA PRO B 17 -6.65 -6.85 11.55
C PRO B 17 -5.73 -5.80 12.19
N PRO B 18 -6.27 -4.62 12.56
CA PRO B 18 -5.45 -3.47 12.98
C PRO B 18 -4.39 -3.86 14.03
N PRO B 19 -3.11 -3.58 13.72
CA PRO B 19 -2.00 -3.81 14.66
C PRO B 19 -2.10 -2.87 15.86
N PRO B 20 -1.51 -3.24 17.00
CA PRO B 20 -1.71 -2.55 18.28
C PRO B 20 -1.30 -1.07 18.26
N PRO B 21 -2.20 -0.15 18.62
CA PRO B 21 -1.81 1.23 18.92
C PRO B 21 -1.27 1.34 20.35
N PRO B 22 -0.26 2.20 20.59
CA PRO B 22 0.34 2.37 21.92
C PRO B 22 -0.68 2.85 22.95
N SER B 23 -0.78 2.11 24.04
CA SER B 23 -1.72 2.41 25.10
C SER B 23 -1.29 3.65 25.87
N GLY B 24 0.00 3.75 26.16
CA GLY B 24 0.51 4.88 26.91
C GLY B 24 1.77 5.44 26.31
N SER B 25 1.64 6.11 25.18
CA SER B 25 2.79 6.72 24.53
C SER B 25 2.31 7.91 23.70
N GLY B 26 2.51 9.11 24.22
CA GLY B 26 2.02 10.30 23.57
C GLY B 26 2.94 10.81 22.48
N ASN B 27 4.21 10.42 22.54
CA ASN B 27 5.19 10.86 21.56
C ASN B 27 6.34 9.86 21.49
N GLY A 1 -4.11 3.29 -22.32
CA GLY A 1 -3.74 2.48 -23.50
C GLY A 1 -3.86 0.99 -23.24
N ALA A 2 -2.71 0.34 -23.04
CA ALA A 2 -2.65 -1.12 -22.82
C ALA A 2 -3.24 -1.87 -24.00
N MET A 3 -2.39 -2.23 -24.96
CA MET A 3 -2.81 -2.90 -26.18
C MET A 3 -3.07 -4.40 -25.96
N GLY A 4 -3.59 -4.74 -24.79
CA GLY A 4 -3.90 -6.14 -24.51
C GLY A 4 -3.55 -6.50 -23.08
N ALA A 5 -3.63 -7.78 -22.73
CA ALA A 5 -3.25 -8.23 -21.40
C ALA A 5 -1.74 -8.14 -21.24
N LYS A 6 -1.31 -7.38 -20.24
CA LYS A 6 0.12 -7.15 -20.04
C LYS A 6 0.55 -7.72 -18.69
N SER A 7 1.85 -7.92 -18.54
CA SER A 7 2.47 -8.23 -17.24
C SER A 7 2.28 -9.69 -16.80
N MET A 8 1.27 -10.39 -17.36
CA MET A 8 0.97 -11.78 -17.01
C MET A 8 0.23 -11.88 -15.68
N TRP A 9 0.01 -10.73 -15.08
CA TRP A 9 -0.80 -10.64 -13.88
C TRP A 9 -2.15 -10.01 -14.23
N THR A 10 -3.24 -10.66 -13.82
CA THR A 10 -4.59 -10.10 -14.01
C THR A 10 -5.29 -9.91 -12.66
N GLU A 11 -6.38 -9.13 -12.62
CA GLU A 11 -7.05 -8.80 -11.35
C GLU A 11 -8.44 -9.47 -11.27
N HIS A 12 -8.75 -10.10 -10.11
CA HIS A 12 -10.06 -10.75 -9.91
C HIS A 12 -10.54 -10.55 -8.47
N LYS A 13 -11.86 -10.63 -8.25
CA LYS A 13 -12.47 -10.42 -6.92
C LYS A 13 -13.03 -11.74 -6.34
N SER A 14 -12.91 -11.91 -5.02
CA SER A 14 -13.50 -13.06 -4.30
C SER A 14 -14.92 -12.68 -3.81
N PRO A 15 -15.79 -13.64 -3.39
CA PRO A 15 -17.15 -13.32 -2.88
C PRO A 15 -17.17 -12.38 -1.68
N ASP A 16 -16.00 -12.02 -1.15
CA ASP A 16 -15.94 -11.17 0.04
C ASP A 16 -15.43 -9.76 -0.31
N GLY A 17 -15.31 -9.46 -1.61
CA GLY A 17 -14.91 -8.14 -2.04
C GLY A 17 -13.41 -7.98 -2.14
N ARG A 18 -12.69 -9.01 -1.73
CA ARG A 18 -11.24 -9.02 -1.76
C ARG A 18 -10.72 -9.29 -3.16
N THR A 19 -9.46 -8.96 -3.37
CA THR A 19 -8.87 -9.04 -4.69
C THR A 19 -7.68 -10.00 -4.66
N TYR A 20 -7.56 -10.86 -5.69
CA TYR A 20 -6.41 -11.75 -5.79
C TYR A 20 -5.86 -11.72 -7.20
N TYR A 21 -4.55 -11.65 -7.33
CA TYR A 21 -3.91 -11.47 -8.62
C TYR A 21 -3.35 -12.81 -9.14
N TYR A 22 -3.62 -13.12 -10.41
CA TYR A 22 -3.23 -14.41 -11.00
C TYR A 22 -2.15 -14.19 -12.07
N ASN A 23 -1.13 -15.06 -12.07
CA ASN A 23 -0.09 -14.99 -13.10
C ASN A 23 -0.40 -16.00 -14.17
N THR A 24 -0.67 -15.52 -15.37
CA THR A 24 -1.20 -16.35 -16.43
C THR A 24 -0.19 -17.27 -17.05
N GLU A 25 1.10 -17.11 -16.75
CA GLU A 25 2.09 -17.96 -17.40
C GLU A 25 2.60 -19.03 -16.44
N THR A 26 2.78 -18.67 -15.16
CA THR A 26 3.25 -19.61 -14.17
C THR A 26 2.08 -20.39 -13.58
N LYS A 27 0.91 -19.78 -13.69
CA LYS A 27 -0.35 -20.32 -13.20
C LYS A 27 -0.42 -20.22 -11.68
N GLN A 28 0.31 -19.27 -11.10
CA GLN A 28 0.37 -19.09 -9.65
C GLN A 28 -0.43 -17.85 -9.19
N SER A 29 -1.06 -17.94 -8.02
CA SER A 29 -1.84 -16.82 -7.44
C SER A 29 -1.11 -16.20 -6.23
N THR A 30 -1.45 -14.95 -5.90
CA THR A 30 -0.88 -14.24 -4.74
C THR A 30 -1.88 -13.23 -4.14
N TRP A 31 -1.64 -12.82 -2.88
CA TRP A 31 -2.47 -11.78 -2.23
C TRP A 31 -1.73 -10.43 -2.31
N GLU A 32 -0.47 -10.47 -2.75
CA GLU A 32 0.37 -9.27 -2.86
C GLU A 32 0.22 -8.67 -4.24
N LYS A 33 0.25 -7.35 -4.33
CA LYS A 33 0.18 -6.68 -5.61
C LYS A 33 1.57 -6.59 -6.23
N PRO A 34 1.78 -7.26 -7.38
CA PRO A 34 3.08 -7.19 -8.07
C PRO A 34 3.38 -5.79 -8.57
N ASP A 35 4.66 -5.41 -8.53
CA ASP A 35 5.10 -4.03 -8.82
C ASP A 35 4.75 -3.54 -10.22
N ASP A 36 4.37 -4.46 -11.11
CA ASP A 36 4.00 -4.08 -12.48
C ASP A 36 2.56 -3.57 -12.52
N LEU A 37 1.73 -3.99 -11.56
CA LEU A 37 0.33 -3.62 -11.55
C LEU A 37 0.09 -2.41 -10.66
N LYS A 38 1.11 -2.04 -9.90
CA LYS A 38 1.00 -0.92 -9.00
C LYS A 38 0.94 0.40 -9.77
N THR A 39 -0.11 1.14 -9.49
CA THR A 39 -0.28 2.48 -10.05
C THR A 39 0.80 3.42 -9.48
N PRO A 40 1.24 4.48 -10.20
CA PRO A 40 2.34 5.35 -9.73
C PRO A 40 2.17 5.76 -8.27
N ALA A 41 0.94 6.06 -7.90
CA ALA A 41 0.61 6.43 -6.53
C ALA A 41 0.99 5.34 -5.56
N GLU A 42 0.52 4.14 -5.85
CA GLU A 42 0.86 2.95 -5.05
C GLU A 42 2.38 2.75 -4.98
N GLN A 43 3.07 2.98 -6.10
CA GLN A 43 4.53 2.87 -6.15
C GLN A 43 5.19 3.87 -5.20
N LEU A 44 4.60 5.04 -5.11
CA LEU A 44 5.06 6.06 -4.17
C LEU A 44 4.81 5.62 -2.74
N LEU A 45 3.56 5.23 -2.48
CA LEU A 45 3.13 4.85 -1.14
C LEU A 45 3.86 3.60 -0.64
N SER A 46 4.13 2.68 -1.55
CA SER A 46 4.74 1.41 -1.22
C SER A 46 6.11 1.57 -0.57
N LYS A 47 6.90 2.55 -1.00
CA LYS A 47 8.26 2.69 -0.45
C LYS A 47 8.23 3.32 0.93
N CYS A 48 7.10 3.96 1.27
CA CYS A 48 6.98 4.63 2.57
C CYS A 48 6.74 3.59 3.65
N PRO A 49 7.66 3.45 4.61
CA PRO A 49 7.53 2.47 5.67
C PRO A 49 6.45 2.85 6.68
N TRP A 50 6.13 4.14 6.73
CA TRP A 50 5.03 4.64 7.54
C TRP A 50 3.76 4.71 6.70
N LYS A 51 2.67 4.06 7.11
CA LYS A 51 1.43 4.09 6.33
C LYS A 51 0.21 4.48 7.16
N GLU A 52 -0.62 5.35 6.57
CA GLU A 52 -1.84 5.88 7.17
C GLU A 52 -3.03 4.90 7.22
N TYR A 53 -3.50 4.61 8.45
CA TYR A 53 -4.84 3.99 8.64
C TYR A 53 -5.53 4.63 9.84
N LYS A 54 -6.85 4.48 9.91
CA LYS A 54 -7.66 5.08 10.98
C LYS A 54 -8.13 4.02 11.99
N SER A 55 -8.32 4.47 13.24
CA SER A 55 -8.78 3.61 14.36
C SER A 55 -10.31 3.38 14.32
N ASP A 56 -10.88 2.88 15.43
CA ASP A 56 -12.32 2.58 15.47
C ASP A 56 -13.13 3.87 15.58
N SER A 57 -12.60 4.87 16.30
CA SER A 57 -13.24 6.17 16.37
C SER A 57 -12.86 7.04 15.18
N GLY A 58 -11.86 6.62 14.45
CA GLY A 58 -11.39 7.38 13.32
C GLY A 58 -10.15 8.21 13.66
N LYS A 59 -9.66 8.03 14.89
CA LYS A 59 -8.44 8.69 15.34
C LYS A 59 -7.23 8.02 14.66
N PRO A 60 -6.46 8.76 13.83
CA PRO A 60 -5.40 8.16 12.99
C PRO A 60 -4.19 7.60 13.77
N TYR A 61 -3.59 6.54 13.20
CA TYR A 61 -2.30 6.00 13.67
C TYR A 61 -1.40 5.77 12.48
N TYR A 62 -0.08 5.79 12.65
CA TYR A 62 0.82 5.61 11.54
C TYR A 62 1.84 4.50 11.89
N TYR A 63 1.92 3.43 11.07
CA TYR A 63 2.76 2.24 11.39
C TYR A 63 4.01 2.16 10.51
N ASN A 64 5.11 1.67 11.09
CA ASN A 64 6.39 1.54 10.38
C ASN A 64 6.70 0.06 10.15
N SER A 65 7.00 -0.28 8.91
CA SER A 65 7.27 -1.67 8.55
C SER A 65 8.69 -2.13 8.89
N GLN A 66 9.63 -1.20 9.05
CA GLN A 66 11.03 -1.58 9.33
C GLN A 66 11.24 -1.77 10.81
N THR A 67 10.77 -0.81 11.59
CA THR A 67 11.02 -0.80 13.01
C THR A 67 9.85 -1.42 13.77
N LYS A 68 8.74 -1.55 13.05
CA LYS A 68 7.54 -2.20 13.55
C LYS A 68 6.86 -1.35 14.64
N GLU A 69 7.14 -0.05 14.71
CA GLU A 69 6.59 0.82 15.74
C GLU A 69 5.31 1.53 15.26
N SER A 70 4.45 1.88 16.22
CA SER A 70 3.22 2.62 15.96
C SER A 70 3.27 3.97 16.72
N ARG A 71 2.93 5.07 16.04
CA ARG A 71 2.88 6.40 16.70
C ARG A 71 1.51 7.06 16.48
N TRP A 72 1.14 7.95 17.41
CA TRP A 72 -0.11 8.71 17.28
C TRP A 72 0.10 9.90 16.32
N ALA A 73 1.23 10.62 16.44
CA ALA A 73 1.53 11.77 15.59
C ALA A 73 2.20 11.37 14.28
N LYS A 74 1.93 12.14 13.23
CA LYS A 74 2.59 12.00 11.94
C LYS A 74 4.08 12.37 12.01
N PRO A 75 5.00 11.46 11.64
CA PRO A 75 6.40 11.85 11.42
C PRO A 75 6.56 12.64 10.11
N LYS A 76 7.57 13.52 10.08
CA LYS A 76 7.81 14.43 8.96
C LYS A 76 8.08 13.66 7.66
N GLU A 77 8.57 12.43 7.79
CA GLU A 77 8.82 11.56 6.64
C GLU A 77 7.56 11.37 5.81
N LEU A 78 6.45 11.11 6.49
CA LEU A 78 5.21 10.81 5.82
C LEU A 78 4.60 12.09 5.27
N GLU A 79 4.97 13.18 5.92
CA GLU A 79 4.50 14.48 5.51
C GLU A 79 5.09 14.83 4.15
N ASP A 80 6.34 14.44 3.96
CA ASP A 80 6.98 14.55 2.65
C ASP A 80 6.21 13.77 1.60
N LEU A 81 5.74 12.58 1.98
CA LEU A 81 4.93 11.75 1.10
C LEU A 81 3.68 12.48 0.63
N GLU A 82 3.01 13.13 1.57
CA GLU A 82 1.77 13.84 1.27
C GLU A 82 2.05 15.05 0.39
N GLY A 83 3.25 15.58 0.52
CA GLY A 83 3.63 16.78 -0.20
C GLY A 83 4.03 16.51 -1.64
N TYR A 84 3.69 15.34 -2.14
CA TYR A 84 3.93 15.01 -3.53
C TYR A 84 2.99 15.81 -4.43
N GLN A 85 3.39 17.03 -4.72
CA GLN A 85 2.63 17.92 -5.59
C GLN A 85 3.53 18.45 -6.68
N ASN A 86 4.62 17.73 -6.92
CA ASN A 86 5.64 18.11 -7.89
C ASN A 86 6.19 19.50 -7.57
N THR A 87 6.41 19.74 -6.30
CA THR A 87 6.90 21.00 -5.80
C THR A 87 8.36 21.22 -6.18
N ILE A 88 8.69 22.45 -6.52
CA ILE A 88 10.03 22.82 -6.84
C ILE A 88 10.76 23.20 -5.57
N VAL A 89 11.94 22.62 -5.36
CA VAL A 89 12.71 22.87 -4.15
C VAL A 89 13.44 24.19 -4.26
N ALA A 90 12.67 25.26 -4.43
CA ALA A 90 13.20 26.61 -4.57
C ALA A 90 12.08 27.62 -4.40
N GLY A 91 11.11 27.28 -3.57
CA GLY A 91 9.98 28.17 -3.36
C GLY A 91 10.15 29.01 -2.11
N SER A 92 10.90 28.50 -1.15
CA SER A 92 11.16 29.24 0.09
C SER A 92 12.35 28.62 0.80
N LEU A 93 13.44 28.45 0.05
CA LEU A 93 14.64 27.84 0.58
C LEU A 93 15.86 28.60 0.10
N ILE A 94 16.22 29.63 0.86
CA ILE A 94 17.28 30.54 0.47
C ILE A 94 17.02 31.08 -0.94
N THR A 95 15.87 31.71 -1.11
CA THR A 95 15.47 32.26 -2.39
C THR A 95 15.79 33.76 -2.43
N LYS A 96 16.72 34.17 -1.58
CA LYS A 96 17.15 35.56 -1.52
C LYS A 96 18.52 35.62 -0.85
N SER A 97 19.53 35.16 -1.57
CA SER A 97 20.89 35.09 -1.03
C SER A 97 21.74 36.25 -1.53
N ASN A 98 21.12 37.39 -1.72
CA ASN A 98 21.84 38.59 -2.15
C ASN A 98 22.00 39.54 -0.97
N LEU A 99 23.24 39.81 -0.61
CA LEU A 99 23.54 40.68 0.52
C LEU A 99 24.09 41.99 0.01
N GLY B 1 -21.85 -19.37 -8.35
CA GLY B 1 -22.75 -18.38 -9.01
C GLY B 1 -23.09 -18.79 -10.43
N ALA B 2 -23.31 -17.81 -11.28
CA ALA B 2 -23.68 -18.06 -12.67
C ALA B 2 -22.45 -18.33 -13.52
N MET B 3 -22.00 -19.58 -13.50
CA MET B 3 -20.82 -20.01 -14.25
C MET B 3 -19.58 -19.20 -13.84
N SER B 4 -18.79 -18.78 -14.83
CA SER B 4 -17.53 -18.07 -14.60
C SER B 4 -16.46 -18.99 -14.03
N GLY B 5 -16.73 -19.54 -12.85
CA GLY B 5 -15.78 -20.42 -12.21
C GLY B 5 -14.67 -19.65 -11.53
N SER B 6 -13.98 -18.81 -12.32
CA SER B 6 -12.88 -17.99 -11.84
C SER B 6 -11.67 -18.84 -11.47
N PRO B 7 -10.46 -18.27 -11.54
CA PRO B 7 -9.23 -18.97 -11.17
C PRO B 7 -9.07 -19.08 -9.63
N PRO B 8 -8.20 -19.99 -9.15
CA PRO B 8 -8.07 -20.33 -7.71
C PRO B 8 -7.65 -19.17 -6.79
N LEU B 9 -8.06 -19.28 -5.52
CA LEU B 9 -7.62 -18.36 -4.47
C LEU B 9 -6.29 -18.84 -3.87
N PRO B 10 -5.34 -17.92 -3.64
CA PRO B 10 -3.97 -18.26 -3.20
C PRO B 10 -3.87 -18.77 -1.77
N PRO B 11 -2.90 -19.65 -1.50
CA PRO B 11 -2.58 -20.10 -0.13
C PRO B 11 -1.93 -18.98 0.70
N GLY B 12 -1.99 -19.11 2.02
CA GLY B 12 -1.43 -18.09 2.89
C GLY B 12 -2.38 -16.93 3.07
N ALA B 13 -3.33 -17.10 3.98
CA ALA B 13 -4.35 -16.08 4.26
C ALA B 13 -3.73 -14.70 4.44
N PRO B 14 -4.41 -13.65 3.95
CA PRO B 14 -3.87 -12.30 3.99
C PRO B 14 -4.06 -11.67 5.36
N PRO B 15 -3.02 -11.07 5.94
CA PRO B 15 -3.12 -10.49 7.28
C PRO B 15 -3.89 -9.17 7.29
N PRO B 16 -5.06 -9.14 7.94
CA PRO B 16 -5.83 -7.93 8.19
C PRO B 16 -5.84 -7.53 9.68
N PRO B 17 -4.68 -7.52 10.37
CA PRO B 17 -4.63 -7.33 11.81
C PRO B 17 -4.34 -5.87 12.20
N PRO B 18 -5.27 -5.19 12.88
CA PRO B 18 -4.98 -3.88 13.44
C PRO B 18 -3.76 -3.94 14.37
N PRO B 19 -2.73 -3.13 14.11
CA PRO B 19 -1.50 -3.17 14.90
C PRO B 19 -1.70 -2.42 16.22
N PRO B 20 -0.93 -2.76 17.26
CA PRO B 20 -1.13 -2.16 18.58
C PRO B 20 -0.83 -0.65 18.59
N PRO B 21 -1.80 0.21 18.96
CA PRO B 21 -1.48 1.60 19.26
C PRO B 21 -0.95 1.73 20.69
N PRO B 22 0.01 2.65 20.93
CA PRO B 22 0.53 2.87 22.27
C PRO B 22 -0.58 3.26 23.25
N SER B 23 -0.69 2.50 24.35
CA SER B 23 -1.77 2.72 25.31
C SER B 23 -1.54 4.00 26.12
N GLY B 24 -0.33 4.53 26.03
CA GLY B 24 -0.04 5.79 26.68
C GLY B 24 -0.21 6.96 25.73
N SER B 25 -1.17 7.82 26.04
CA SER B 25 -1.41 9.02 25.23
C SER B 25 -0.38 10.09 25.57
N GLY B 26 0.84 9.90 25.08
CA GLY B 26 1.92 10.82 25.36
C GLY B 26 1.81 12.11 24.58
N ASN B 27 2.05 13.22 25.25
CA ASN B 27 1.98 14.53 24.60
C ASN B 27 3.23 15.35 24.93
N GLY A 1 10.13 0.58 -22.86
CA GLY A 1 8.68 0.50 -23.20
C GLY A 1 8.35 -0.77 -23.97
N ALA A 2 9.19 -1.13 -24.93
CA ALA A 2 8.97 -2.32 -25.75
C ALA A 2 8.98 -3.58 -24.89
N MET A 3 7.94 -4.41 -25.06
CA MET A 3 7.78 -5.67 -24.32
C MET A 3 7.70 -5.40 -22.80
N GLY A 4 7.20 -4.22 -22.44
CA GLY A 4 7.07 -3.89 -21.01
C GLY A 4 5.62 -3.88 -20.57
N ALA A 5 4.72 -3.89 -21.54
CA ALA A 5 3.29 -3.89 -21.25
C ALA A 5 2.73 -5.30 -21.37
N LYS A 6 1.49 -5.50 -20.92
CA LYS A 6 0.81 -6.79 -20.99
C LYS A 6 1.39 -7.76 -19.96
N SER A 7 1.09 -7.51 -18.70
CA SER A 7 1.57 -8.33 -17.60
C SER A 7 0.78 -9.64 -17.54
N MET A 8 1.22 -10.57 -16.69
CA MET A 8 0.54 -11.83 -16.51
C MET A 8 -0.22 -11.84 -15.18
N TRP A 9 -0.23 -10.69 -14.53
CA TRP A 9 -0.95 -10.50 -13.29
C TRP A 9 -2.30 -9.84 -13.56
N THR A 10 -3.38 -10.43 -13.07
CA THR A 10 -4.71 -9.82 -13.21
C THR A 10 -5.32 -9.53 -11.84
N GLU A 11 -6.37 -8.69 -11.80
CA GLU A 11 -6.97 -8.25 -10.53
C GLU A 11 -8.35 -8.88 -10.33
N HIS A 12 -8.64 -9.39 -9.12
CA HIS A 12 -9.95 -9.98 -8.81
C HIS A 12 -10.34 -9.66 -7.35
N LYS A 13 -11.65 -9.66 -7.05
CA LYS A 13 -12.16 -9.35 -5.71
C LYS A 13 -12.68 -10.62 -5.01
N SER A 14 -12.49 -10.69 -3.69
CA SER A 14 -13.03 -11.79 -2.86
C SER A 14 -14.39 -11.34 -2.27
N PRO A 15 -15.28 -12.27 -1.79
CA PRO A 15 -16.61 -11.89 -1.24
C PRO A 15 -16.55 -10.90 -0.07
N ASP A 16 -15.34 -10.56 0.37
CA ASP A 16 -15.17 -9.68 1.53
C ASP A 16 -14.85 -8.24 1.09
N GLY A 17 -14.68 -8.04 -0.23
CA GLY A 17 -14.31 -6.72 -0.74
C GLY A 17 -12.81 -6.58 -0.92
N ARG A 18 -12.10 -7.63 -0.57
CA ARG A 18 -10.64 -7.66 -0.67
C ARG A 18 -10.21 -8.03 -2.08
N THR A 19 -8.96 -7.74 -2.38
CA THR A 19 -8.43 -7.90 -3.72
C THR A 19 -7.27 -8.91 -3.69
N TYR A 20 -7.18 -9.79 -4.69
CA TYR A 20 -6.05 -10.71 -4.79
C TYR A 20 -5.58 -10.79 -6.23
N TYR A 21 -4.28 -10.80 -6.42
CA TYR A 21 -3.70 -10.75 -7.76
C TYR A 21 -3.21 -12.15 -8.18
N TYR A 22 -3.57 -12.56 -9.39
CA TYR A 22 -3.27 -13.91 -9.89
C TYR A 22 -2.24 -13.83 -11.03
N ASN A 23 -1.26 -14.73 -11.03
CA ASN A 23 -0.27 -14.77 -12.10
C ASN A 23 -0.68 -15.85 -13.09
N THR A 24 -1.01 -15.43 -14.28
CA THR A 24 -1.64 -16.29 -15.26
C THR A 24 -0.67 -17.25 -15.94
N GLU A 25 0.62 -17.17 -15.63
CA GLU A 25 1.56 -18.08 -16.26
C GLU A 25 2.04 -19.13 -15.27
N THR A 26 2.31 -18.73 -14.03
CA THR A 26 2.79 -19.63 -13.01
C THR A 26 1.64 -20.29 -12.27
N LYS A 27 0.50 -19.59 -12.30
CA LYS A 27 -0.74 -20.00 -11.65
C LYS A 27 -0.68 -19.77 -10.15
N GLN A 28 0.14 -18.82 -9.70
CA GLN A 28 0.30 -18.53 -8.28
C GLN A 28 -0.46 -17.25 -7.87
N SER A 29 -1.02 -17.23 -6.64
CA SER A 29 -1.73 -16.04 -6.13
C SER A 29 -0.93 -15.33 -5.02
N THR A 30 -1.22 -14.04 -4.83
CA THR A 30 -0.56 -13.22 -3.78
C THR A 30 -1.51 -12.12 -3.26
N TRP A 31 -1.20 -11.55 -2.08
CA TRP A 31 -1.94 -10.39 -1.55
C TRP A 31 -1.13 -9.12 -1.83
N GLU A 32 0.11 -9.32 -2.28
CA GLU A 32 1.03 -8.22 -2.59
C GLU A 32 0.80 -7.72 -4.00
N LYS A 33 0.72 -6.41 -4.17
CA LYS A 33 0.59 -5.86 -5.50
C LYS A 33 1.96 -5.87 -6.19
N PRO A 34 2.12 -6.66 -7.26
CA PRO A 34 3.39 -6.72 -7.98
C PRO A 34 3.73 -5.38 -8.61
N ASP A 35 5.02 -5.02 -8.59
CA ASP A 35 5.50 -3.70 -9.00
C ASP A 35 5.14 -3.36 -10.44
N ASP A 36 4.74 -4.35 -11.22
CA ASP A 36 4.35 -4.15 -12.60
C ASP A 36 2.90 -3.63 -12.73
N LEU A 37 2.09 -3.84 -11.68
CA LEU A 37 0.70 -3.39 -11.70
C LEU A 37 0.55 -2.07 -10.97
N LYS A 38 1.57 -1.69 -10.22
CA LYS A 38 1.52 -0.49 -9.42
C LYS A 38 1.48 0.77 -10.29
N THR A 39 0.46 1.57 -10.04
CA THR A 39 0.33 2.88 -10.69
C THR A 39 1.45 3.81 -10.18
N PRO A 40 1.87 4.84 -10.96
CA PRO A 40 2.99 5.72 -10.54
C PRO A 40 2.85 6.20 -9.09
N ALA A 41 1.63 6.55 -8.72
CA ALA A 41 1.32 7.00 -7.37
C ALA A 41 1.67 5.93 -6.34
N GLU A 42 1.21 4.72 -6.61
CA GLU A 42 1.54 3.56 -5.79
C GLU A 42 3.05 3.34 -5.73
N GLN A 43 3.74 3.49 -6.87
CA GLN A 43 5.20 3.34 -6.89
C GLN A 43 5.88 4.36 -5.97
N LEU A 44 5.30 5.55 -5.92
CA LEU A 44 5.76 6.58 -5.01
C LEU A 44 5.51 6.15 -3.56
N LEU A 45 4.28 5.76 -3.28
CA LEU A 45 3.86 5.36 -1.95
C LEU A 45 4.63 4.13 -1.47
N SER A 46 4.90 3.24 -2.41
CA SER A 46 5.50 1.95 -2.13
C SER A 46 6.87 2.06 -1.48
N LYS A 47 7.60 3.16 -1.68
CA LYS A 47 8.92 3.29 -1.05
C LYS A 47 8.79 3.76 0.41
N CYS A 48 7.59 4.14 0.82
CA CYS A 48 7.37 4.62 2.17
C CYS A 48 7.04 3.45 3.10
N PRO A 49 7.88 3.20 4.13
CA PRO A 49 7.65 2.12 5.08
C PRO A 49 6.49 2.39 6.04
N TRP A 50 6.08 3.65 6.11
CA TRP A 50 4.93 4.06 6.92
C TRP A 50 3.68 4.12 6.05
N LYS A 51 2.62 3.38 6.40
CA LYS A 51 1.38 3.40 5.60
C LYS A 51 0.11 3.70 6.43
N GLU A 52 -0.78 4.47 5.80
CA GLU A 52 -2.06 4.92 6.39
C GLU A 52 -3.19 3.86 6.33
N TYR A 53 -3.70 3.47 7.51
CA TYR A 53 -4.98 2.75 7.61
C TYR A 53 -5.81 3.26 8.80
N LYS A 54 -7.12 3.03 8.77
CA LYS A 54 -8.04 3.51 9.80
C LYS A 54 -8.43 2.39 10.80
N SER A 55 -8.65 2.81 12.05
CA SER A 55 -9.08 1.90 13.13
C SER A 55 -10.62 1.76 13.20
N ASP A 56 -11.15 1.21 14.31
CA ASP A 56 -12.57 0.83 14.35
C ASP A 56 -13.46 2.07 14.47
N SER A 57 -13.00 3.10 15.18
CA SER A 57 -13.73 4.35 15.26
C SER A 57 -13.43 5.27 14.09
N GLY A 58 -12.42 4.93 13.31
CA GLY A 58 -12.00 5.77 12.22
C GLY A 58 -10.81 6.63 12.59
N LYS A 59 -10.29 6.40 13.80
CA LYS A 59 -9.08 7.07 14.26
C LYS A 59 -7.85 6.41 13.62
N PRO A 60 -7.07 7.15 12.80
CA PRO A 60 -5.98 6.57 11.98
C PRO A 60 -4.78 6.04 12.80
N TYR A 61 -4.11 5.02 12.26
CA TYR A 61 -2.83 4.51 12.78
C TYR A 61 -1.84 4.35 11.63
N TYR A 62 -0.54 4.50 11.88
CA TYR A 62 0.44 4.42 10.80
C TYR A 62 1.49 3.34 11.15
N TYR A 63 1.67 2.34 10.27
CA TYR A 63 2.55 1.17 10.57
C TYR A 63 3.83 1.21 9.73
N ASN A 64 4.94 0.77 10.33
CA ASN A 64 6.25 0.75 9.66
C ASN A 64 6.65 -0.68 9.34
N SER A 65 6.97 -0.92 8.08
CA SER A 65 7.27 -2.27 7.62
C SER A 65 8.70 -2.73 7.96
N GLN A 66 9.62 -1.79 8.24
CA GLN A 66 11.00 -2.18 8.55
C GLN A 66 11.17 -2.42 10.03
N THR A 67 10.66 -1.49 10.83
CA THR A 67 10.88 -1.52 12.27
C THR A 67 9.73 -2.21 12.98
N LYS A 68 8.64 -2.38 12.23
CA LYS A 68 7.46 -3.11 12.70
C LYS A 68 6.76 -2.37 13.84
N GLU A 69 6.96 -1.05 13.94
CA GLU A 69 6.35 -0.25 15.00
C GLU A 69 5.06 0.42 14.51
N SER A 70 4.15 0.67 15.46
CA SER A 70 2.88 1.35 15.18
C SER A 70 2.82 2.67 15.97
N ARG A 71 2.41 3.77 15.32
CA ARG A 71 2.26 5.06 16.02
C ARG A 71 0.86 5.65 15.78
N TRP A 72 0.42 6.48 16.72
CA TRP A 72 -0.86 7.17 16.57
C TRP A 72 -0.70 8.42 15.70
N ALA A 73 0.39 9.19 15.89
CA ALA A 73 0.63 10.41 15.12
C ALA A 73 1.42 10.16 13.84
N LYS A 74 1.15 10.96 12.82
CA LYS A 74 1.89 10.94 11.56
C LYS A 74 3.34 11.40 11.74
N PRO A 75 4.34 10.57 11.39
CA PRO A 75 5.73 11.04 11.31
C PRO A 75 5.94 11.93 10.07
N LYS A 76 6.90 12.86 10.16
CA LYS A 76 7.13 13.89 9.12
C LYS A 76 7.52 13.26 7.78
N GLU A 77 8.14 12.08 7.81
CA GLU A 77 8.48 11.36 6.59
C GLU A 77 7.26 11.13 5.72
N LEU A 78 6.14 10.75 6.35
CA LEU A 78 4.93 10.44 5.61
C LEU A 78 4.25 11.70 5.17
N GLU A 79 4.50 12.77 5.89
CA GLU A 79 3.92 14.05 5.58
C GLU A 79 4.50 14.56 4.27
N ASP A 80 5.81 14.40 4.11
CA ASP A 80 6.48 14.73 2.87
C ASP A 80 5.92 13.91 1.71
N LEU A 81 5.54 12.67 2.01
CA LEU A 81 4.92 11.80 1.02
C LEU A 81 3.61 12.39 0.52
N GLU A 82 2.83 12.94 1.45
CA GLU A 82 1.57 13.55 1.11
C GLU A 82 1.83 14.85 0.36
N GLY A 83 2.89 15.53 0.78
CA GLY A 83 3.28 16.78 0.16
C GLY A 83 4.22 16.56 -1.00
N TYR A 84 3.98 15.51 -1.76
CA TYR A 84 4.73 15.24 -2.96
C TYR A 84 4.26 16.21 -4.05
N GLN A 85 4.81 17.41 -4.03
CA GLN A 85 4.45 18.45 -4.97
C GLN A 85 5.58 18.66 -5.96
N ASN A 86 6.49 17.71 -5.99
CA ASN A 86 7.69 17.78 -6.82
C ASN A 86 8.54 19.00 -6.47
N THR A 87 8.58 19.32 -5.19
CA THR A 87 9.39 20.41 -4.69
C THR A 87 9.60 20.23 -3.18
N ILE A 88 10.84 20.37 -2.73
CA ILE A 88 11.18 20.15 -1.33
C ILE A 88 11.51 21.48 -0.65
N VAL A 89 11.11 21.61 0.60
CA VAL A 89 11.37 22.81 1.38
C VAL A 89 12.82 22.84 1.85
N ALA A 90 13.34 24.03 2.08
CA ALA A 90 14.70 24.20 2.58
C ALA A 90 14.77 23.96 4.09
N GLY A 91 14.54 22.72 4.50
CA GLY A 91 14.53 22.40 5.93
C GLY A 91 15.94 22.25 6.49
N SER A 92 16.94 22.66 5.71
CA SER A 92 18.32 22.61 6.13
C SER A 92 19.06 23.84 5.59
N LEU A 93 19.49 24.73 6.48
CA LEU A 93 20.13 25.97 6.06
C LEU A 93 21.63 25.91 6.28
N ILE A 94 22.37 25.89 5.18
CA ILE A 94 23.82 25.77 5.20
C ILE A 94 24.45 26.90 6.02
N THR A 95 24.90 26.58 7.24
CA THR A 95 25.58 27.55 8.09
C THR A 95 24.65 28.72 8.43
N LYS A 96 23.37 28.41 8.62
CA LYS A 96 22.38 29.42 8.97
C LYS A 96 21.22 28.79 9.74
N SER A 97 21.41 27.55 10.16
CA SER A 97 20.40 26.84 10.95
C SER A 97 20.60 27.15 12.42
N ASN A 98 21.86 27.21 12.84
CA ASN A 98 22.21 27.57 14.20
C ASN A 98 23.33 28.60 14.18
N LEU A 99 22.96 29.86 14.05
CA LEU A 99 23.94 30.93 13.98
C LEU A 99 23.63 31.96 15.05
N GLY B 1 -18.63 -21.07 -14.28
CA GLY B 1 -18.35 -21.77 -13.01
C GLY B 1 -17.56 -23.04 -13.22
N ALA B 2 -18.28 -24.16 -13.32
CA ALA B 2 -17.69 -25.48 -13.51
C ALA B 2 -16.79 -25.87 -12.32
N MET B 3 -15.53 -25.46 -12.37
CA MET B 3 -14.61 -25.72 -11.27
C MET B 3 -14.70 -24.61 -10.24
N SER B 4 -14.64 -23.38 -10.72
CA SER B 4 -14.70 -22.21 -9.86
C SER B 4 -14.84 -20.94 -10.70
N GLY B 5 -15.86 -20.14 -10.38
CA GLY B 5 -16.12 -18.92 -11.11
C GLY B 5 -14.98 -17.93 -11.03
N SER B 6 -14.27 -17.96 -9.91
CA SER B 6 -13.10 -17.10 -9.73
C SER B 6 -11.90 -17.96 -9.32
N PRO B 7 -10.68 -17.51 -9.62
CA PRO B 7 -9.45 -18.25 -9.28
C PRO B 7 -9.17 -18.26 -7.76
N PRO B 8 -8.29 -19.16 -7.28
CA PRO B 8 -8.04 -19.38 -5.83
C PRO B 8 -7.51 -18.17 -5.06
N LEU B 9 -7.79 -18.16 -3.75
CA LEU B 9 -7.27 -17.16 -2.83
C LEU B 9 -5.91 -17.61 -2.28
N PRO B 10 -4.98 -16.65 -2.06
CA PRO B 10 -3.63 -16.96 -1.57
C PRO B 10 -3.58 -17.23 -0.07
N PRO B 11 -2.58 -18.03 0.38
CA PRO B 11 -2.30 -18.23 1.81
C PRO B 11 -1.80 -16.96 2.49
N GLY B 12 -1.92 -16.89 3.82
CA GLY B 12 -1.45 -15.73 4.56
C GLY B 12 -2.53 -14.67 4.71
N ALA B 13 -2.24 -13.65 5.51
CA ALA B 13 -3.19 -12.56 5.73
C ALA B 13 -2.55 -11.23 5.36
N PRO B 14 -3.30 -10.40 4.60
CA PRO B 14 -2.79 -9.17 4.01
C PRO B 14 -2.80 -7.98 4.98
N PRO B 15 -2.29 -6.80 4.56
CA PRO B 15 -2.35 -5.56 5.36
C PRO B 15 -3.72 -5.21 5.97
N PRO B 16 -4.85 -5.25 5.18
CA PRO B 16 -6.18 -4.81 5.67
C PRO B 16 -6.56 -5.30 7.09
N PRO B 17 -6.38 -6.61 7.44
CA PRO B 17 -6.50 -7.04 8.84
C PRO B 17 -5.61 -6.20 9.76
N PRO B 18 -6.19 -5.33 10.61
CA PRO B 18 -5.42 -4.31 11.33
C PRO B 18 -4.39 -4.89 12.29
N PRO B 19 -3.11 -4.50 12.13
CA PRO B 19 -2.06 -4.81 13.10
C PRO B 19 -2.24 -3.98 14.37
N PRO B 20 -1.65 -4.42 15.49
CA PRO B 20 -1.91 -3.83 16.82
C PRO B 20 -1.58 -2.35 16.91
N PRO B 21 -2.54 -1.48 17.32
CA PRO B 21 -2.22 -0.12 17.71
C PRO B 21 -1.70 -0.08 19.15
N PRO B 22 -0.81 0.88 19.47
CA PRO B 22 -0.24 1.01 20.82
C PRO B 22 -1.30 1.28 21.87
N SER B 23 -1.25 0.53 22.97
CA SER B 23 -2.22 0.65 24.04
C SER B 23 -1.97 1.90 24.89
N GLY B 24 -0.75 2.41 24.84
CA GLY B 24 -0.41 3.61 25.58
C GLY B 24 -0.39 4.83 24.72
N SER B 25 0.75 5.51 24.69
CA SER B 25 0.96 6.73 23.89
C SER B 25 0.12 7.90 24.39
N GLY B 26 -1.18 7.84 24.16
CA GLY B 26 -2.06 8.91 24.58
C GLY B 26 -3.33 8.37 25.21
N ASN B 27 -3.18 7.32 26.00
CA ASN B 27 -4.30 6.68 26.66
C ASN B 27 -4.42 7.19 28.09
N GLY A 1 0.42 6.21 -17.04
CA GLY A 1 0.17 5.42 -18.27
C GLY A 1 -0.48 4.07 -17.99
N ALA A 2 -1.21 3.97 -16.89
CA ALA A 2 -1.89 2.73 -16.54
C ALA A 2 -3.26 2.66 -17.21
N MET A 3 -3.28 2.16 -18.44
CA MET A 3 -4.51 2.11 -19.22
C MET A 3 -5.09 0.70 -19.24
N GLY A 4 -4.35 -0.26 -18.70
CA GLY A 4 -4.80 -1.65 -18.70
C GLY A 4 -3.74 -2.57 -18.13
N ALA A 5 -4.02 -3.87 -18.10
CA ALA A 5 -3.09 -4.82 -17.51
C ALA A 5 -2.08 -5.32 -18.54
N LYS A 6 -0.99 -4.57 -18.70
CA LYS A 6 0.06 -4.95 -19.64
C LYS A 6 1.06 -5.84 -18.92
N SER A 7 0.58 -7.02 -18.55
CA SER A 7 1.30 -7.91 -17.67
C SER A 7 0.61 -9.28 -17.69
N MET A 8 1.14 -10.23 -16.93
CA MET A 8 0.52 -11.55 -16.82
C MET A 8 -0.22 -11.67 -15.50
N TRP A 9 -0.30 -10.54 -14.82
CA TRP A 9 -1.05 -10.43 -13.59
C TRP A 9 -2.40 -9.76 -13.87
N THR A 10 -3.49 -10.39 -13.46
CA THR A 10 -4.82 -9.80 -13.61
C THR A 10 -5.49 -9.62 -12.23
N GLU A 11 -6.56 -8.81 -12.18
CA GLU A 11 -7.19 -8.46 -10.90
C GLU A 11 -8.58 -9.12 -10.75
N HIS A 12 -8.84 -9.74 -9.59
CA HIS A 12 -10.14 -10.40 -9.34
C HIS A 12 -10.57 -10.18 -7.88
N LYS A 13 -11.87 -10.31 -7.60
CA LYS A 13 -12.41 -10.11 -6.25
C LYS A 13 -12.91 -11.45 -5.64
N SER A 14 -12.75 -11.62 -4.33
CA SER A 14 -13.30 -12.76 -3.59
C SER A 14 -14.65 -12.34 -2.97
N PRO A 15 -15.55 -13.31 -2.55
CA PRO A 15 -16.87 -12.96 -1.99
C PRO A 15 -16.81 -12.05 -0.75
N ASP A 16 -15.62 -11.73 -0.28
CA ASP A 16 -15.48 -10.94 0.95
C ASP A 16 -15.08 -9.48 0.62
N GLY A 17 -14.98 -9.15 -0.67
CA GLY A 17 -14.64 -7.79 -1.08
C GLY A 17 -13.13 -7.62 -1.23
N ARG A 18 -12.42 -8.70 -0.97
CA ARG A 18 -10.96 -8.71 -1.06
C ARG A 18 -10.53 -8.92 -2.51
N THR A 19 -9.29 -8.57 -2.80
CA THR A 19 -8.77 -8.62 -4.15
C THR A 19 -7.57 -9.56 -4.20
N TYR A 20 -7.50 -10.44 -5.21
CA TYR A 20 -6.36 -11.33 -5.34
C TYR A 20 -5.86 -11.31 -6.77
N TYR A 21 -4.54 -11.23 -6.94
CA TYR A 21 -3.95 -11.06 -8.25
C TYR A 21 -3.40 -12.41 -8.75
N TYR A 22 -3.73 -12.74 -10.00
CA TYR A 22 -3.38 -14.05 -10.58
C TYR A 22 -2.32 -13.89 -11.68
N ASN A 23 -1.33 -14.77 -11.70
CA ASN A 23 -0.31 -14.75 -12.76
C ASN A 23 -0.69 -15.80 -13.80
N THR A 24 -0.99 -15.33 -14.99
CA THR A 24 -1.57 -16.16 -16.03
C THR A 24 -0.59 -17.13 -16.66
N GLU A 25 0.69 -17.04 -16.33
CA GLU A 25 1.66 -17.91 -16.96
C GLU A 25 2.11 -19.00 -15.99
N THR A 26 2.41 -18.60 -14.75
CA THR A 26 2.92 -19.52 -13.75
C THR A 26 1.79 -20.21 -13.02
N LYS A 27 0.61 -19.61 -13.16
CA LYS A 27 -0.62 -20.12 -12.60
C LYS A 27 -0.66 -19.89 -11.08
N GLN A 28 0.17 -18.96 -10.60
CA GLN A 28 0.32 -18.72 -9.16
C GLN A 28 -0.49 -17.48 -8.72
N SER A 29 -1.06 -17.53 -7.51
CA SER A 29 -1.82 -16.40 -6.96
C SER A 29 -1.06 -15.73 -5.79
N THR A 30 -1.42 -14.46 -5.50
CA THR A 30 -0.84 -13.71 -4.38
C THR A 30 -1.84 -12.70 -3.81
N TRP A 31 -1.60 -12.22 -2.57
CA TRP A 31 -2.42 -11.17 -1.96
C TRP A 31 -1.70 -9.82 -2.11
N GLU A 32 -0.43 -9.90 -2.49
CA GLU A 32 0.43 -8.73 -2.64
C GLU A 32 0.30 -8.16 -4.03
N LYS A 33 0.32 -6.85 -4.15
CA LYS A 33 0.25 -6.21 -5.45
C LYS A 33 1.63 -6.20 -6.10
N PRO A 34 1.81 -6.92 -7.23
CA PRO A 34 3.10 -6.95 -7.92
C PRO A 34 3.47 -5.56 -8.46
N ASP A 35 4.77 -5.25 -8.41
CA ASP A 35 5.29 -3.91 -8.74
C ASP A 35 4.98 -3.48 -10.18
N ASP A 36 4.58 -4.43 -11.00
CA ASP A 36 4.20 -4.14 -12.38
C ASP A 36 2.77 -3.58 -12.48
N LEU A 37 1.92 -3.91 -11.49
CA LEU A 37 0.52 -3.47 -11.49
C LEU A 37 0.36 -2.20 -10.68
N LYS A 38 1.37 -1.88 -9.89
CA LYS A 38 1.32 -0.71 -9.04
C LYS A 38 1.29 0.56 -9.87
N THR A 39 0.28 1.37 -9.60
CA THR A 39 0.14 2.69 -10.20
C THR A 39 1.29 3.60 -9.73
N PRO A 40 1.68 4.67 -10.48
CA PRO A 40 2.80 5.55 -10.06
C PRO A 40 2.67 5.99 -8.60
N ALA A 41 1.44 6.31 -8.21
CA ALA A 41 1.12 6.70 -6.85
C ALA A 41 1.57 5.61 -5.87
N GLU A 42 1.11 4.41 -6.13
CA GLU A 42 1.47 3.24 -5.33
C GLU A 42 2.99 3.02 -5.33
N GLN A 43 3.62 3.16 -6.51
CA GLN A 43 5.08 2.99 -6.61
C GLN A 43 5.82 3.96 -5.70
N LEU A 44 5.42 5.21 -5.71
CA LEU A 44 6.05 6.21 -4.86
C LEU A 44 5.66 6.05 -3.39
N LEU A 45 4.41 5.65 -3.14
CA LEU A 45 3.93 5.44 -1.78
C LEU A 45 4.55 4.19 -1.16
N SER A 46 4.75 3.17 -1.99
CA SER A 46 5.23 1.88 -1.53
C SER A 46 6.57 1.96 -0.82
N LYS A 47 7.42 2.93 -1.17
CA LYS A 47 8.74 3.01 -0.54
C LYS A 47 8.63 3.61 0.87
N CYS A 48 7.44 4.10 1.23
CA CYS A 48 7.24 4.65 2.56
C CYS A 48 6.91 3.52 3.53
N PRO A 49 7.81 3.24 4.50
CA PRO A 49 7.60 2.15 5.46
C PRO A 49 6.48 2.47 6.45
N TRP A 50 6.11 3.74 6.53
CA TRP A 50 4.99 4.20 7.35
C TRP A 50 3.73 4.25 6.49
N LYS A 51 2.66 3.58 6.88
CA LYS A 51 1.42 3.57 6.08
C LYS A 51 0.17 3.91 6.92
N GLU A 52 -0.70 4.73 6.32
CA GLU A 52 -1.96 5.18 6.95
C GLU A 52 -3.08 4.13 6.96
N TYR A 53 -3.56 3.81 8.17
CA TYR A 53 -4.88 3.16 8.32
C TYR A 53 -5.65 3.81 9.47
N LYS A 54 -6.97 3.72 9.41
CA LYS A 54 -7.84 4.37 10.40
C LYS A 54 -8.40 3.35 11.41
N SER A 55 -8.50 3.79 12.66
CA SER A 55 -8.97 2.96 13.79
C SER A 55 -10.51 2.89 13.85
N ASP A 56 -11.07 2.44 14.99
CA ASP A 56 -12.52 2.13 15.03
C ASP A 56 -13.34 3.41 15.07
N SER A 57 -12.84 4.46 15.72
CA SER A 57 -13.51 5.76 15.68
C SER A 57 -13.15 6.54 14.43
N GLY A 58 -12.12 6.10 13.75
CA GLY A 58 -11.62 6.81 12.60
C GLY A 58 -10.39 7.64 12.95
N LYS A 59 -9.93 7.49 14.19
CA LYS A 59 -8.71 8.14 14.65
C LYS A 59 -7.49 7.41 14.06
N PRO A 60 -6.69 8.09 13.20
CA PRO A 60 -5.60 7.42 12.44
C PRO A 60 -4.42 6.91 13.29
N TYR A 61 -3.81 5.81 12.82
CA TYR A 61 -2.55 5.27 13.36
C TYR A 61 -1.62 5.00 12.19
N TYR A 62 -0.30 5.08 12.40
CA TYR A 62 0.63 4.93 11.29
C TYR A 62 1.66 3.83 11.65
N TYR A 63 1.77 2.79 10.82
CA TYR A 63 2.62 1.61 11.14
C TYR A 63 3.89 1.57 10.25
N ASN A 64 5.00 1.09 10.84
CA ASN A 64 6.29 1.00 10.13
C ASN A 64 6.61 -0.45 9.82
N SER A 65 6.95 -0.72 8.57
CA SER A 65 7.21 -2.07 8.12
C SER A 65 8.59 -2.61 8.56
N GLN A 66 9.57 -1.73 8.74
CA GLN A 66 10.94 -2.19 9.02
C GLN A 66 11.12 -2.42 10.51
N THR A 67 10.64 -1.47 11.29
CA THR A 67 10.88 -1.50 12.72
C THR A 67 9.66 -2.07 13.44
N LYS A 68 8.57 -2.14 12.70
CA LYS A 68 7.32 -2.73 13.14
C LYS A 68 6.71 -1.96 14.32
N GLU A 69 6.99 -0.66 14.41
CA GLU A 69 6.47 0.17 15.49
C GLU A 69 5.21 0.93 15.03
N SER A 70 4.35 1.26 16.00
CA SER A 70 3.11 2.00 15.75
C SER A 70 3.14 3.36 16.48
N ARG A 71 2.73 4.44 15.81
CA ARG A 71 2.63 5.78 16.44
C ARG A 71 1.26 6.40 16.20
N TRP A 72 0.85 7.30 17.09
CA TRP A 72 -0.40 8.05 16.92
C TRP A 72 -0.19 9.23 15.97
N ALA A 73 0.94 9.97 16.13
CA ALA A 73 1.24 11.13 15.30
C ALA A 73 1.94 10.76 14.00
N LYS A 74 1.61 11.49 12.93
CA LYS A 74 2.26 11.36 11.64
C LYS A 74 3.72 11.81 11.69
N PRO A 75 4.70 10.93 11.37
CA PRO A 75 6.10 11.36 11.20
C PRO A 75 6.30 12.15 9.89
N LYS A 76 7.31 13.01 9.90
CA LYS A 76 7.61 13.95 8.81
C LYS A 76 7.82 13.24 7.46
N GLU A 77 8.39 12.04 7.52
CA GLU A 77 8.65 11.26 6.31
C GLU A 77 7.37 11.06 5.51
N LEU A 78 6.27 10.76 6.20
CA LEU A 78 5.03 10.46 5.55
C LEU A 78 4.35 11.74 5.11
N GLU A 79 4.64 12.80 5.84
CA GLU A 79 4.06 14.10 5.55
C GLU A 79 4.53 14.58 4.19
N ASP A 80 5.83 14.50 3.98
CA ASP A 80 6.44 14.87 2.71
C ASP A 80 5.87 14.03 1.57
N LEU A 81 5.58 12.77 1.89
CA LEU A 81 5.05 11.83 0.91
C LEU A 81 3.66 12.27 0.45
N GLU A 82 2.85 12.71 1.38
CA GLU A 82 1.50 13.15 1.05
C GLU A 82 1.52 14.49 0.32
N GLY A 83 2.55 15.28 0.61
CA GLY A 83 2.70 16.58 -0.01
C GLY A 83 3.16 16.48 -1.45
N TYR A 84 3.29 15.25 -1.94
CA TYR A 84 3.65 15.03 -3.32
C TYR A 84 2.49 15.35 -4.25
N GLN A 85 2.39 16.62 -4.60
CA GLN A 85 1.46 17.06 -5.63
C GLN A 85 2.20 17.21 -6.95
N ASN A 86 3.32 16.49 -7.02
CA ASN A 86 4.26 16.56 -8.15
C ASN A 86 5.07 17.86 -8.11
N THR A 87 4.45 18.91 -7.60
CA THR A 87 5.11 20.19 -7.41
C THR A 87 5.94 20.19 -6.13
N ILE A 88 5.26 20.13 -4.98
CA ILE A 88 5.89 20.29 -3.67
C ILE A 88 6.61 21.64 -3.62
N VAL A 89 6.02 22.63 -4.29
CA VAL A 89 6.56 23.99 -4.40
C VAL A 89 7.84 24.04 -5.25
N ALA A 90 8.68 23.02 -5.11
CA ALA A 90 9.94 22.88 -5.84
C ALA A 90 10.91 24.00 -5.46
N GLY A 91 10.74 24.53 -4.27
CA GLY A 91 11.58 25.61 -3.80
C GLY A 91 11.27 26.03 -2.38
N SER A 92 10.54 25.20 -1.65
CA SER A 92 10.14 25.53 -0.28
C SER A 92 11.21 25.07 0.71
N LEU A 93 12.45 25.27 0.33
CA LEU A 93 13.58 24.86 1.13
C LEU A 93 14.75 25.78 0.87
N ILE A 94 15.46 26.15 1.92
CA ILE A 94 16.60 27.03 1.81
C ILE A 94 17.80 26.26 1.26
N THR A 95 17.89 26.16 -0.07
CA THR A 95 19.00 25.48 -0.71
C THR A 95 20.13 26.47 -1.00
N LYS A 96 20.33 27.40 -0.07
CA LYS A 96 21.36 28.41 -0.21
C LYS A 96 21.75 28.97 1.16
N SER A 97 22.66 28.29 1.82
CA SER A 97 23.18 28.74 3.10
C SER A 97 24.70 28.60 3.13
N ASN A 98 25.35 29.25 2.16
CA ASN A 98 26.81 29.21 2.06
C ASN A 98 27.35 30.61 1.78
N LEU A 99 27.88 31.24 2.81
CA LEU A 99 28.48 32.56 2.66
C LEU A 99 29.89 32.55 3.23
N GLY B 1 -21.72 -26.92 -12.97
CA GLY B 1 -20.35 -26.72 -13.47
C GLY B 1 -19.68 -25.53 -12.82
N ALA B 2 -18.45 -25.25 -13.24
CA ALA B 2 -17.69 -24.15 -12.66
C ALA B 2 -17.95 -22.85 -13.41
N MET B 3 -19.23 -22.53 -13.59
CA MET B 3 -19.62 -21.31 -14.27
C MET B 3 -19.11 -20.10 -13.51
N SER B 4 -18.20 -19.37 -14.15
CA SER B 4 -17.50 -18.25 -13.52
C SER B 4 -16.95 -18.66 -12.15
N GLY B 5 -16.35 -19.84 -12.10
CA GLY B 5 -15.81 -20.37 -10.87
C GLY B 5 -14.64 -19.56 -10.34
N SER B 6 -14.03 -18.78 -11.23
CA SER B 6 -12.92 -17.90 -10.89
C SER B 6 -11.66 -18.69 -10.53
N PRO B 7 -10.48 -18.09 -10.71
CA PRO B 7 -9.20 -18.73 -10.39
C PRO B 7 -8.94 -18.81 -8.87
N PRO B 8 -8.04 -19.71 -8.43
CA PRO B 8 -7.81 -20.03 -7.00
C PRO B 8 -7.39 -18.85 -6.10
N LEU B 9 -7.73 -18.98 -4.81
CA LEU B 9 -7.31 -18.02 -3.78
C LEU B 9 -5.95 -18.43 -3.18
N PRO B 10 -5.05 -17.45 -2.98
CA PRO B 10 -3.67 -17.70 -2.51
C PRO B 10 -3.53 -17.99 -1.01
N PRO B 11 -2.49 -18.76 -0.63
CA PRO B 11 -2.06 -18.89 0.78
C PRO B 11 -1.35 -17.62 1.31
N GLY B 12 -1.32 -17.46 2.62
CA GLY B 12 -0.59 -16.33 3.21
C GLY B 12 -1.45 -15.10 3.36
N ALA B 13 -2.42 -15.16 4.28
CA ALA B 13 -3.39 -14.09 4.51
C ALA B 13 -2.73 -12.71 4.56
N PRO B 14 -3.40 -11.70 3.97
CA PRO B 14 -2.86 -10.36 3.85
C PRO B 14 -3.04 -9.56 5.14
N PRO B 15 -2.49 -8.32 5.20
CA PRO B 15 -2.66 -7.41 6.34
C PRO B 15 -4.03 -7.56 7.01
N PRO B 16 -4.04 -8.05 8.26
CA PRO B 16 -5.26 -8.31 9.01
C PRO B 16 -5.88 -7.04 9.58
N PRO B 17 -6.96 -7.17 10.39
CA PRO B 17 -7.48 -6.06 11.20
C PRO B 17 -6.36 -5.26 11.89
N PRO B 18 -6.64 -4.03 12.35
CA PRO B 18 -5.62 -3.08 12.80
C PRO B 18 -4.59 -3.68 13.76
N PRO B 19 -3.29 -3.58 13.41
CA PRO B 19 -2.20 -3.96 14.30
C PRO B 19 -2.16 -3.02 15.51
N PRO B 20 -1.56 -3.45 16.63
CA PRO B 20 -1.71 -2.76 17.92
C PRO B 20 -1.32 -1.28 17.88
N PRO B 21 -2.25 -0.37 18.21
CA PRO B 21 -1.88 0.99 18.55
C PRO B 21 -1.43 1.07 20.01
N PRO B 22 -0.48 1.96 20.35
CA PRO B 22 -0.04 2.11 21.73
C PRO B 22 -1.19 2.54 22.65
N SER B 23 -1.45 1.75 23.68
CA SER B 23 -2.50 2.08 24.64
C SER B 23 -1.97 3.12 25.62
N GLY B 24 -0.66 3.10 25.82
CA GLY B 24 -0.03 4.05 26.71
C GLY B 24 1.22 3.48 27.34
N SER B 25 2.37 3.98 26.90
CA SER B 25 3.63 3.58 27.48
C SER B 25 3.82 4.29 28.83
N GLY B 26 3.16 3.78 29.84
CA GLY B 26 3.24 4.38 31.16
C GLY B 26 4.21 3.63 32.05
N ASN B 27 5.47 3.62 31.67
CA ASN B 27 6.50 2.95 32.46
C ASN B 27 7.33 3.99 33.20
N GLY A 1 3.17 1.96 -18.04
CA GLY A 1 3.52 1.69 -19.47
C GLY A 1 4.86 0.99 -19.59
N ALA A 2 4.84 -0.34 -19.63
CA ALA A 2 6.05 -1.12 -19.75
C ALA A 2 5.95 -2.12 -20.90
N MET A 3 6.43 -1.73 -22.07
CA MET A 3 6.35 -2.60 -23.24
C MET A 3 7.44 -3.67 -23.19
N GLY A 4 8.49 -3.41 -22.43
CA GLY A 4 9.58 -4.40 -22.31
C GLY A 4 9.31 -5.37 -21.19
N ALA A 5 8.17 -5.21 -20.52
CA ALA A 5 7.79 -6.09 -19.44
C ALA A 5 6.36 -6.59 -19.63
N LYS A 6 6.21 -7.88 -19.85
CA LYS A 6 4.89 -8.46 -20.03
C LYS A 6 4.33 -8.91 -18.68
N SER A 7 3.52 -8.05 -18.07
CA SER A 7 2.95 -8.36 -16.77
C SER A 7 1.93 -9.48 -16.89
N MET A 8 2.17 -10.57 -16.16
CA MET A 8 1.32 -11.75 -16.23
C MET A 8 0.45 -11.85 -14.97
N TRP A 9 0.21 -10.70 -14.38
CA TRP A 9 -0.66 -10.59 -13.23
C TRP A 9 -1.98 -9.95 -13.64
N THR A 10 -3.09 -10.61 -13.35
CA THR A 10 -4.42 -10.05 -13.65
C THR A 10 -5.21 -9.79 -12.36
N GLU A 11 -6.28 -9.00 -12.44
CA GLU A 11 -7.01 -8.58 -11.23
C GLU A 11 -8.40 -9.23 -11.16
N HIS A 12 -8.75 -9.79 -9.99
CA HIS A 12 -10.08 -10.40 -9.79
C HIS A 12 -10.58 -10.14 -8.36
N LYS A 13 -11.91 -10.13 -8.17
CA LYS A 13 -12.53 -9.83 -6.88
C LYS A 13 -13.17 -11.11 -6.27
N SER A 14 -13.08 -11.25 -4.93
CA SER A 14 -13.74 -12.35 -4.20
C SER A 14 -15.14 -11.89 -3.73
N PRO A 15 -16.06 -12.80 -3.31
CA PRO A 15 -17.40 -12.40 -2.81
C PRO A 15 -17.38 -11.43 -1.62
N ASP A 16 -16.19 -11.12 -1.11
CA ASP A 16 -16.08 -10.28 0.09
C ASP A 16 -15.56 -8.88 -0.27
N GLY A 17 -15.42 -8.59 -1.57
CA GLY A 17 -14.98 -7.27 -2.00
C GLY A 17 -13.47 -7.16 -2.08
N ARG A 18 -12.81 -8.22 -1.68
CA ARG A 18 -11.36 -8.30 -1.67
C ARG A 18 -10.84 -8.59 -3.08
N THR A 19 -9.57 -8.30 -3.30
CA THR A 19 -8.98 -8.46 -4.62
C THR A 19 -7.81 -9.44 -4.53
N TYR A 20 -7.72 -10.37 -5.46
CA TYR A 20 -6.61 -11.31 -5.48
C TYR A 20 -5.99 -11.36 -6.86
N TYR A 21 -4.68 -11.28 -6.92
CA TYR A 21 -3.99 -11.16 -8.20
C TYR A 21 -3.42 -12.52 -8.62
N TYR A 22 -3.66 -12.91 -9.87
CA TYR A 22 -3.27 -14.23 -10.38
C TYR A 22 -2.14 -14.07 -11.40
N ASN A 23 -1.12 -14.94 -11.33
CA ASN A 23 -0.03 -14.91 -12.29
C ASN A 23 -0.31 -15.96 -13.36
N THR A 24 -0.53 -15.48 -14.57
CA THR A 24 -1.03 -16.29 -15.66
C THR A 24 0.00 -17.24 -16.22
N GLU A 25 1.26 -17.14 -15.81
CA GLU A 25 2.28 -18.02 -16.39
C GLU A 25 2.72 -19.08 -15.37
N THR A 26 2.79 -18.71 -14.10
CA THR A 26 3.20 -19.63 -13.06
C THR A 26 2.01 -20.36 -12.45
N LYS A 27 0.86 -19.74 -12.62
CA LYS A 27 -0.42 -20.26 -12.13
C LYS A 27 -0.53 -20.05 -10.61
N GLN A 28 0.21 -19.08 -10.09
CA GLN A 28 0.26 -18.83 -8.64
C GLN A 28 -0.57 -17.58 -8.26
N SER A 29 -1.25 -17.63 -7.11
CA SER A 29 -2.05 -16.48 -6.62
C SER A 29 -1.39 -15.82 -5.39
N THR A 30 -1.75 -14.56 -5.14
CA THR A 30 -1.22 -13.79 -3.99
C THR A 30 -2.24 -12.75 -3.49
N TRP A 31 -2.05 -12.26 -2.25
CA TRP A 31 -2.89 -11.18 -1.69
C TRP A 31 -2.12 -9.86 -1.82
N GLU A 32 -0.83 -9.96 -2.16
CA GLU A 32 0.06 -8.80 -2.29
C GLU A 32 -0.01 -8.25 -3.70
N LYS A 33 0.06 -6.93 -3.83
CA LYS A 33 0.05 -6.32 -5.15
C LYS A 33 1.47 -6.27 -5.71
N PRO A 34 1.73 -6.98 -6.83
CA PRO A 34 3.05 -6.96 -7.46
C PRO A 34 3.38 -5.59 -8.05
N ASP A 35 4.66 -5.20 -7.96
CA ASP A 35 5.11 -3.84 -8.31
C ASP A 35 4.75 -3.44 -9.75
N ASP A 36 4.53 -4.43 -10.61
CA ASP A 36 4.20 -4.17 -12.01
C ASP A 36 2.76 -3.66 -12.16
N LEU A 37 1.92 -3.96 -11.19
CA LEU A 37 0.53 -3.52 -11.23
C LEU A 37 0.33 -2.26 -10.41
N LYS A 38 1.34 -1.91 -9.62
CA LYS A 38 1.27 -0.73 -8.79
C LYS A 38 1.30 0.55 -9.63
N THR A 39 0.27 1.36 -9.42
CA THR A 39 0.17 2.65 -10.06
C THR A 39 1.28 3.59 -9.55
N PRO A 40 1.75 4.61 -10.32
CA PRO A 40 2.86 5.49 -9.89
C PRO A 40 2.69 5.96 -8.45
N ALA A 41 1.46 6.32 -8.11
CA ALA A 41 1.12 6.78 -6.77
C ALA A 41 1.47 5.72 -5.73
N GLU A 42 0.98 4.52 -5.97
CA GLU A 42 1.29 3.37 -5.12
C GLU A 42 2.81 3.15 -5.03
N GLN A 43 3.50 3.25 -6.16
CA GLN A 43 4.96 3.09 -6.16
C GLN A 43 5.63 4.15 -5.28
N LEU A 44 5.09 5.36 -5.33
CA LEU A 44 5.57 6.44 -4.47
C LEU A 44 5.35 6.09 -3.01
N LEU A 45 4.12 5.72 -2.69
CA LEU A 45 3.72 5.43 -1.32
C LEU A 45 4.41 4.18 -0.78
N SER A 46 4.61 3.20 -1.67
CA SER A 46 5.16 1.91 -1.28
C SER A 46 6.57 2.00 -0.73
N LYS A 47 7.34 3.02 -1.11
CA LYS A 47 8.72 3.11 -0.61
C LYS A 47 8.74 3.80 0.76
N CYS A 48 7.62 4.40 1.15
CA CYS A 48 7.51 5.04 2.45
C CYS A 48 7.31 3.97 3.52
N PRO A 49 8.22 3.87 4.50
CA PRO A 49 8.13 2.84 5.53
C PRO A 49 6.96 3.09 6.48
N TRP A 50 6.51 4.34 6.53
CA TRP A 50 5.34 4.70 7.32
C TRP A 50 4.10 4.69 6.43
N LYS A 51 3.06 3.92 6.80
CA LYS A 51 1.84 3.86 5.98
C LYS A 51 0.55 4.06 6.79
N GLU A 52 -0.39 4.79 6.20
CA GLU A 52 -1.70 5.12 6.78
C GLU A 52 -2.73 3.97 6.75
N TYR A 53 -3.20 3.57 7.94
CA TYR A 53 -4.45 2.79 8.07
C TYR A 53 -5.26 3.31 9.28
N LYS A 54 -6.56 3.01 9.30
CA LYS A 54 -7.45 3.50 10.36
C LYS A 54 -7.84 2.38 11.35
N SER A 55 -8.12 2.78 12.59
CA SER A 55 -8.60 1.84 13.65
C SER A 55 -10.13 1.74 13.64
N ASP A 56 -10.72 1.20 14.72
CA ASP A 56 -12.15 0.85 14.71
C ASP A 56 -13.03 2.11 14.75
N SER A 57 -12.59 3.16 15.44
CA SER A 57 -13.33 4.42 15.45
C SER A 57 -13.06 5.27 14.22
N GLY A 58 -12.03 4.90 13.46
CA GLY A 58 -11.61 5.71 12.36
C GLY A 58 -10.42 6.59 12.72
N LYS A 59 -9.97 6.46 13.96
CA LYS A 59 -8.79 7.16 14.45
C LYS A 59 -7.53 6.52 13.82
N PRO A 60 -6.73 7.29 13.06
CA PRO A 60 -5.59 6.74 12.30
C PRO A 60 -4.37 6.31 13.16
N TYR A 61 -3.64 5.32 12.63
CA TYR A 61 -2.32 4.93 13.16
C TYR A 61 -1.35 4.83 12.01
N TYR A 62 -0.06 5.05 12.23
CA TYR A 62 0.91 5.01 11.15
C TYR A 62 2.02 3.99 11.51
N TYR A 63 2.23 2.99 10.66
CA TYR A 63 3.16 1.87 10.99
C TYR A 63 4.44 1.94 10.15
N ASN A 64 5.57 1.54 10.76
CA ASN A 64 6.88 1.59 10.09
C ASN A 64 7.34 0.18 9.77
N SER A 65 7.71 -0.05 8.53
CA SER A 65 8.12 -1.36 8.07
C SER A 65 9.56 -1.73 8.44
N GLN A 66 10.42 -0.75 8.74
CA GLN A 66 11.81 -1.04 9.06
C GLN A 66 11.96 -1.32 10.55
N THR A 67 11.38 -0.46 11.35
CA THR A 67 11.55 -0.53 12.79
C THR A 67 10.43 -1.32 13.44
N LYS A 68 9.36 -1.48 12.67
CA LYS A 68 8.18 -2.23 13.08
C LYS A 68 7.42 -1.51 14.21
N GLU A 69 7.61 -0.20 14.32
CA GLU A 69 6.95 0.58 15.39
C GLU A 69 5.65 1.22 14.90
N SER A 70 4.74 1.48 15.85
CA SER A 70 3.47 2.14 15.59
C SER A 70 3.40 3.48 16.35
N ARG A 71 2.92 4.55 15.70
CA ARG A 71 2.72 5.85 16.38
C ARG A 71 1.30 6.39 16.12
N TRP A 72 0.82 7.23 17.04
CA TRP A 72 -0.49 7.87 16.87
C TRP A 72 -0.37 9.11 15.97
N ALA A 73 0.70 9.91 16.15
CA ALA A 73 0.90 11.13 15.36
C ALA A 73 1.70 10.88 14.07
N LYS A 74 1.31 11.58 13.00
CA LYS A 74 2.04 11.56 11.73
C LYS A 74 3.46 12.10 11.87
N PRO A 75 4.50 11.29 11.55
CA PRO A 75 5.86 11.83 11.43
C PRO A 75 6.02 12.68 10.17
N LYS A 76 6.92 13.67 10.23
CA LYS A 76 7.10 14.67 9.18
C LYS A 76 7.51 14.04 7.85
N GLU A 77 8.15 12.88 7.91
CA GLU A 77 8.53 12.13 6.71
C GLU A 77 7.32 11.81 5.85
N LEU A 78 6.22 11.39 6.49
CA LEU A 78 5.05 10.99 5.76
C LEU A 78 4.32 12.22 5.26
N GLU A 79 4.49 13.31 5.98
CA GLU A 79 3.86 14.56 5.63
C GLU A 79 4.42 15.05 4.31
N ASP A 80 5.74 14.95 4.18
CA ASP A 80 6.41 15.27 2.93
C ASP A 80 5.96 14.36 1.81
N LEU A 81 5.64 13.12 2.15
CA LEU A 81 5.33 12.10 1.16
C LEU A 81 3.97 12.35 0.51
N GLU A 82 3.03 12.85 1.31
CA GLU A 82 1.64 12.95 0.87
C GLU A 82 1.50 13.79 -0.40
N GLY A 83 2.22 14.89 -0.48
CA GLY A 83 2.16 15.71 -1.67
C GLY A 83 3.51 16.24 -2.10
N TYR A 84 4.56 15.58 -1.63
CA TYR A 84 5.93 16.03 -1.87
C TYR A 84 6.12 17.49 -1.42
N GLN A 85 5.76 17.75 -0.17
CA GLN A 85 5.94 19.08 0.42
C GLN A 85 7.41 19.34 0.71
N ASN A 86 8.15 18.24 0.87
CA ASN A 86 9.61 18.25 0.94
C ASN A 86 10.16 19.25 1.96
N THR A 87 9.44 19.38 3.09
CA THR A 87 9.70 20.41 4.11
C THR A 87 10.09 21.77 3.49
N ILE A 88 9.46 22.11 2.37
CA ILE A 88 9.67 23.40 1.75
C ILE A 88 8.65 24.40 2.28
N VAL A 89 8.94 24.94 3.45
CA VAL A 89 8.09 25.93 4.07
C VAL A 89 8.48 27.34 3.59
N ALA A 90 9.48 27.36 2.71
CA ALA A 90 10.01 28.60 2.13
C ALA A 90 10.68 29.46 3.20
N GLY A 91 11.16 28.80 4.25
CA GLY A 91 11.84 29.51 5.32
C GLY A 91 13.31 29.71 5.00
N SER A 92 13.81 28.95 4.04
CA SER A 92 15.17 29.10 3.56
C SER A 92 15.18 29.27 2.05
N LEU A 93 14.10 29.85 1.55
CA LEU A 93 13.93 30.05 0.13
C LEU A 93 13.62 31.51 -0.16
N ILE A 94 14.59 32.36 0.10
CA ILE A 94 14.48 33.77 -0.16
C ILE A 94 15.40 34.16 -1.31
N THR A 95 14.91 34.02 -2.54
CA THR A 95 15.71 34.33 -3.71
C THR A 95 14.91 35.22 -4.67
N LYS A 96 14.09 36.09 -4.09
CA LYS A 96 13.25 37.00 -4.86
C LYS A 96 12.57 37.97 -3.92
N SER A 97 13.14 39.15 -3.79
CA SER A 97 12.63 40.16 -2.87
C SER A 97 12.27 41.46 -3.59
N ASN A 98 12.53 41.50 -4.89
CA ASN A 98 12.24 42.71 -5.65
C ASN A 98 10.90 42.60 -6.35
N LEU A 99 10.82 41.77 -7.38
CA LEU A 99 9.59 41.60 -8.15
C LEU A 99 9.53 40.20 -8.77
N GLY B 1 -16.26 -11.72 -13.76
CA GLY B 1 -16.53 -12.24 -12.40
C GLY B 1 -16.54 -13.74 -12.36
N ALA B 2 -17.70 -14.31 -12.01
CA ALA B 2 -17.85 -15.76 -11.93
C ALA B 2 -18.77 -16.26 -13.03
N MET B 3 -18.19 -16.72 -14.13
CA MET B 3 -18.96 -17.23 -15.25
C MET B 3 -18.27 -18.42 -15.89
N SER B 4 -16.97 -18.30 -16.07
CA SER B 4 -16.18 -19.38 -16.68
C SER B 4 -15.35 -20.09 -15.63
N GLY B 5 -15.71 -19.90 -14.37
CA GLY B 5 -14.95 -20.48 -13.28
C GLY B 5 -13.80 -19.58 -12.89
N SER B 6 -14.02 -18.75 -11.88
CA SER B 6 -13.00 -17.82 -11.40
C SER B 6 -11.79 -18.61 -10.88
N PRO B 7 -10.58 -18.04 -11.02
CA PRO B 7 -9.35 -18.70 -10.59
C PRO B 7 -9.22 -18.73 -9.05
N PRO B 8 -8.39 -19.65 -8.51
CA PRO B 8 -8.31 -19.93 -7.06
C PRO B 8 -7.89 -18.74 -6.18
N LEU B 9 -8.44 -18.71 -4.97
CA LEU B 9 -8.03 -17.77 -3.93
C LEU B 9 -6.75 -18.26 -3.25
N PRO B 10 -5.79 -17.35 -2.99
CA PRO B 10 -4.47 -17.71 -2.45
C PRO B 10 -4.52 -18.17 -1.00
N PRO B 11 -3.59 -19.06 -0.61
CA PRO B 11 -3.43 -19.46 0.80
C PRO B 11 -3.07 -18.29 1.70
N GLY B 12 -3.60 -18.30 2.91
CA GLY B 12 -3.32 -17.20 3.84
C GLY B 12 -4.38 -16.13 3.78
N ALA B 13 -4.10 -15.00 4.42
CA ALA B 13 -5.01 -13.87 4.44
C ALA B 13 -4.22 -12.59 4.62
N PRO B 14 -4.64 -11.49 3.98
CA PRO B 14 -3.96 -10.22 4.12
C PRO B 14 -4.34 -9.57 5.44
N PRO B 15 -3.33 -9.20 6.26
CA PRO B 15 -3.48 -8.82 7.68
C PRO B 15 -4.85 -8.27 8.07
N PRO B 16 -5.78 -9.16 8.45
CA PRO B 16 -7.13 -8.77 8.87
C PRO B 16 -7.15 -7.85 10.10
N PRO B 17 -6.51 -8.23 11.24
CA PRO B 17 -6.48 -7.35 12.41
C PRO B 17 -5.40 -6.28 12.28
N PRO B 18 -5.63 -5.07 12.82
CA PRO B 18 -4.64 -4.00 12.77
C PRO B 18 -3.42 -4.33 13.64
N PRO B 19 -2.20 -4.05 13.14
CA PRO B 19 -0.98 -4.20 13.94
C PRO B 19 -1.06 -3.28 15.16
N PRO B 20 -0.53 -3.74 16.31
CA PRO B 20 -0.81 -3.13 17.63
C PRO B 20 -0.56 -1.62 17.68
N PRO B 21 -1.59 -0.82 18.05
CA PRO B 21 -1.36 0.57 18.41
C PRO B 21 -0.85 0.68 19.84
N PRO B 22 0.03 1.65 20.12
CA PRO B 22 0.62 1.82 21.46
C PRO B 22 -0.43 2.08 22.53
N SER B 23 -0.41 1.25 23.57
CA SER B 23 -1.32 1.40 24.69
C SER B 23 -0.75 2.38 25.70
N GLY B 24 -0.71 3.66 25.33
CA GLY B 24 -0.16 4.66 26.21
C GLY B 24 -1.09 5.03 27.34
N SER B 25 -0.54 5.33 28.50
CA SER B 25 -1.33 5.71 29.65
C SER B 25 -1.12 7.18 29.97
N GLY B 26 -1.91 8.03 29.31
CA GLY B 26 -1.80 9.46 29.53
C GLY B 26 -2.74 10.25 28.65
N ASN B 27 -2.89 9.79 27.41
CA ASN B 27 -3.78 10.43 26.43
C ASN B 27 -3.39 11.89 26.22
N GLY A 1 1.59 -2.11 -24.27
CA GLY A 1 1.12 -0.82 -24.81
C GLY A 1 0.00 -0.98 -25.83
N ALA A 2 0.30 -1.61 -26.96
CA ALA A 2 -0.67 -1.76 -28.03
C ALA A 2 -1.75 -2.79 -27.69
N MET A 3 -1.35 -4.01 -27.40
CA MET A 3 -2.29 -5.10 -27.15
C MET A 3 -2.73 -5.10 -25.68
N GLY A 4 -2.46 -4.01 -24.97
CA GLY A 4 -2.82 -3.95 -23.57
C GLY A 4 -1.60 -3.68 -22.71
N ALA A 5 -1.66 -4.02 -21.43
CA ALA A 5 -0.52 -3.86 -20.55
C ALA A 5 0.39 -5.08 -20.67
N LYS A 6 1.69 -4.86 -20.73
CA LYS A 6 2.65 -5.96 -20.80
C LYS A 6 2.83 -6.53 -19.39
N SER A 7 1.80 -7.22 -18.92
CA SER A 7 1.80 -7.80 -17.60
C SER A 7 0.89 -9.04 -17.60
N MET A 8 1.28 -10.10 -16.90
CA MET A 8 0.50 -11.33 -16.87
C MET A 8 -0.23 -11.49 -15.53
N TRP A 9 -0.32 -10.39 -14.82
CA TRP A 9 -1.05 -10.32 -13.57
C TRP A 9 -2.38 -9.64 -13.79
N THR A 10 -3.47 -10.28 -13.39
CA THR A 10 -4.81 -9.69 -13.50
C THR A 10 -5.42 -9.49 -12.10
N GLU A 11 -6.49 -8.68 -12.01
CA GLU A 11 -7.06 -8.31 -10.70
C GLU A 11 -8.45 -8.94 -10.51
N HIS A 12 -8.69 -9.56 -9.33
CA HIS A 12 -9.98 -10.18 -9.04
C HIS A 12 -10.35 -9.98 -7.56
N LYS A 13 -11.65 -9.98 -7.25
CA LYS A 13 -12.14 -9.78 -5.88
C LYS A 13 -12.69 -11.09 -5.29
N SER A 14 -12.48 -11.31 -3.99
CA SER A 14 -13.03 -12.47 -3.26
C SER A 14 -14.37 -12.05 -2.60
N PRO A 15 -15.25 -12.99 -2.16
CA PRO A 15 -16.54 -12.63 -1.50
C PRO A 15 -16.37 -11.77 -0.23
N ASP A 16 -15.13 -11.50 0.17
CA ASP A 16 -14.87 -10.73 1.39
C ASP A 16 -14.40 -9.30 1.03
N GLY A 17 -14.50 -8.94 -0.26
CA GLY A 17 -14.14 -7.60 -0.68
C GLY A 17 -12.65 -7.46 -0.94
N ARG A 18 -11.93 -8.52 -0.62
CA ARG A 18 -10.49 -8.56 -0.77
C ARG A 18 -10.10 -8.78 -2.23
N THR A 19 -8.87 -8.44 -2.55
CA THR A 19 -8.38 -8.51 -3.92
C THR A 19 -7.23 -9.52 -3.99
N TYR A 20 -7.21 -10.36 -5.01
CA TYR A 20 -6.09 -11.28 -5.17
C TYR A 20 -5.63 -11.27 -6.63
N TYR A 21 -4.32 -11.23 -6.83
CA TYR A 21 -3.78 -11.06 -8.16
C TYR A 21 -3.28 -12.42 -8.70
N TYR A 22 -3.66 -12.73 -9.95
CA TYR A 22 -3.35 -14.03 -10.58
C TYR A 22 -2.34 -13.83 -11.71
N ASN A 23 -1.35 -14.71 -11.79
CA ASN A 23 -0.37 -14.65 -12.88
C ASN A 23 -0.79 -15.65 -13.95
N THR A 24 -1.13 -15.15 -15.12
CA THR A 24 -1.75 -15.94 -16.16
C THR A 24 -0.78 -16.88 -16.87
N GLU A 25 0.51 -16.77 -16.59
CA GLU A 25 1.47 -17.63 -17.29
C GLU A 25 1.99 -18.72 -16.36
N THR A 26 2.26 -18.37 -15.11
CA THR A 26 2.78 -19.32 -14.14
C THR A 26 1.64 -20.07 -13.44
N LYS A 27 0.48 -19.43 -13.48
CA LYS A 27 -0.75 -19.95 -12.90
C LYS A 27 -0.72 -19.81 -11.37
N GLN A 28 0.10 -18.89 -10.87
CA GLN A 28 0.28 -18.72 -9.41
C GLN A 28 -0.47 -17.48 -8.89
N SER A 29 -1.00 -17.56 -7.66
CA SER A 29 -1.73 -16.44 -7.03
C SER A 29 -0.92 -15.83 -5.87
N THR A 30 -1.23 -14.57 -5.52
CA THR A 30 -0.59 -13.87 -4.40
C THR A 30 -1.54 -12.83 -3.76
N TRP A 31 -1.22 -12.38 -2.52
CA TRP A 31 -1.98 -11.30 -1.86
C TRP A 31 -1.19 -9.99 -2.00
N GLU A 32 0.03 -10.08 -2.51
CA GLU A 32 0.90 -8.93 -2.69
C GLU A 32 0.69 -8.32 -4.07
N LYS A 33 0.73 -7.01 -4.16
CA LYS A 33 0.60 -6.35 -5.46
C LYS A 33 1.96 -6.32 -6.15
N PRO A 34 2.08 -7.00 -7.31
CA PRO A 34 3.33 -6.99 -8.08
C PRO A 34 3.64 -5.60 -8.64
N ASP A 35 4.94 -5.26 -8.66
CA ASP A 35 5.41 -3.91 -9.02
C ASP A 35 5.01 -3.48 -10.43
N ASP A 36 4.57 -4.43 -11.24
CA ASP A 36 4.13 -4.13 -12.61
C ASP A 36 2.69 -3.60 -12.65
N LEU A 37 1.91 -3.88 -11.60
CA LEU A 37 0.52 -3.43 -11.53
C LEU A 37 0.39 -2.17 -10.71
N LYS A 38 1.42 -1.87 -9.93
CA LYS A 38 1.40 -0.72 -9.06
C LYS A 38 1.33 0.58 -9.85
N THR A 39 0.33 1.37 -9.53
CA THR A 39 0.17 2.70 -10.12
C THR A 39 1.30 3.63 -9.62
N PRO A 40 1.68 4.71 -10.36
CA PRO A 40 2.79 5.60 -9.94
C PRO A 40 2.67 6.00 -8.47
N ALA A 41 1.46 6.31 -8.05
CA ALA A 41 1.18 6.68 -6.67
C ALA A 41 1.63 5.57 -5.73
N GLU A 42 1.17 4.36 -6.01
CA GLU A 42 1.57 3.18 -5.26
C GLU A 42 3.09 2.96 -5.30
N GLN A 43 3.71 3.14 -6.46
CA GLN A 43 5.17 2.98 -6.59
C GLN A 43 5.92 3.91 -5.64
N LEU A 44 5.49 5.16 -5.57
CA LEU A 44 6.12 6.11 -4.66
C LEU A 44 5.72 5.86 -3.20
N LEU A 45 4.48 5.43 -2.97
CA LEU A 45 4.03 5.11 -1.62
C LEU A 45 4.70 3.84 -1.11
N SER A 46 4.99 2.93 -2.03
CA SER A 46 5.59 1.65 -1.72
C SER A 46 6.92 1.79 -0.99
N LYS A 47 7.65 2.89 -1.23
CA LYS A 47 8.94 3.07 -0.56
C LYS A 47 8.73 3.58 0.88
N CYS A 48 7.51 3.98 1.21
CA CYS A 48 7.24 4.49 2.55
C CYS A 48 6.91 3.36 3.51
N PRO A 49 7.76 3.12 4.52
CA PRO A 49 7.53 2.06 5.50
C PRO A 49 6.39 2.39 6.47
N TRP A 50 6.00 3.66 6.50
CA TRP A 50 4.88 4.11 7.31
C TRP A 50 3.61 4.14 6.45
N LYS A 51 2.54 3.45 6.87
CA LYS A 51 1.30 3.41 6.08
C LYS A 51 0.05 3.79 6.91
N GLU A 52 -0.82 4.58 6.26
CA GLU A 52 -2.09 5.07 6.85
C GLU A 52 -3.21 4.01 6.97
N TYR A 53 -3.71 3.80 8.19
CA TYR A 53 -5.03 3.19 8.39
C TYR A 53 -5.78 3.90 9.52
N LYS A 54 -7.11 3.78 9.52
CA LYS A 54 -7.95 4.47 10.49
C LYS A 54 -8.53 3.50 11.54
N SER A 55 -8.75 4.01 12.75
CA SER A 55 -9.28 3.24 13.89
C SER A 55 -10.80 3.02 13.80
N ASP A 56 -11.44 2.57 14.90
CA ASP A 56 -12.88 2.30 14.88
C ASP A 56 -13.65 3.62 14.93
N SER A 57 -13.10 4.61 15.64
CA SER A 57 -13.69 5.94 15.69
C SER A 57 -13.22 6.82 14.55
N GLY A 58 -12.19 6.37 13.86
CA GLY A 58 -11.67 7.13 12.74
C GLY A 58 -10.43 7.94 13.11
N LYS A 59 -9.93 7.74 14.32
CA LYS A 59 -8.68 8.35 14.77
C LYS A 59 -7.50 7.60 14.14
N PRO A 60 -6.68 8.27 13.30
CA PRO A 60 -5.62 7.59 12.51
C PRO A 60 -4.44 7.04 13.33
N TYR A 61 -3.86 5.93 12.84
CA TYR A 61 -2.60 5.36 13.36
C TYR A 61 -1.69 5.06 12.19
N TYR A 62 -0.37 5.14 12.37
CA TYR A 62 0.55 4.95 11.26
C TYR A 62 1.58 3.86 11.63
N TYR A 63 1.67 2.80 10.83
CA TYR A 63 2.51 1.61 11.17
C TYR A 63 3.76 1.51 10.28
N ASN A 64 4.87 1.05 10.87
CA ASN A 64 6.16 0.93 10.16
C ASN A 64 6.48 -0.53 9.90
N SER A 65 6.83 -0.84 8.66
CA SER A 65 7.11 -2.21 8.25
C SER A 65 8.49 -2.70 8.71
N GLN A 66 9.48 -1.81 8.79
CA GLN A 66 10.84 -2.22 9.10
C GLN A 66 11.04 -2.40 10.59
N THR A 67 10.56 -1.42 11.35
CA THR A 67 10.79 -1.40 12.78
C THR A 67 9.61 -1.99 13.54
N LYS A 68 8.51 -2.15 12.81
CA LYS A 68 7.30 -2.77 13.32
C LYS A 68 6.65 -1.94 14.44
N GLU A 69 6.92 -0.63 14.48
CA GLU A 69 6.40 0.24 15.53
C GLU A 69 5.11 0.94 15.07
N SER A 70 4.26 1.29 16.04
CA SER A 70 3.02 2.01 15.81
C SER A 70 3.08 3.38 16.51
N ARG A 71 2.66 4.46 15.83
CA ARG A 71 2.60 5.80 16.45
C ARG A 71 1.23 6.45 16.22
N TRP A 72 0.86 7.36 17.13
CA TRP A 72 -0.39 8.10 17.00
C TRP A 72 -0.19 9.31 16.06
N ALA A 73 0.95 10.01 16.16
CA ALA A 73 1.23 11.18 15.34
C ALA A 73 1.92 10.82 14.02
N LYS A 74 1.56 11.55 12.95
CA LYS A 74 2.19 11.42 11.65
C LYS A 74 3.67 11.83 11.69
N PRO A 75 4.61 10.94 11.32
CA PRO A 75 6.01 11.34 11.11
C PRO A 75 6.18 12.12 9.80
N LYS A 76 7.19 13.01 9.78
CA LYS A 76 7.47 13.92 8.65
C LYS A 76 7.66 13.18 7.33
N GLU A 77 8.23 11.98 7.41
CA GLU A 77 8.47 11.18 6.22
C GLU A 77 7.19 10.94 5.45
N LEU A 78 6.09 10.70 6.15
CA LEU A 78 4.84 10.38 5.51
C LEU A 78 4.18 11.65 5.02
N GLU A 79 4.47 12.74 5.70
CA GLU A 79 3.89 14.03 5.38
C GLU A 79 4.36 14.47 4.01
N ASP A 80 5.66 14.33 3.77
CA ASP A 80 6.25 14.61 2.46
C ASP A 80 5.62 13.73 1.38
N LEU A 81 5.30 12.50 1.75
CA LEU A 81 4.74 11.53 0.84
C LEU A 81 3.34 11.95 0.40
N GLU A 82 2.57 12.50 1.34
CA GLU A 82 1.19 12.89 1.08
C GLU A 82 1.13 13.91 -0.06
N GLY A 83 2.10 14.82 -0.06
CA GLY A 83 2.13 15.86 -1.07
C GLY A 83 2.73 15.39 -2.38
N TYR A 84 2.65 14.08 -2.59
CA TYR A 84 3.18 13.44 -3.79
C TYR A 84 4.66 13.74 -3.92
N GLN A 85 5.40 13.41 -2.86
CA GLN A 85 6.85 13.64 -2.74
C GLN A 85 7.24 15.05 -3.21
N ASN A 86 7.05 16.01 -2.31
CA ASN A 86 7.38 17.42 -2.52
C ASN A 86 6.36 18.11 -3.44
N THR A 87 6.21 17.62 -4.68
CA THR A 87 5.28 18.20 -5.65
C THR A 87 5.63 17.69 -7.05
N ILE A 88 4.71 17.84 -8.01
CA ILE A 88 5.03 17.55 -9.41
C ILE A 88 5.39 18.84 -10.13
N VAL A 89 6.26 18.73 -11.13
CA VAL A 89 6.71 19.89 -11.89
C VAL A 89 6.35 19.71 -13.37
N ALA A 90 6.30 20.81 -14.12
CA ALA A 90 5.94 20.75 -15.53
C ALA A 90 6.49 21.94 -16.30
N GLY A 91 7.62 22.47 -15.84
CA GLY A 91 8.25 23.60 -16.53
C GLY A 91 7.65 24.94 -16.14
N SER A 92 6.38 24.93 -15.75
CA SER A 92 5.69 26.15 -15.35
C SER A 92 4.60 25.84 -14.35
N LEU A 93 4.89 24.90 -13.45
CA LEU A 93 3.92 24.46 -12.46
C LEU A 93 4.48 24.67 -11.06
N ILE A 94 4.62 25.93 -10.69
CA ILE A 94 5.15 26.28 -9.40
C ILE A 94 4.01 26.41 -8.40
N THR A 95 3.58 25.26 -7.87
CA THR A 95 2.47 25.24 -6.92
C THR A 95 3.00 25.36 -5.49
N LYS A 96 4.33 25.53 -5.37
CA LYS A 96 4.98 25.67 -4.08
C LYS A 96 6.46 25.96 -4.25
N SER A 97 6.92 27.06 -3.68
CA SER A 97 8.33 27.42 -3.74
C SER A 97 9.02 27.03 -2.44
N ASN A 98 8.23 26.70 -1.43
CA ASN A 98 8.77 26.25 -0.15
C ASN A 98 8.91 24.74 -0.15
N LEU A 99 9.92 24.25 -0.86
CA LEU A 99 10.15 22.81 -0.98
C LEU A 99 11.25 22.36 -0.04
N GLY B 1 -16.38 -26.69 -20.29
CA GLY B 1 -17.08 -25.44 -20.68
C GLY B 1 -16.15 -24.24 -20.61
N ALA B 2 -16.71 -23.08 -20.31
CA ALA B 2 -15.94 -21.84 -20.28
C ALA B 2 -15.54 -21.49 -18.85
N MET B 3 -15.49 -22.51 -17.99
CA MET B 3 -15.13 -22.36 -16.57
C MET B 3 -16.25 -21.68 -15.79
N SER B 4 -16.51 -20.41 -16.10
CA SER B 4 -17.56 -19.64 -15.43
C SER B 4 -17.33 -19.63 -13.91
N GLY B 5 -16.14 -19.19 -13.53
CA GLY B 5 -15.79 -19.14 -12.12
C GLY B 5 -14.50 -18.40 -11.92
N SER B 6 -14.31 -17.82 -10.75
CA SER B 6 -13.10 -17.09 -10.44
C SER B 6 -11.94 -18.04 -10.19
N PRO B 7 -10.71 -17.60 -10.52
CA PRO B 7 -9.50 -18.42 -10.30
C PRO B 7 -9.16 -18.56 -8.80
N PRO B 8 -8.28 -19.51 -8.42
CA PRO B 8 -8.01 -19.87 -7.02
C PRO B 8 -7.50 -18.72 -6.13
N LEU B 9 -7.86 -18.80 -4.84
CA LEU B 9 -7.33 -17.89 -3.83
C LEU B 9 -5.97 -18.39 -3.34
N PRO B 10 -5.03 -17.47 -3.08
CA PRO B 10 -3.66 -17.82 -2.66
C PRO B 10 -3.56 -18.28 -1.21
N PRO B 11 -2.60 -19.16 -0.91
CA PRO B 11 -2.30 -19.55 0.48
C PRO B 11 -1.71 -18.37 1.26
N GLY B 12 -1.91 -18.36 2.57
CA GLY B 12 -1.41 -17.27 3.40
C GLY B 12 -2.45 -16.21 3.61
N ALA B 13 -2.05 -15.10 4.21
CA ALA B 13 -2.96 -14.00 4.48
C ALA B 13 -2.23 -12.68 4.35
N PRO B 14 -2.92 -11.64 3.85
CA PRO B 14 -2.36 -10.31 3.73
C PRO B 14 -2.45 -9.58 5.07
N PRO B 15 -1.91 -8.35 5.17
CA PRO B 15 -2.02 -7.51 6.37
C PRO B 15 -3.28 -7.77 7.17
N PRO B 16 -3.13 -8.26 8.40
CA PRO B 16 -4.25 -8.71 9.24
C PRO B 16 -5.16 -7.56 9.68
N PRO B 17 -6.18 -7.84 10.51
CA PRO B 17 -6.95 -6.80 11.19
C PRO B 17 -6.03 -5.73 11.79
N PRO B 18 -6.57 -4.53 12.12
CA PRO B 18 -5.73 -3.40 12.53
C PRO B 18 -4.72 -3.79 13.60
N PRO B 19 -3.41 -3.57 13.32
CA PRO B 19 -2.33 -3.87 14.27
C PRO B 19 -2.41 -2.96 15.49
N PRO B 20 -1.85 -3.41 16.63
CA PRO B 20 -2.03 -2.73 17.92
C PRO B 20 -1.60 -1.26 17.90
N PRO B 21 -2.49 -0.31 18.26
CA PRO B 21 -2.06 1.04 18.56
C PRO B 21 -1.49 1.12 19.97
N PRO B 22 -0.49 1.99 20.20
CA PRO B 22 0.20 2.08 21.49
C PRO B 22 -0.76 2.36 22.65
N SER B 23 -0.74 1.47 23.64
CA SER B 23 -1.58 1.62 24.81
C SER B 23 -0.84 2.36 25.92
N GLY B 24 -1.05 3.68 25.98
CA GLY B 24 -0.45 4.46 27.04
C GLY B 24 -1.05 4.09 28.38
N SER B 25 -2.37 4.22 28.48
CA SER B 25 -3.13 3.81 29.66
C SER B 25 -2.56 4.45 30.94
N GLY B 26 -2.13 5.69 30.82
CA GLY B 26 -1.58 6.39 31.97
C GLY B 26 -2.58 7.32 32.60
N ASN B 27 -3.60 7.68 31.83
CA ASN B 27 -4.65 8.56 32.31
C ASN B 27 -6.00 8.04 31.86
N GLY A 1 -2.35 1.53 -24.84
CA GLY A 1 -1.52 0.82 -25.85
C GLY A 1 -1.16 -0.59 -25.41
N ALA A 2 -2.05 -1.53 -25.68
CA ALA A 2 -1.82 -2.93 -25.37
C ALA A 2 -2.66 -3.83 -26.26
N MET A 3 -2.29 -5.10 -26.32
CA MET A 3 -3.05 -6.09 -27.09
C MET A 3 -3.75 -7.05 -26.14
N GLY A 4 -3.61 -6.80 -24.84
CA GLY A 4 -4.29 -7.61 -23.85
C GLY A 4 -3.85 -7.26 -22.45
N ALA A 5 -2.55 -7.39 -22.18
CA ALA A 5 -1.98 -7.06 -20.87
C ALA A 5 -0.49 -6.81 -20.99
N LYS A 6 0.05 -5.97 -20.11
CA LYS A 6 1.49 -5.72 -20.08
C LYS A 6 2.15 -6.54 -18.98
N SER A 7 1.46 -7.57 -18.56
CA SER A 7 1.90 -8.40 -17.44
C SER A 7 1.14 -9.72 -17.47
N MET A 8 1.57 -10.67 -16.66
CA MET A 8 0.89 -11.94 -16.55
C MET A 8 0.09 -11.98 -15.25
N TRP A 9 -0.05 -10.83 -14.64
CA TRP A 9 -0.85 -10.66 -13.45
C TRP A 9 -2.17 -10.00 -13.82
N THR A 10 -3.27 -10.66 -13.50
CA THR A 10 -4.60 -10.11 -13.79
C THR A 10 -5.36 -9.84 -12.48
N GLU A 11 -6.45 -9.06 -12.56
CA GLU A 11 -7.17 -8.63 -11.34
C GLU A 11 -8.55 -9.30 -11.26
N HIS A 12 -8.90 -9.83 -10.08
CA HIS A 12 -10.22 -10.47 -9.87
C HIS A 12 -10.73 -10.16 -8.45
N LYS A 13 -12.06 -10.15 -8.29
CA LYS A 13 -12.70 -9.86 -7.00
C LYS A 13 -13.29 -11.14 -6.38
N SER A 14 -13.17 -11.27 -5.06
CA SER A 14 -13.78 -12.40 -4.31
C SER A 14 -15.18 -11.98 -3.86
N PRO A 15 -16.12 -12.93 -3.51
CA PRO A 15 -17.49 -12.55 -3.06
C PRO A 15 -17.52 -11.62 -1.84
N ASP A 16 -16.36 -11.32 -1.29
CA ASP A 16 -16.27 -10.49 -0.08
C ASP A 16 -15.82 -9.06 -0.43
N GLY A 17 -15.62 -8.79 -1.73
CA GLY A 17 -15.26 -7.45 -2.18
C GLY A 17 -13.75 -7.28 -2.30
N ARG A 18 -13.02 -8.27 -1.82
CA ARG A 18 -11.56 -8.24 -1.81
C ARG A 18 -11.00 -8.61 -3.19
N THR A 19 -9.75 -8.24 -3.40
CA THR A 19 -9.13 -8.38 -4.70
C THR A 19 -7.94 -9.34 -4.60
N TYR A 20 -7.80 -10.26 -5.55
CA TYR A 20 -6.66 -11.16 -5.55
C TYR A 20 -6.07 -11.23 -6.95
N TYR A 21 -4.74 -11.18 -7.04
CA TYR A 21 -4.08 -11.10 -8.32
C TYR A 21 -3.53 -12.48 -8.72
N TYR A 22 -3.81 -12.89 -9.97
CA TYR A 22 -3.43 -14.23 -10.47
C TYR A 22 -2.35 -14.10 -11.54
N ASN A 23 -1.33 -14.97 -11.48
CA ASN A 23 -0.28 -14.97 -12.49
C ASN A 23 -0.61 -16.03 -13.52
N THR A 24 -0.89 -15.58 -14.74
CA THR A 24 -1.44 -16.41 -15.77
C THR A 24 -0.44 -17.36 -16.40
N GLU A 25 0.84 -17.27 -16.04
CA GLU A 25 1.82 -18.15 -16.64
C GLU A 25 2.28 -19.22 -15.64
N THR A 26 2.45 -18.82 -14.38
CA THR A 26 2.90 -19.73 -13.34
C THR A 26 1.72 -20.44 -12.70
N LYS A 27 0.57 -19.80 -12.79
CA LYS A 27 -0.68 -20.28 -12.23
C LYS A 27 -0.72 -20.09 -10.72
N GLN A 28 0.01 -19.09 -10.22
CA GLN A 28 0.08 -18.84 -8.77
C GLN A 28 -0.70 -17.57 -8.39
N SER A 29 -1.32 -17.56 -7.19
CA SER A 29 -2.09 -16.41 -6.70
C SER A 29 -1.40 -15.70 -5.51
N THR A 30 -1.75 -14.44 -5.28
CA THR A 30 -1.22 -13.65 -4.15
C THR A 30 -2.24 -12.59 -3.67
N TRP A 31 -2.05 -12.06 -2.44
CA TRP A 31 -2.89 -10.95 -1.93
C TRP A 31 -2.11 -9.65 -2.08
N GLU A 32 -0.81 -9.77 -2.37
CA GLU A 32 0.09 -8.63 -2.49
C GLU A 32 0.14 -8.14 -3.93
N LYS A 33 0.05 -6.83 -4.11
CA LYS A 33 0.09 -6.24 -5.44
C LYS A 33 1.50 -6.27 -6.00
N PRO A 34 1.74 -7.02 -7.09
CA PRO A 34 3.07 -7.09 -7.72
C PRO A 34 3.47 -5.75 -8.34
N ASP A 35 4.77 -5.46 -8.26
CA ASP A 35 5.34 -4.16 -8.67
C ASP A 35 4.97 -3.76 -10.10
N ASP A 36 4.62 -4.73 -10.94
CA ASP A 36 4.27 -4.46 -12.32
C ASP A 36 2.89 -3.81 -12.44
N LEU A 37 2.03 -4.09 -11.47
CA LEU A 37 0.65 -3.62 -11.51
C LEU A 37 0.50 -2.33 -10.73
N LYS A 38 1.48 -2.04 -9.89
CA LYS A 38 1.44 -0.85 -9.07
C LYS A 38 1.46 0.41 -9.92
N THR A 39 0.46 1.23 -9.70
CA THR A 39 0.36 2.53 -10.35
C THR A 39 1.48 3.46 -9.86
N PRO A 40 1.93 4.48 -10.65
CA PRO A 40 3.04 5.36 -10.23
C PRO A 40 2.89 5.86 -8.80
N ALA A 41 1.66 6.21 -8.44
CA ALA A 41 1.32 6.66 -7.10
C ALA A 41 1.71 5.61 -6.08
N GLU A 42 1.24 4.39 -6.31
CA GLU A 42 1.57 3.25 -5.48
C GLU A 42 3.08 3.00 -5.44
N GLN A 43 3.76 3.09 -6.59
CA GLN A 43 5.21 2.89 -6.65
C GLN A 43 5.96 3.89 -5.76
N LEU A 44 5.58 5.14 -5.84
CA LEU A 44 6.23 6.18 -5.06
C LEU A 44 5.85 6.07 -3.59
N LEU A 45 4.60 5.69 -3.33
CA LEU A 45 4.13 5.49 -1.97
C LEU A 45 4.75 4.24 -1.35
N SER A 46 4.97 3.23 -2.18
CA SER A 46 5.46 1.94 -1.73
C SER A 46 6.81 2.04 -1.00
N LYS A 47 7.56 3.12 -1.21
CA LYS A 47 8.85 3.26 -0.53
C LYS A 47 8.66 3.82 0.90
N CYS A 48 7.43 4.16 1.26
CA CYS A 48 7.17 4.70 2.60
C CYS A 48 7.16 3.58 3.63
N PRO A 49 8.08 3.61 4.62
CA PRO A 49 8.06 2.61 5.70
C PRO A 49 6.93 2.88 6.70
N TRP A 50 6.49 4.13 6.75
CA TRP A 50 5.33 4.52 7.53
C TRP A 50 4.08 4.45 6.65
N LYS A 51 3.06 3.68 7.03
CA LYS A 51 1.85 3.56 6.20
C LYS A 51 0.55 3.82 7.00
N GLU A 52 -0.36 4.54 6.35
CA GLU A 52 -1.68 4.91 6.90
C GLU A 52 -2.72 3.77 6.94
N TYR A 53 -3.20 3.44 8.16
CA TYR A 53 -4.46 2.69 8.31
C TYR A 53 -5.29 3.25 9.47
N LYS A 54 -6.60 2.99 9.43
CA LYS A 54 -7.53 3.48 10.45
C LYS A 54 -7.93 2.38 11.46
N SER A 55 -8.23 2.82 12.69
CA SER A 55 -8.70 1.91 13.76
C SER A 55 -10.23 1.74 13.70
N ASP A 56 -10.83 1.19 14.78
CA ASP A 56 -12.24 0.78 14.73
C ASP A 56 -13.18 1.99 14.69
N SER A 57 -12.82 3.08 15.37
CA SER A 57 -13.67 4.26 15.36
C SER A 57 -13.19 5.34 14.39
N GLY A 58 -12.17 5.02 13.60
CA GLY A 58 -11.72 5.92 12.56
C GLY A 58 -10.52 6.78 12.94
N LYS A 59 -10.04 6.60 14.17
CA LYS A 59 -8.84 7.30 14.61
C LYS A 59 -7.60 6.63 14.00
N PRO A 60 -6.80 7.36 13.17
CA PRO A 60 -5.68 6.77 12.41
C PRO A 60 -4.44 6.38 13.27
N TYR A 61 -3.71 5.36 12.77
CA TYR A 61 -2.39 4.97 13.31
C TYR A 61 -1.41 4.81 12.17
N TYR A 62 -0.12 5.03 12.40
CA TYR A 62 0.85 4.96 11.33
C TYR A 62 1.98 3.99 11.74
N TYR A 63 2.22 2.94 10.93
CA TYR A 63 3.17 1.85 11.30
C TYR A 63 4.45 1.92 10.46
N ASN A 64 5.59 1.59 11.11
CA ASN A 64 6.90 1.60 10.44
C ASN A 64 7.37 0.17 10.22
N SER A 65 7.75 -0.15 9.00
CA SER A 65 8.14 -1.49 8.64
C SER A 65 9.59 -1.82 9.07
N GLN A 66 10.46 -0.82 9.20
CA GLN A 66 11.85 -1.10 9.52
C GLN A 66 12.04 -1.24 11.02
N THR A 67 11.47 -0.31 11.76
CA THR A 67 11.67 -0.25 13.20
C THR A 67 10.55 -0.99 13.94
N LYS A 68 9.50 -1.27 13.18
CA LYS A 68 8.36 -2.03 13.64
C LYS A 68 7.56 -1.28 14.72
N GLU A 69 7.70 0.04 14.78
CA GLU A 69 7.02 0.85 15.81
C GLU A 69 5.69 1.41 15.27
N SER A 70 4.77 1.66 16.20
CA SER A 70 3.47 2.26 15.91
C SER A 70 3.36 3.62 16.62
N ARG A 71 2.87 4.65 15.93
CA ARG A 71 2.65 5.98 16.55
C ARG A 71 1.24 6.49 16.26
N TRP A 72 0.74 7.36 17.15
CA TRP A 72 -0.57 7.98 16.94
C TRP A 72 -0.44 9.18 16.00
N ALA A 73 0.63 9.99 16.17
CA ALA A 73 0.85 11.17 15.34
C ALA A 73 1.57 10.85 14.03
N LYS A 74 1.22 11.57 12.97
CA LYS A 74 1.90 11.49 11.69
C LYS A 74 3.31 12.07 11.77
N PRO A 75 4.37 11.28 11.48
CA PRO A 75 5.71 11.83 11.34
C PRO A 75 5.86 12.63 10.03
N LYS A 76 6.75 13.62 10.05
CA LYS A 76 6.93 14.58 8.95
C LYS A 76 7.31 13.89 7.64
N GLU A 77 7.97 12.74 7.75
CA GLU A 77 8.35 11.96 6.56
C GLU A 77 7.14 11.59 5.73
N LEU A 78 6.05 11.19 6.37
CA LEU A 78 4.86 10.75 5.66
C LEU A 78 4.10 11.95 5.15
N GLU A 79 4.27 13.05 5.85
CA GLU A 79 3.61 14.28 5.51
C GLU A 79 4.10 14.80 4.17
N ASP A 80 5.41 14.75 3.99
CA ASP A 80 6.03 15.13 2.73
C ASP A 80 5.70 14.13 1.63
N LEU A 81 5.43 12.89 2.03
CA LEU A 81 5.06 11.84 1.09
C LEU A 81 3.69 12.16 0.50
N GLU A 82 2.79 12.65 1.34
CA GLU A 82 1.47 13.05 0.89
C GLU A 82 1.56 14.33 0.07
N GLY A 83 2.45 15.22 0.50
CA GLY A 83 2.69 16.46 -0.20
C GLY A 83 3.65 16.27 -1.37
N TYR A 84 3.45 15.21 -2.14
CA TYR A 84 4.36 14.85 -3.22
C TYR A 84 4.20 15.77 -4.43
N GLN A 85 3.21 16.66 -4.40
CA GLN A 85 3.04 17.66 -5.44
C GLN A 85 3.82 18.93 -5.09
N ASN A 86 4.36 18.95 -3.88
CA ASN A 86 5.24 20.05 -3.44
C ASN A 86 6.61 19.98 -4.12
N THR A 87 7.03 18.77 -4.51
CA THR A 87 8.33 18.58 -5.13
C THR A 87 8.30 18.94 -6.62
N ILE A 88 7.96 20.19 -6.91
CA ILE A 88 7.98 20.68 -8.27
C ILE A 88 9.42 20.88 -8.71
N VAL A 89 10.17 21.66 -7.92
CA VAL A 89 11.56 21.93 -8.20
C VAL A 89 12.41 20.69 -7.92
N ALA A 90 12.25 20.11 -6.73
CA ALA A 90 13.01 18.92 -6.33
C ALA A 90 14.50 19.16 -6.49
N GLY A 91 14.98 20.25 -5.88
CA GLY A 91 16.38 20.61 -5.98
C GLY A 91 16.64 22.03 -5.50
N SER A 92 15.78 22.51 -4.62
CA SER A 92 15.87 23.89 -4.13
C SER A 92 16.73 23.94 -2.87
N LEU A 93 17.94 23.43 -2.97
CA LEU A 93 18.88 23.42 -1.86
C LEU A 93 20.29 23.56 -2.41
N ILE A 94 21.15 24.23 -1.64
CA ILE A 94 22.53 24.45 -2.05
C ILE A 94 23.23 23.12 -2.35
N THR A 95 23.82 23.00 -3.53
CA THR A 95 24.46 21.77 -3.94
C THR A 95 25.95 21.78 -3.58
N LYS A 96 26.47 22.97 -3.30
CA LYS A 96 27.87 23.13 -2.92
C LYS A 96 28.11 24.57 -2.50
N SER A 97 28.24 24.79 -1.20
CA SER A 97 28.47 26.12 -0.66
C SER A 97 29.81 26.66 -1.16
N ASN A 98 29.82 27.94 -1.49
CA ASN A 98 31.02 28.57 -2.03
C ASN A 98 31.34 29.84 -1.25
N LEU A 99 32.59 29.95 -0.82
CA LEU A 99 33.06 31.09 -0.05
C LEU A 99 34.57 31.13 -0.10
N GLY B 1 -23.89 -15.83 -16.98
CA GLY B 1 -22.45 -15.88 -17.28
C GLY B 1 -22.06 -17.18 -17.95
N ALA B 2 -20.97 -17.78 -17.50
CA ALA B 2 -20.48 -19.02 -18.07
C ALA B 2 -20.36 -20.09 -17.00
N MET B 3 -20.39 -21.35 -17.41
CA MET B 3 -20.23 -22.47 -16.49
C MET B 3 -18.76 -22.67 -16.14
N SER B 4 -18.16 -21.64 -15.58
CA SER B 4 -16.77 -21.68 -15.18
C SER B 4 -16.59 -20.83 -13.93
N GLY B 5 -15.78 -21.33 -13.00
CA GLY B 5 -15.57 -20.61 -11.77
C GLY B 5 -14.37 -19.69 -11.85
N SER B 6 -14.28 -18.77 -10.91
CA SER B 6 -13.16 -17.86 -10.83
C SER B 6 -11.92 -18.62 -10.36
N PRO B 7 -10.71 -18.12 -10.66
CA PRO B 7 -9.47 -18.79 -10.28
C PRO B 7 -9.26 -18.76 -8.75
N PRO B 8 -8.41 -19.66 -8.22
CA PRO B 8 -8.25 -19.89 -6.77
C PRO B 8 -7.85 -18.66 -5.94
N LEU B 9 -8.30 -18.65 -4.69
CA LEU B 9 -7.91 -17.65 -3.71
C LEU B 9 -6.60 -18.08 -3.03
N PRO B 10 -5.65 -17.14 -2.84
CA PRO B 10 -4.32 -17.44 -2.29
C PRO B 10 -4.30 -17.70 -0.80
N PRO B 11 -3.33 -18.51 -0.33
CA PRO B 11 -3.04 -18.67 1.11
C PRO B 11 -2.37 -17.43 1.69
N GLY B 12 -2.44 -17.26 3.02
CA GLY B 12 -1.78 -16.15 3.67
C GLY B 12 -2.60 -14.88 3.63
N ALA B 13 -3.74 -14.91 4.33
CA ALA B 13 -4.67 -13.78 4.37
C ALA B 13 -3.96 -12.46 4.64
N PRO B 14 -4.38 -11.39 3.94
CA PRO B 14 -3.73 -10.09 4.05
C PRO B 14 -4.00 -9.49 5.42
N PRO B 15 -2.94 -8.92 6.05
CA PRO B 15 -2.89 -8.55 7.48
C PRO B 15 -4.24 -8.41 8.18
N PRO B 16 -4.82 -9.55 8.62
CA PRO B 16 -6.14 -9.56 9.27
C PRO B 16 -6.18 -8.76 10.58
N PRO B 17 -5.30 -9.01 11.57
CA PRO B 17 -5.31 -8.26 12.82
C PRO B 17 -4.47 -6.98 12.71
N PRO B 18 -5.00 -5.82 13.13
CA PRO B 18 -4.24 -4.57 13.08
C PRO B 18 -3.06 -4.59 14.04
N PRO B 19 -1.85 -4.25 13.56
CA PRO B 19 -0.66 -4.20 14.42
C PRO B 19 -0.87 -3.22 15.57
N PRO B 20 -0.34 -3.54 16.76
CA PRO B 20 -0.74 -2.89 18.01
C PRO B 20 -0.53 -1.37 18.03
N PRO B 21 -1.58 -0.57 18.28
CA PRO B 21 -1.39 0.84 18.61
C PRO B 21 -1.00 0.98 20.09
N PRO B 22 -0.10 1.91 20.42
CA PRO B 22 0.36 2.11 21.81
C PRO B 22 -0.78 2.44 22.75
N SER B 23 -0.93 1.64 23.80
CA SER B 23 -2.00 1.82 24.78
C SER B 23 -1.73 3.05 25.64
N GLY B 24 -0.46 3.34 25.90
CA GLY B 24 -0.09 4.54 26.62
C GLY B 24 -0.74 4.63 27.99
N SER B 25 -0.16 3.93 28.97
CA SER B 25 -0.69 3.94 30.32
C SER B 25 -0.56 5.32 30.96
N GLY B 26 -1.69 6.01 31.07
CA GLY B 26 -1.70 7.33 31.67
C GLY B 26 -1.38 8.41 30.67
N ASN B 27 -1.47 8.08 29.39
CA ASN B 27 -1.17 9.03 28.33
C ASN B 27 -2.37 9.93 28.08
N GLY A 1 8.67 -5.76 -31.60
CA GLY A 1 7.34 -6.38 -31.41
C GLY A 1 6.57 -5.72 -30.27
N ALA A 2 6.49 -6.42 -29.13
CA ALA A 2 5.78 -5.93 -27.95
C ALA A 2 4.34 -5.54 -28.27
N MET A 3 3.71 -6.32 -29.16
CA MET A 3 2.34 -6.04 -29.57
C MET A 3 1.38 -6.98 -28.86
N GLY A 4 1.93 -7.84 -28.02
CA GLY A 4 1.11 -8.76 -27.25
C GLY A 4 1.74 -9.07 -25.91
N ALA A 5 2.39 -8.06 -25.33
CA ALA A 5 3.10 -8.23 -24.08
C ALA A 5 2.11 -8.33 -22.91
N LYS A 6 2.27 -9.34 -22.08
CA LYS A 6 1.39 -9.54 -20.94
C LYS A 6 2.20 -9.55 -19.66
N SER A 7 1.80 -8.69 -18.71
CA SER A 7 2.42 -8.66 -17.39
C SER A 7 2.33 -10.03 -16.70
N MET A 8 1.38 -10.87 -17.13
CA MET A 8 1.16 -12.21 -16.61
C MET A 8 0.45 -12.18 -15.27
N TRP A 9 0.19 -10.98 -14.79
CA TRP A 9 -0.62 -10.79 -13.62
C TRP A 9 -1.97 -10.18 -14.02
N THR A 10 -3.06 -10.82 -13.60
CA THR A 10 -4.40 -10.29 -13.85
C THR A 10 -5.12 -9.97 -12.53
N GLU A 11 -6.21 -9.20 -12.58
CA GLU A 11 -6.90 -8.75 -11.36
C GLU A 11 -8.29 -9.40 -11.22
N HIS A 12 -8.60 -9.94 -10.03
CA HIS A 12 -9.91 -10.55 -9.78
C HIS A 12 -10.40 -10.24 -8.35
N LYS A 13 -11.71 -10.28 -8.13
CA LYS A 13 -12.31 -9.99 -6.83
C LYS A 13 -12.91 -11.27 -6.19
N SER A 14 -12.76 -11.41 -4.86
CA SER A 14 -13.36 -12.53 -4.11
C SER A 14 -14.78 -12.11 -3.64
N PRO A 15 -15.68 -13.07 -3.23
CA PRO A 15 -17.04 -12.71 -2.77
C PRO A 15 -17.05 -11.76 -1.56
N ASP A 16 -15.88 -11.43 -1.04
CA ASP A 16 -15.78 -10.60 0.16
C ASP A 16 -15.43 -9.14 -0.22
N GLY A 17 -15.18 -8.89 -1.50
CA GLY A 17 -14.82 -7.55 -1.94
C GLY A 17 -13.31 -7.35 -2.04
N ARG A 18 -12.59 -8.38 -1.65
CA ARG A 18 -11.13 -8.36 -1.68
C ARG A 18 -10.60 -8.66 -3.08
N THR A 19 -9.36 -8.32 -3.32
CA THR A 19 -8.77 -8.46 -4.64
C THR A 19 -7.57 -9.40 -4.56
N TYR A 20 -7.43 -10.31 -5.52
CA TYR A 20 -6.28 -11.21 -5.56
C TYR A 20 -5.72 -11.28 -6.97
N TYR A 21 -4.40 -11.23 -7.08
CA TYR A 21 -3.75 -11.16 -8.38
C TYR A 21 -3.17 -12.53 -8.76
N TYR A 22 -3.42 -12.95 -10.01
CA TYR A 22 -3.02 -14.29 -10.48
C TYR A 22 -1.93 -14.17 -11.54
N ASN A 23 -0.91 -15.04 -11.46
CA ASN A 23 0.15 -15.05 -12.47
C ASN A 23 -0.15 -16.15 -13.47
N THR A 24 -0.40 -15.76 -14.70
CA THR A 24 -0.91 -16.64 -15.72
C THR A 24 0.14 -17.56 -16.31
N GLU A 25 1.40 -17.44 -15.92
CA GLU A 25 2.41 -18.35 -16.46
C GLU A 25 2.84 -19.36 -15.40
N THR A 26 3.03 -18.91 -14.16
CA THR A 26 3.49 -19.78 -13.09
C THR A 26 2.32 -20.46 -12.41
N LYS A 27 1.15 -19.87 -12.62
CA LYS A 27 -0.12 -20.37 -12.07
C LYS A 27 -0.23 -20.04 -10.58
N GLN A 28 0.56 -19.07 -10.10
CA GLN A 28 0.63 -18.77 -8.67
C GLN A 28 -0.20 -17.52 -8.32
N SER A 29 -0.85 -17.53 -7.15
CA SER A 29 -1.64 -16.38 -6.69
C SER A 29 -0.95 -15.64 -5.52
N THR A 30 -1.31 -14.37 -5.32
CA THR A 30 -0.76 -13.56 -4.22
C THR A 30 -1.77 -12.51 -3.73
N TRP A 31 -1.54 -11.96 -2.51
CA TRP A 31 -2.37 -10.86 -1.99
C TRP A 31 -1.61 -9.53 -2.18
N GLU A 32 -0.33 -9.64 -2.54
CA GLU A 32 0.55 -8.48 -2.73
C GLU A 32 0.46 -8.01 -4.16
N LYS A 33 0.44 -6.70 -4.36
CA LYS A 33 0.37 -6.15 -5.70
C LYS A 33 1.77 -6.13 -6.33
N PRO A 34 1.97 -6.87 -7.42
CA PRO A 34 3.27 -6.88 -8.11
C PRO A 34 3.58 -5.51 -8.74
N ASP A 35 4.86 -5.15 -8.73
CA ASP A 35 5.31 -3.81 -9.12
C ASP A 35 4.94 -3.44 -10.57
N ASP A 36 4.58 -4.44 -11.37
CA ASP A 36 4.18 -4.19 -12.75
C ASP A 36 2.74 -3.67 -12.84
N LEU A 37 1.92 -4.02 -11.85
CA LEU A 37 0.52 -3.62 -11.84
C LEU A 37 0.31 -2.36 -11.04
N LYS A 38 1.33 -1.96 -10.29
CA LYS A 38 1.25 -0.78 -9.46
C LYS A 38 1.20 0.49 -10.31
N THR A 39 0.16 1.26 -10.07
CA THR A 39 0.00 2.58 -10.68
C THR A 39 1.09 3.53 -10.16
N PRO A 40 1.50 4.59 -10.91
CA PRO A 40 2.60 5.50 -10.47
C PRO A 40 2.44 5.95 -9.02
N ALA A 41 1.20 6.28 -8.65
CA ALA A 41 0.88 6.69 -7.30
C ALA A 41 1.28 5.62 -6.30
N GLU A 42 0.83 4.41 -6.57
CA GLU A 42 1.20 3.26 -5.75
C GLU A 42 2.70 3.03 -5.72
N GLN A 43 3.37 3.16 -6.85
CA GLN A 43 4.84 2.99 -6.90
C GLN A 43 5.54 3.94 -5.95
N LEU A 44 5.14 5.20 -5.99
CA LEU A 44 5.77 6.19 -5.12
C LEU A 44 5.32 6.04 -3.67
N LEU A 45 4.06 5.64 -3.45
CA LEU A 45 3.54 5.43 -2.11
C LEU A 45 4.17 4.18 -1.48
N SER A 46 4.33 3.15 -2.29
CA SER A 46 4.77 1.85 -1.84
C SER A 46 6.14 1.88 -1.17
N LYS A 47 6.97 2.90 -1.43
CA LYS A 47 8.29 2.94 -0.79
C LYS A 47 8.17 3.47 0.64
N CYS A 48 6.98 3.94 1.03
CA CYS A 48 6.78 4.49 2.36
C CYS A 48 6.48 3.36 3.35
N PRO A 49 7.38 3.11 4.31
CA PRO A 49 7.18 2.06 5.30
C PRO A 49 6.10 2.42 6.32
N TRP A 50 5.81 3.70 6.43
CA TRP A 50 4.75 4.19 7.32
C TRP A 50 3.44 4.31 6.54
N LYS A 51 2.37 3.65 6.98
CA LYS A 51 1.08 3.69 6.24
C LYS A 51 -0.12 4.08 7.12
N GLU A 52 -0.97 4.92 6.54
CA GLU A 52 -2.21 5.47 7.17
C GLU A 52 -3.35 4.42 7.29
N TYR A 53 -3.78 4.15 8.54
CA TYR A 53 -5.09 3.52 8.79
C TYR A 53 -5.76 4.16 10.01
N LYS A 54 -7.08 4.03 10.11
CA LYS A 54 -7.84 4.68 11.18
C LYS A 54 -8.35 3.66 12.21
N SER A 55 -8.47 4.11 13.47
CA SER A 55 -8.93 3.27 14.60
C SER A 55 -10.45 3.02 14.55
N ASP A 56 -11.03 2.54 15.68
CA ASP A 56 -12.46 2.24 15.70
C ASP A 56 -13.26 3.54 15.79
N SER A 57 -12.74 4.53 16.51
CA SER A 57 -13.40 5.82 16.58
C SER A 57 -12.87 6.82 15.55
N GLY A 58 -11.90 6.40 14.75
CA GLY A 58 -11.44 7.22 13.65
C GLY A 58 -10.15 7.98 13.97
N LYS A 59 -9.61 7.74 15.17
CA LYS A 59 -8.34 8.33 15.58
C LYS A 59 -7.19 7.60 14.87
N PRO A 60 -6.41 8.31 14.01
CA PRO A 60 -5.40 7.66 13.16
C PRO A 60 -4.18 7.07 13.92
N TYR A 61 -3.62 5.99 13.34
CA TYR A 61 -2.35 5.41 13.78
C TYR A 61 -1.50 5.14 12.54
N TYR A 62 -0.19 5.20 12.66
CA TYR A 62 0.66 5.03 11.49
C TYR A 62 1.66 3.89 11.77
N TYR A 63 1.68 2.85 10.92
CA TYR A 63 2.48 1.63 11.17
C TYR A 63 3.68 1.53 10.21
N ASN A 64 4.79 0.97 10.71
CA ASN A 64 6.03 0.85 9.92
C ASN A 64 6.26 -0.62 9.56
N SER A 65 6.49 -0.88 8.29
CA SER A 65 6.67 -2.23 7.79
C SER A 65 8.05 -2.83 8.10
N GLN A 66 9.08 -2.00 8.21
CA GLN A 66 10.44 -2.52 8.40
C GLN A 66 10.69 -2.83 9.86
N THR A 67 10.30 -1.90 10.70
CA THR A 67 10.60 -1.97 12.12
C THR A 67 9.41 -2.52 12.89
N LYS A 68 8.26 -2.49 12.21
CA LYS A 68 7.02 -3.06 12.72
C LYS A 68 6.53 -2.32 13.98
N GLU A 69 6.90 -1.04 14.11
CA GLU A 69 6.48 -0.22 15.25
C GLU A 69 5.27 0.64 14.89
N SER A 70 4.51 1.04 15.90
CA SER A 70 3.33 1.89 15.73
C SER A 70 3.52 3.23 16.46
N ARG A 71 3.07 4.34 15.86
CA ARG A 71 3.08 5.65 16.53
C ARG A 71 1.69 6.31 16.46
N TRP A 72 1.39 7.18 17.42
CA TRP A 72 0.15 7.97 17.37
C TRP A 72 0.35 9.18 16.44
N ALA A 73 1.48 9.88 16.57
CA ALA A 73 1.77 11.06 15.74
C ALA A 73 2.35 10.69 14.37
N LYS A 74 2.03 11.50 13.37
CA LYS A 74 2.58 11.39 12.03
C LYS A 74 4.07 11.76 12.00
N PRO A 75 4.96 10.85 11.58
CA PRO A 75 6.36 11.23 11.29
C PRO A 75 6.45 12.06 10.01
N LYS A 76 7.43 12.97 9.97
CA LYS A 76 7.61 13.91 8.88
C LYS A 76 7.83 13.21 7.55
N GLU A 77 8.33 11.98 7.61
CA GLU A 77 8.52 11.15 6.44
C GLU A 77 7.21 11.00 5.67
N LEU A 78 6.14 10.69 6.39
CA LEU A 78 4.87 10.43 5.77
C LEU A 78 4.22 11.72 5.33
N GLU A 79 4.57 12.78 6.02
CA GLU A 79 4.03 14.09 5.71
C GLU A 79 4.49 14.51 4.33
N ASP A 80 5.76 14.25 4.04
CA ASP A 80 6.34 14.52 2.73
C ASP A 80 5.59 13.75 1.65
N LEU A 81 5.18 12.54 1.98
CA LEU A 81 4.40 11.71 1.08
C LEU A 81 3.08 12.36 0.72
N GLU A 82 2.42 12.91 1.73
CA GLU A 82 1.08 13.50 1.56
C GLU A 82 1.11 14.70 0.64
N GLY A 83 2.29 15.27 0.44
CA GLY A 83 2.43 16.43 -0.42
C GLY A 83 2.16 16.12 -1.87
N TYR A 84 2.04 14.84 -2.18
CA TYR A 84 1.73 14.39 -3.53
C TYR A 84 0.23 14.54 -3.78
N GLN A 85 -0.20 15.77 -4.05
CA GLN A 85 -1.59 16.06 -4.32
C GLN A 85 -1.76 16.58 -5.75
N ASN A 86 -0.65 16.56 -6.48
CA ASN A 86 -0.62 16.84 -7.91
C ASN A 86 -1.46 18.03 -8.33
N THR A 87 -0.97 19.20 -8.03
CA THR A 87 -1.57 20.41 -8.52
C THR A 87 -0.92 20.80 -9.85
N ILE A 88 0.39 20.56 -9.91
CA ILE A 88 1.19 20.75 -11.12
C ILE A 88 1.35 22.24 -11.47
N VAL A 89 0.25 22.89 -11.79
CA VAL A 89 0.27 24.30 -12.12
C VAL A 89 0.72 25.13 -10.91
N ALA A 90 1.67 26.04 -11.13
CA ALA A 90 2.23 26.84 -10.06
C ALA A 90 1.32 28.01 -9.69
N GLY A 91 0.05 27.69 -9.47
CA GLY A 91 -0.92 28.70 -9.04
C GLY A 91 -1.83 28.17 -7.96
N SER A 92 -1.65 26.91 -7.60
CA SER A 92 -2.45 26.27 -6.55
C SER A 92 -1.56 25.31 -5.74
N LEU A 93 -1.46 25.56 -4.42
CA LEU A 93 -0.60 24.76 -3.55
C LEU A 93 0.83 24.76 -4.07
N ILE A 94 1.47 25.91 -3.95
CA ILE A 94 2.81 26.11 -4.46
C ILE A 94 3.81 25.27 -3.69
N THR A 95 4.11 24.06 -4.21
CA THR A 95 5.02 23.11 -3.55
C THR A 95 4.65 22.92 -2.08
N LYS A 96 3.34 22.73 -1.84
CA LYS A 96 2.78 22.64 -0.48
C LYS A 96 2.96 23.97 0.26
N SER A 97 4.12 24.16 0.87
CA SER A 97 4.44 25.41 1.54
C SER A 97 5.56 26.11 0.79
N ASN A 98 5.31 27.33 0.34
CA ASN A 98 6.30 28.05 -0.46
C ASN A 98 6.97 29.14 0.36
N LEU A 99 8.29 29.22 0.25
CA LEU A 99 9.06 30.24 0.93
C LEU A 99 10.24 30.68 0.06
N GLY B 1 -22.33 -13.40 -15.10
CA GLY B 1 -22.72 -14.76 -15.53
C GLY B 1 -21.53 -15.55 -16.04
N ALA B 2 -21.81 -16.69 -16.67
CA ALA B 2 -20.79 -17.56 -17.23
C ALA B 2 -19.83 -18.07 -16.15
N MET B 3 -20.15 -19.23 -15.60
CA MET B 3 -19.29 -19.86 -14.60
C MET B 3 -18.11 -20.55 -15.29
N SER B 4 -17.23 -19.75 -15.87
CA SER B 4 -16.06 -20.27 -16.56
C SER B 4 -15.00 -20.73 -15.58
N GLY B 5 -15.16 -20.31 -14.32
CA GLY B 5 -14.25 -20.74 -13.29
C GLY B 5 -13.30 -19.64 -12.88
N SER B 6 -13.52 -19.05 -11.71
CA SER B 6 -12.61 -18.07 -11.18
C SER B 6 -11.40 -18.78 -10.58
N PRO B 7 -10.19 -18.22 -10.76
CA PRO B 7 -8.95 -18.86 -10.30
C PRO B 7 -8.81 -18.84 -8.77
N PRO B 8 -7.94 -19.71 -8.21
CA PRO B 8 -7.80 -19.94 -6.75
C PRO B 8 -7.41 -18.71 -5.93
N LEU B 9 -7.80 -18.73 -4.66
CA LEU B 9 -7.39 -17.73 -3.68
C LEU B 9 -6.07 -18.14 -3.03
N PRO B 10 -5.14 -17.18 -2.84
CA PRO B 10 -3.77 -17.46 -2.37
C PRO B 10 -3.69 -17.84 -0.89
N PRO B 11 -2.66 -18.64 -0.53
CA PRO B 11 -2.32 -18.89 0.87
C PRO B 11 -1.82 -17.62 1.58
N GLY B 12 -1.90 -17.59 2.90
CA GLY B 12 -1.47 -16.42 3.64
C GLY B 12 -2.60 -15.41 3.78
N ALA B 13 -2.29 -14.28 4.39
CA ALA B 13 -3.28 -13.23 4.59
C ALA B 13 -2.64 -11.86 4.43
N PRO B 14 -3.35 -10.90 3.84
CA PRO B 14 -2.84 -9.55 3.64
C PRO B 14 -2.98 -8.72 4.91
N PRO B 15 -2.46 -7.47 4.93
CA PRO B 15 -2.61 -6.55 6.06
C PRO B 15 -3.98 -6.68 6.75
N PRO B 16 -4.03 -7.35 7.90
CA PRO B 16 -5.28 -7.71 8.58
C PRO B 16 -5.91 -6.53 9.32
N PRO B 17 -7.00 -6.77 10.10
CA PRO B 17 -7.58 -5.77 11.00
C PRO B 17 -6.51 -4.99 11.78
N PRO B 18 -6.86 -3.83 12.36
CA PRO B 18 -5.88 -2.91 12.94
C PRO B 18 -4.88 -3.60 13.87
N PRO B 19 -3.58 -3.46 13.56
CA PRO B 19 -2.50 -3.93 14.43
C PRO B 19 -2.45 -3.11 15.72
N PRO B 20 -1.75 -3.60 16.75
CA PRO B 20 -1.74 -2.96 18.07
C PRO B 20 -1.29 -1.50 18.03
N PRO B 21 -2.11 -0.55 18.55
CA PRO B 21 -1.63 0.79 18.79
C PRO B 21 -0.83 0.83 20.09
N PRO B 22 0.13 1.76 20.21
CA PRO B 22 1.00 1.83 21.38
C PRO B 22 0.24 2.10 22.66
N SER B 23 0.42 1.23 23.64
CA SER B 23 -0.15 1.42 24.96
C SER B 23 0.83 2.19 25.83
N GLY B 24 1.09 3.43 25.45
CA GLY B 24 2.06 4.24 26.15
C GLY B 24 1.58 4.70 27.50
N SER B 25 2.50 5.08 28.36
CA SER B 25 2.19 5.56 29.69
C SER B 25 1.72 7.01 29.66
N GLY B 26 0.74 7.26 28.81
CA GLY B 26 0.22 8.60 28.62
C GLY B 26 -0.69 8.66 27.42
N ASN B 27 -1.04 9.86 27.01
CA ASN B 27 -1.94 10.04 25.87
C ASN B 27 -1.46 11.17 24.98
N GLY A 1 -1.00 -1.19 -16.97
CA GLY A 1 -1.35 -1.14 -18.42
C GLY A 1 -1.62 0.27 -18.89
N ALA A 2 -0.58 1.08 -18.95
CA ALA A 2 -0.71 2.47 -19.36
C ALA A 2 -0.58 2.60 -20.88
N MET A 3 0.59 2.25 -21.40
CA MET A 3 0.87 2.42 -22.82
C MET A 3 0.96 1.08 -23.54
N GLY A 4 0.94 -0.01 -22.79
CA GLY A 4 1.04 -1.33 -23.41
C GLY A 4 1.95 -2.27 -22.64
N ALA A 5 1.38 -3.09 -21.76
CA ALA A 5 2.18 -4.03 -21.00
C ALA A 5 1.49 -5.38 -20.89
N LYS A 6 2.28 -6.44 -21.00
CA LYS A 6 1.77 -7.79 -20.76
C LYS A 6 2.21 -8.24 -19.38
N SER A 7 1.71 -7.54 -18.38
CA SER A 7 2.14 -7.73 -17.00
C SER A 7 1.90 -9.15 -16.46
N MET A 8 0.91 -9.88 -17.02
CA MET A 8 0.64 -11.29 -16.68
C MET A 8 -0.02 -11.44 -15.32
N TRP A 9 -0.21 -10.33 -14.65
CA TRP A 9 -0.97 -10.28 -13.42
C TRP A 9 -2.32 -9.62 -13.67
N THR A 10 -3.42 -10.29 -13.31
CA THR A 10 -4.75 -9.72 -13.45
C THR A 10 -5.42 -9.52 -12.08
N GLU A 11 -6.50 -8.74 -12.02
CA GLU A 11 -7.14 -8.37 -10.75
C GLU A 11 -8.52 -9.04 -10.61
N HIS A 12 -8.80 -9.66 -9.45
CA HIS A 12 -10.11 -10.30 -9.21
C HIS A 12 -10.53 -10.12 -7.74
N LYS A 13 -11.84 -10.19 -7.48
CA LYS A 13 -12.39 -10.02 -6.11
C LYS A 13 -12.94 -11.36 -5.57
N SER A 14 -12.77 -11.59 -4.26
CA SER A 14 -13.36 -12.75 -3.58
C SER A 14 -14.71 -12.33 -2.97
N PRO A 15 -15.63 -13.28 -2.61
CA PRO A 15 -16.95 -12.92 -2.02
C PRO A 15 -16.82 -12.10 -0.72
N ASP A 16 -15.60 -11.88 -0.24
CA ASP A 16 -15.39 -11.17 1.03
C ASP A 16 -14.96 -9.72 0.77
N GLY A 17 -14.92 -9.32 -0.51
CA GLY A 17 -14.55 -7.95 -0.85
C GLY A 17 -13.06 -7.80 -1.05
N ARG A 18 -12.35 -8.88 -0.76
CA ARG A 18 -10.90 -8.92 -0.87
C ARG A 18 -10.48 -9.06 -2.33
N THR A 19 -9.25 -8.71 -2.62
CA THR A 19 -8.73 -8.72 -3.98
C THR A 19 -7.55 -9.68 -4.06
N TYR A 20 -7.48 -10.52 -5.09
CA TYR A 20 -6.35 -11.43 -5.24
C TYR A 20 -5.85 -11.37 -6.67
N TYR A 21 -4.53 -11.29 -6.82
CA TYR A 21 -3.93 -11.10 -8.13
C TYR A 21 -3.38 -12.43 -8.66
N TYR A 22 -3.69 -12.75 -9.92
CA TYR A 22 -3.34 -14.03 -10.54
C TYR A 22 -2.28 -13.82 -11.62
N ASN A 23 -1.26 -14.68 -11.66
CA ASN A 23 -0.24 -14.60 -12.70
C ASN A 23 -0.59 -15.61 -13.78
N THR A 24 -0.89 -15.10 -14.96
CA THR A 24 -1.45 -15.90 -16.03
C THR A 24 -0.44 -16.78 -16.73
N GLU A 25 0.85 -16.68 -16.40
CA GLU A 25 1.83 -17.55 -17.05
C GLU A 25 2.33 -18.62 -16.08
N THR A 26 2.56 -18.24 -14.83
CA THR A 26 3.08 -19.15 -13.83
C THR A 26 1.96 -19.89 -13.14
N LYS A 27 0.77 -19.32 -13.27
CA LYS A 27 -0.46 -19.91 -12.74
C LYS A 27 -0.51 -19.78 -11.22
N GLN A 28 0.28 -18.85 -10.69
CA GLN A 28 0.42 -18.66 -9.24
C GLN A 28 -0.39 -17.44 -8.76
N SER A 29 -1.02 -17.56 -7.57
CA SER A 29 -1.81 -16.46 -6.99
C SER A 29 -1.09 -15.83 -5.77
N THR A 30 -1.45 -14.58 -5.45
CA THR A 30 -0.87 -13.86 -4.29
C THR A 30 -1.87 -12.85 -3.69
N TRP A 31 -1.61 -12.40 -2.45
CA TRP A 31 -2.43 -11.36 -1.80
C TRP A 31 -1.71 -10.00 -1.90
N GLU A 32 -0.43 -10.02 -2.32
CA GLU A 32 0.39 -8.80 -2.42
C GLU A 32 0.31 -8.23 -3.82
N LYS A 33 0.27 -6.90 -3.92
CA LYS A 33 0.20 -6.25 -5.22
C LYS A 33 1.59 -6.20 -5.86
N PRO A 34 1.78 -6.90 -6.99
CA PRO A 34 3.07 -6.90 -7.69
C PRO A 34 3.40 -5.51 -8.25
N ASP A 35 4.69 -5.17 -8.21
CA ASP A 35 5.19 -3.83 -8.57
C ASP A 35 4.81 -3.40 -9.99
N ASP A 36 4.45 -4.35 -10.83
CA ASP A 36 4.06 -4.07 -12.21
C ASP A 36 2.63 -3.52 -12.29
N LEU A 37 1.81 -3.81 -11.30
CA LEU A 37 0.42 -3.37 -11.29
C LEU A 37 0.26 -2.08 -10.50
N LYS A 38 1.28 -1.74 -9.74
CA LYS A 38 1.24 -0.57 -8.91
C LYS A 38 1.22 0.71 -9.75
N THR A 39 0.20 1.50 -9.49
CA THR A 39 0.08 2.82 -10.07
C THR A 39 1.21 3.73 -9.56
N PRO A 40 1.66 4.76 -10.34
CA PRO A 40 2.79 5.63 -9.91
C PRO A 40 2.64 6.08 -8.46
N ALA A 41 1.42 6.43 -8.09
CA ALA A 41 1.09 6.86 -6.73
C ALA A 41 1.46 5.78 -5.72
N GLU A 42 0.97 4.57 -5.98
CA GLU A 42 1.29 3.42 -5.17
C GLU A 42 2.80 3.16 -5.13
N GLN A 43 3.46 3.33 -6.27
CA GLN A 43 4.93 3.18 -6.35
C GLN A 43 5.63 4.17 -5.42
N LEU A 44 5.11 5.39 -5.40
CA LEU A 44 5.62 6.41 -4.49
C LEU A 44 5.42 5.98 -3.04
N LEU A 45 4.20 5.54 -2.74
CA LEU A 45 3.82 5.12 -1.40
C LEU A 45 4.61 3.88 -0.98
N SER A 46 4.96 3.06 -1.96
CA SER A 46 5.65 1.81 -1.71
C SER A 46 7.07 2.03 -1.16
N LYS A 47 7.66 3.21 -1.31
CA LYS A 47 8.97 3.45 -0.69
C LYS A 47 8.81 3.84 0.78
N CYS A 48 7.59 4.22 1.18
CA CYS A 48 7.37 4.69 2.53
C CYS A 48 7.06 3.53 3.47
N PRO A 49 7.93 3.27 4.46
CA PRO A 49 7.72 2.19 5.43
C PRO A 49 6.58 2.52 6.40
N TRP A 50 6.20 3.79 6.46
CA TRP A 50 5.07 4.25 7.26
C TRP A 50 3.81 4.30 6.38
N LYS A 51 2.72 3.63 6.78
CA LYS A 51 1.51 3.64 5.95
C LYS A 51 0.23 3.99 6.76
N GLU A 52 -0.62 4.78 6.11
CA GLU A 52 -1.91 5.25 6.68
C GLU A 52 -3.02 4.19 6.70
N TYR A 53 -3.52 3.87 7.91
CA TYR A 53 -4.83 3.22 8.06
C TYR A 53 -5.59 3.84 9.23
N LYS A 54 -6.92 3.69 9.22
CA LYS A 54 -7.77 4.32 10.23
C LYS A 54 -8.30 3.29 11.25
N SER A 55 -8.51 3.77 12.48
CA SER A 55 -9.00 2.93 13.60
C SER A 55 -10.51 2.60 13.45
N ASP A 56 -11.13 2.10 14.52
CA ASP A 56 -12.56 1.73 14.44
C ASP A 56 -13.43 2.96 14.44
N SER A 57 -13.02 4.01 15.15
CA SER A 57 -13.76 5.26 15.17
C SER A 57 -13.19 6.29 14.18
N GLY A 58 -12.18 5.90 13.43
CA GLY A 58 -11.71 6.75 12.35
C GLY A 58 -10.48 7.57 12.70
N LYS A 59 -9.97 7.39 13.91
CA LYS A 59 -8.75 8.07 14.35
C LYS A 59 -7.52 7.35 13.75
N PRO A 60 -6.74 8.03 12.89
CA PRO A 60 -5.63 7.39 12.14
C PRO A 60 -4.44 6.93 13.02
N TYR A 61 -3.80 5.84 12.54
CA TYR A 61 -2.53 5.37 13.10
C TYR A 61 -1.57 5.12 11.95
N TYR A 62 -0.26 5.22 12.18
CA TYR A 62 0.69 5.06 11.09
C TYR A 62 1.71 3.97 11.49
N TYR A 63 1.83 2.90 10.68
CA TYR A 63 2.67 1.73 11.04
C TYR A 63 3.94 1.67 10.18
N ASN A 64 5.05 1.21 10.79
CA ASN A 64 6.34 1.11 10.10
C ASN A 64 6.66 -0.36 9.87
N SER A 65 6.98 -0.70 8.63
CA SER A 65 7.23 -2.08 8.26
C SER A 65 8.64 -2.56 8.64
N GLN A 66 9.60 -1.65 8.77
CA GLN A 66 10.97 -2.04 9.09
C GLN A 66 11.13 -2.23 10.59
N THR A 67 10.68 -1.24 11.33
CA THR A 67 10.92 -1.19 12.76
C THR A 67 9.75 -1.80 13.52
N LYS A 68 8.66 -1.96 12.79
CA LYS A 68 7.45 -2.62 13.28
C LYS A 68 6.75 -1.80 14.36
N GLU A 69 7.01 -0.49 14.45
CA GLU A 69 6.43 0.35 15.49
C GLU A 69 5.16 1.05 14.99
N SER A 70 4.27 1.38 15.93
CA SER A 70 3.04 2.11 15.65
C SER A 70 3.07 3.47 16.38
N ARG A 71 2.67 4.56 15.69
CA ARG A 71 2.59 5.89 16.33
C ARG A 71 1.22 6.53 16.08
N TRP A 72 0.83 7.46 16.95
CA TRP A 72 -0.41 8.22 16.77
C TRP A 72 -0.16 9.41 15.83
N ALA A 73 0.97 10.12 16.00
CA ALA A 73 1.30 11.28 15.19
C ALA A 73 2.05 10.93 13.90
N LYS A 74 1.74 11.65 12.83
CA LYS A 74 2.41 11.52 11.55
C LYS A 74 3.88 11.96 11.62
N PRO A 75 4.84 11.06 11.28
CA PRO A 75 6.24 11.48 11.10
C PRO A 75 6.44 12.27 9.79
N LYS A 76 7.46 13.15 9.79
CA LYS A 76 7.74 14.09 8.70
C LYS A 76 8.00 13.37 7.37
N GLU A 77 8.53 12.15 7.44
CA GLU A 77 8.77 11.35 6.24
C GLU A 77 7.49 11.14 5.45
N LEU A 78 6.40 10.85 6.15
CA LEU A 78 5.15 10.55 5.48
C LEU A 78 4.49 11.83 5.03
N GLU A 79 4.82 12.91 5.71
CA GLU A 79 4.30 14.22 5.40
C GLU A 79 4.75 14.64 4.00
N ASP A 80 6.02 14.41 3.73
CA ASP A 80 6.60 14.66 2.41
C ASP A 80 5.96 13.77 1.36
N LEU A 81 5.63 12.54 1.76
CA LEU A 81 5.03 11.58 0.87
C LEU A 81 3.65 12.05 0.42
N GLU A 82 2.87 12.56 1.37
CA GLU A 82 1.54 13.08 1.06
C GLU A 82 1.66 14.38 0.29
N GLY A 83 2.62 15.18 0.69
CA GLY A 83 2.86 16.46 0.04
C GLY A 83 3.71 16.34 -1.20
N TYR A 84 3.45 15.31 -1.99
CA TYR A 84 4.14 15.11 -3.25
C TYR A 84 3.67 16.14 -4.28
N GLN A 85 4.08 17.38 -4.08
CA GLN A 85 3.76 18.46 -4.98
C GLN A 85 5.03 19.10 -5.50
N ASN A 86 6.16 18.55 -5.07
CA ASN A 86 7.49 19.01 -5.47
C ASN A 86 7.82 20.40 -4.92
N THR A 87 6.88 20.97 -4.18
CA THR A 87 7.07 22.30 -3.58
C THR A 87 7.86 22.22 -2.28
N ILE A 88 7.82 21.05 -1.65
CA ILE A 88 8.52 20.84 -0.39
C ILE A 88 10.03 20.98 -0.57
N VAL A 89 10.58 20.18 -1.48
CA VAL A 89 11.99 20.27 -1.80
C VAL A 89 12.24 21.36 -2.83
N ALA A 90 12.39 22.59 -2.36
CA ALA A 90 12.62 23.73 -3.23
C ALA A 90 14.10 23.97 -3.44
N GLY A 91 14.87 22.89 -3.49
CA GLY A 91 16.29 23.00 -3.66
C GLY A 91 17.05 22.44 -2.47
N SER A 92 18.34 22.73 -2.36
CA SER A 92 19.14 22.24 -1.23
C SER A 92 20.32 23.17 -1.00
N LEU A 93 20.07 24.46 -1.14
CA LEU A 93 21.09 25.47 -0.93
C LEU A 93 20.79 26.24 0.35
N ILE A 94 21.61 26.04 1.38
CA ILE A 94 21.38 26.69 2.66
C ILE A 94 21.73 28.19 2.58
N THR A 95 22.31 28.57 1.43
CA THR A 95 22.65 29.96 1.13
C THR A 95 23.59 30.55 2.17
N LYS A 96 24.83 30.06 2.18
CA LYS A 96 25.83 30.59 3.11
C LYS A 96 26.85 31.43 2.35
N SER A 97 27.04 32.67 2.79
CA SER A 97 27.91 33.59 2.08
C SER A 97 28.75 34.39 3.07
N ASN A 98 30.00 34.62 2.72
CA ASN A 98 30.89 35.46 3.52
C ASN A 98 30.96 36.84 2.90
N LEU A 99 29.89 37.19 2.19
CA LEU A 99 29.78 38.49 1.54
C LEU A 99 28.32 38.92 1.53
N GLY B 1 -23.27 -27.43 -20.37
CA GLY B 1 -22.91 -26.70 -19.13
C GLY B 1 -21.46 -26.32 -19.11
N ALA B 2 -21.18 -25.02 -19.17
CA ALA B 2 -19.83 -24.52 -19.12
C ALA B 2 -19.78 -23.21 -18.35
N MET B 3 -19.88 -23.30 -17.03
CA MET B 3 -19.83 -22.13 -16.17
C MET B 3 -18.39 -21.71 -15.93
N SER B 4 -18.06 -20.49 -16.33
CA SER B 4 -16.73 -19.95 -16.12
C SER B 4 -16.52 -19.67 -14.64
N GLY B 5 -15.57 -20.37 -14.04
CA GLY B 5 -15.30 -20.20 -12.64
C GLY B 5 -14.09 -19.32 -12.41
N SER B 6 -14.17 -18.48 -11.38
CA SER B 6 -13.08 -17.58 -11.03
C SER B 6 -11.84 -18.39 -10.64
N PRO B 7 -10.64 -17.85 -10.86
CA PRO B 7 -9.39 -18.55 -10.58
C PRO B 7 -9.14 -18.69 -9.06
N PRO B 8 -8.23 -19.61 -8.65
CA PRO B 8 -8.01 -19.97 -7.23
C PRO B 8 -7.60 -18.83 -6.32
N LEU B 9 -8.01 -18.92 -5.06
CA LEU B 9 -7.56 -18.02 -4.00
C LEU B 9 -6.21 -18.50 -3.45
N PRO B 10 -5.28 -17.59 -3.20
CA PRO B 10 -3.92 -17.92 -2.74
C PRO B 10 -3.87 -18.44 -1.31
N PRO B 11 -2.91 -19.33 -1.01
CA PRO B 11 -2.67 -19.79 0.36
C PRO B 11 -2.19 -18.65 1.26
N GLY B 12 -2.51 -18.73 2.55
CA GLY B 12 -2.08 -17.72 3.49
C GLY B 12 -3.09 -16.60 3.63
N ALA B 13 -2.69 -15.52 4.28
CA ALA B 13 -3.56 -14.39 4.52
C ALA B 13 -2.77 -13.09 4.38
N PRO B 14 -3.44 -12.00 3.96
CA PRO B 14 -2.79 -10.71 3.78
C PRO B 14 -2.62 -9.98 5.10
N PRO B 15 -1.95 -8.79 5.10
CA PRO B 15 -1.71 -7.96 6.28
C PRO B 15 -2.65 -8.25 7.44
N PRO B 16 -2.09 -8.83 8.52
CA PRO B 16 -2.85 -9.32 9.69
C PRO B 16 -3.82 -8.29 10.27
N PRO B 17 -4.72 -8.73 11.17
CA PRO B 17 -5.68 -7.86 11.87
C PRO B 17 -5.03 -6.58 12.40
N PRO B 18 -5.84 -5.56 12.78
CA PRO B 18 -5.32 -4.25 13.16
C PRO B 18 -4.18 -4.33 14.18
N PRO B 19 -3.04 -3.70 13.87
CA PRO B 19 -1.84 -3.78 14.70
C PRO B 19 -1.99 -2.92 15.94
N PRO B 20 -1.28 -3.24 17.03
CA PRO B 20 -1.48 -2.57 18.32
C PRO B 20 -1.16 -1.07 18.26
N PRO B 21 -2.13 -0.19 18.57
CA PRO B 21 -1.82 1.20 18.84
C PRO B 21 -1.34 1.40 20.28
N PRO B 22 -0.35 2.27 20.52
CA PRO B 22 0.14 2.55 21.87
C PRO B 22 -0.94 3.15 22.76
N SER B 23 -1.10 2.59 23.96
CA SER B 23 -2.12 3.06 24.89
C SER B 23 -1.74 4.42 25.46
N GLY B 24 -0.46 4.73 25.42
CA GLY B 24 0.02 6.00 25.92
C GLY B 24 0.68 5.87 27.27
N SER B 25 1.77 5.11 27.33
CA SER B 25 2.49 4.88 28.57
C SER B 25 3.39 6.07 28.90
N GLY B 26 2.82 7.26 28.85
CA GLY B 26 3.56 8.46 29.16
C GLY B 26 2.63 9.56 29.62
N ASN B 27 1.48 9.18 30.14
CA ASN B 27 0.48 10.13 30.60
C ASN B 27 0.54 10.28 32.12
N GLY A 1 1.00 -1.68 -15.82
CA GLY A 1 -0.07 -1.53 -16.83
C GLY A 1 -0.68 -2.86 -17.23
N ALA A 2 -1.47 -3.46 -16.34
CA ALA A 2 -2.11 -4.74 -16.61
C ALA A 2 -3.50 -4.52 -17.21
N MET A 3 -3.55 -3.76 -18.28
CA MET A 3 -4.82 -3.47 -18.96
C MET A 3 -4.68 -3.69 -20.46
N GLY A 4 -3.51 -4.20 -20.86
CA GLY A 4 -3.24 -4.44 -22.27
C GLY A 4 -1.83 -4.95 -22.47
N ALA A 5 -1.31 -5.64 -21.47
CA ALA A 5 0.06 -6.14 -21.51
C ALA A 5 0.15 -7.48 -20.77
N LYS A 6 0.99 -8.37 -21.27
CA LYS A 6 1.10 -9.72 -20.69
C LYS A 6 2.00 -9.72 -19.46
N SER A 7 1.60 -8.96 -18.46
CA SER A 7 2.32 -8.91 -17.19
C SER A 7 2.25 -10.25 -16.44
N MET A 8 1.29 -11.10 -16.83
CA MET A 8 1.06 -12.42 -16.22
C MET A 8 0.35 -12.31 -14.88
N TRP A 9 0.14 -11.09 -14.43
CA TRP A 9 -0.68 -10.83 -13.27
C TRP A 9 -2.01 -10.20 -13.69
N THR A 10 -3.11 -10.81 -13.29
CA THR A 10 -4.44 -10.26 -13.56
C THR A 10 -5.15 -9.86 -12.26
N GLU A 11 -6.22 -9.06 -12.36
CA GLU A 11 -6.90 -8.51 -11.18
C GLU A 11 -8.32 -9.10 -11.03
N HIS A 12 -8.66 -9.57 -9.82
CA HIS A 12 -10.00 -10.13 -9.55
C HIS A 12 -10.48 -9.73 -8.15
N LYS A 13 -11.81 -9.71 -7.95
CA LYS A 13 -12.41 -9.32 -6.66
C LYS A 13 -13.05 -10.55 -5.97
N SER A 14 -12.93 -10.63 -4.64
CA SER A 14 -13.57 -11.69 -3.84
C SER A 14 -14.96 -11.19 -3.37
N PRO A 15 -15.89 -12.08 -2.91
CA PRO A 15 -17.22 -11.64 -2.39
C PRO A 15 -17.13 -10.65 -1.21
N ASP A 16 -15.92 -10.36 -0.76
CA ASP A 16 -15.72 -9.51 0.42
C ASP A 16 -15.26 -8.10 0.00
N GLY A 17 -15.16 -7.85 -1.31
CA GLY A 17 -14.76 -6.53 -1.79
C GLY A 17 -13.26 -6.40 -1.91
N ARG A 18 -12.57 -7.46 -1.53
CA ARG A 18 -11.13 -7.53 -1.57
C ARG A 18 -10.63 -7.91 -2.97
N THR A 19 -9.37 -7.64 -3.22
CA THR A 19 -8.78 -7.85 -4.53
C THR A 19 -7.64 -8.86 -4.40
N TYR A 20 -7.54 -9.81 -5.31
CA TYR A 20 -6.43 -10.75 -5.28
C TYR A 20 -5.85 -10.91 -6.68
N TYR A 21 -4.54 -10.91 -6.77
CA TYR A 21 -3.86 -10.90 -8.05
C TYR A 21 -3.32 -12.32 -8.36
N TYR A 22 -3.58 -12.80 -9.58
CA TYR A 22 -3.21 -14.16 -9.98
C TYR A 22 -2.10 -14.11 -11.03
N ASN A 23 -1.10 -14.98 -10.89
CA ASN A 23 -0.03 -15.06 -11.87
C ASN A 23 -0.32 -16.20 -12.83
N THR A 24 -0.55 -15.86 -14.08
CA THR A 24 -1.04 -16.78 -15.06
C THR A 24 0.01 -17.74 -15.58
N GLU A 25 1.26 -17.61 -15.15
CA GLU A 25 2.28 -18.55 -15.61
C GLU A 25 2.68 -19.50 -14.49
N THR A 26 2.86 -18.96 -13.28
CA THR A 26 3.32 -19.75 -12.15
C THR A 26 2.16 -20.40 -11.44
N LYS A 27 0.97 -19.88 -11.73
CA LYS A 27 -0.28 -20.40 -11.22
C LYS A 27 -0.46 -20.05 -9.75
N GLN A 28 0.27 -19.02 -9.29
CA GLN A 28 0.28 -18.66 -7.87
C GLN A 28 -0.54 -17.37 -7.61
N SER A 29 -1.19 -17.31 -6.44
CA SER A 29 -1.98 -16.12 -6.05
C SER A 29 -1.29 -15.35 -4.90
N THR A 30 -1.63 -14.06 -4.76
CA THR A 30 -1.08 -13.21 -3.69
C THR A 30 -2.07 -12.10 -3.29
N TRP A 31 -1.86 -11.50 -2.10
CA TRP A 31 -2.66 -10.34 -1.65
C TRP A 31 -1.87 -9.06 -1.91
N GLU A 32 -0.59 -9.23 -2.25
CA GLU A 32 0.32 -8.12 -2.49
C GLU A 32 0.25 -7.70 -3.95
N LYS A 33 0.34 -6.40 -4.19
CA LYS A 33 0.32 -5.89 -5.54
C LYS A 33 1.73 -5.95 -6.13
N PRO A 34 1.94 -6.77 -7.17
CA PRO A 34 3.25 -6.88 -7.80
C PRO A 34 3.69 -5.57 -8.46
N ASP A 35 4.99 -5.29 -8.38
CA ASP A 35 5.58 -4.02 -8.85
C ASP A 35 5.22 -3.69 -10.30
N ASP A 36 4.85 -4.68 -11.08
CA ASP A 36 4.49 -4.47 -12.48
C ASP A 36 3.08 -3.92 -12.65
N LEU A 37 2.24 -4.09 -11.63
CA LEU A 37 0.86 -3.60 -11.71
C LEU A 37 0.70 -2.28 -10.98
N LYS A 38 1.70 -1.92 -10.20
CA LYS A 38 1.66 -0.70 -9.40
C LYS A 38 1.67 0.55 -10.27
N THR A 39 0.66 1.38 -10.04
CA THR A 39 0.56 2.68 -10.70
C THR A 39 1.71 3.60 -10.24
N PRO A 40 2.14 4.62 -11.03
CA PRO A 40 3.28 5.48 -10.65
C PRO A 40 3.16 5.98 -9.21
N ALA A 41 1.95 6.37 -8.84
CA ALA A 41 1.66 6.85 -7.50
C ALA A 41 2.02 5.79 -6.46
N GLU A 42 1.52 4.59 -6.69
CA GLU A 42 1.84 3.44 -5.84
C GLU A 42 3.35 3.20 -5.78
N GLN A 43 4.01 3.29 -6.93
CA GLN A 43 5.48 3.09 -6.98
C GLN A 43 6.19 4.13 -6.10
N LEU A 44 5.67 5.34 -6.13
CA LEU A 44 6.18 6.42 -5.28
C LEU A 44 5.88 6.12 -3.82
N LEU A 45 4.60 5.86 -3.55
CA LEU A 45 4.09 5.67 -2.20
C LEU A 45 4.72 4.46 -1.53
N SER A 46 4.92 3.40 -2.31
CA SER A 46 5.40 2.13 -1.81
C SER A 46 6.77 2.23 -1.15
N LYS A 47 7.57 3.24 -1.50
CA LYS A 47 8.90 3.37 -0.92
C LYS A 47 8.79 3.90 0.52
N CYS A 48 7.59 4.36 0.90
CA CYS A 48 7.37 4.87 2.25
C CYS A 48 7.08 3.72 3.20
N PRO A 49 7.94 3.51 4.21
CA PRO A 49 7.77 2.42 5.17
C PRO A 49 6.61 2.68 6.14
N TRP A 50 6.18 3.92 6.23
CA TRP A 50 5.05 4.31 7.06
C TRP A 50 3.77 4.35 6.21
N LYS A 51 2.72 3.60 6.60
CA LYS A 51 1.47 3.58 5.80
C LYS A 51 0.22 3.81 6.68
N GLU A 52 -0.73 4.57 6.12
CA GLU A 52 -2.01 4.93 6.79
C GLU A 52 -3.08 3.82 6.76
N TYR A 53 -3.49 3.35 7.95
CA TYR A 53 -4.73 2.56 8.08
C TYR A 53 -5.53 3.05 9.30
N LYS A 54 -6.83 2.78 9.31
CA LYS A 54 -7.72 3.30 10.33
C LYS A 54 -8.16 2.21 11.32
N SER A 55 -8.44 2.64 12.56
CA SER A 55 -8.86 1.73 13.64
C SER A 55 -10.36 1.38 13.55
N ASP A 56 -10.91 0.80 14.63
CA ASP A 56 -12.32 0.38 14.64
C ASP A 56 -13.23 1.59 14.79
N SER A 57 -12.78 2.61 15.53
CA SER A 57 -13.53 3.85 15.62
C SER A 57 -13.13 4.83 14.53
N GLY A 58 -12.07 4.52 13.82
CA GLY A 58 -11.63 5.37 12.74
C GLY A 58 -10.45 6.27 13.14
N LYS A 59 -9.98 6.09 14.37
CA LYS A 59 -8.80 6.79 14.86
C LYS A 59 -7.54 6.20 14.18
N PRO A 60 -6.82 6.99 13.37
CA PRO A 60 -5.71 6.47 12.53
C PRO A 60 -4.46 5.98 13.33
N TYR A 61 -3.78 4.98 12.75
CA TYR A 61 -2.46 4.52 13.23
C TYR A 61 -1.53 4.40 12.04
N TYR A 62 -0.22 4.57 12.23
CA TYR A 62 0.71 4.53 11.12
C TYR A 62 1.81 3.48 11.41
N TYR A 63 1.97 2.49 10.52
CA TYR A 63 2.89 1.35 10.78
C TYR A 63 4.13 1.43 9.88
N ASN A 64 5.28 0.98 10.43
CA ASN A 64 6.55 1.02 9.71
C ASN A 64 6.97 -0.41 9.37
N SER A 65 7.29 -0.64 8.10
CA SER A 65 7.63 -1.97 7.63
C SER A 65 9.07 -2.39 7.96
N GLN A 66 9.99 -1.44 8.13
CA GLN A 66 11.39 -1.80 8.36
C GLN A 66 11.64 -2.04 9.84
N THR A 67 11.09 -1.17 10.66
CA THR A 67 11.34 -1.22 12.09
C THR A 67 10.21 -1.94 12.82
N LYS A 68 9.11 -2.10 12.11
CA LYS A 68 7.94 -2.84 12.58
C LYS A 68 7.23 -2.11 13.72
N GLU A 69 7.45 -0.80 13.86
CA GLU A 69 6.86 -0.02 14.95
C GLU A 69 5.52 0.60 14.55
N SER A 70 4.67 0.85 15.55
CA SER A 70 3.39 1.52 15.35
C SER A 70 3.38 2.85 16.15
N ARG A 71 2.88 3.94 15.54
CA ARG A 71 2.72 5.23 16.26
C ARG A 71 1.29 5.75 16.11
N TRP A 72 0.85 6.57 17.07
CA TRP A 72 -0.46 7.23 16.96
C TRP A 72 -0.35 8.48 16.08
N ALA A 73 0.72 9.29 16.26
CA ALA A 73 0.91 10.52 15.48
C ALA A 73 1.63 10.27 14.15
N LYS A 74 1.24 11.04 13.14
CA LYS A 74 1.90 11.03 11.83
C LYS A 74 3.33 11.57 11.90
N PRO A 75 4.35 10.78 11.49
CA PRO A 75 5.69 11.32 11.31
C PRO A 75 5.79 12.22 10.06
N LYS A 76 6.70 13.19 10.12
CA LYS A 76 6.84 14.23 9.08
C LYS A 76 7.16 13.63 7.71
N GLU A 77 7.82 12.47 7.69
CA GLU A 77 8.11 11.78 6.43
C GLU A 77 6.85 11.51 5.64
N LEU A 78 5.79 11.08 6.31
CA LEU A 78 4.58 10.69 5.64
C LEU A 78 3.81 11.93 5.24
N GLU A 79 4.03 12.99 5.98
CA GLU A 79 3.37 14.25 5.73
C GLU A 79 3.85 14.83 4.41
N ASP A 80 5.16 14.77 4.19
CA ASP A 80 5.76 15.18 2.94
C ASP A 80 5.23 14.34 1.78
N LEU A 81 4.97 13.07 2.07
CA LEU A 81 4.45 12.14 1.09
C LEU A 81 3.07 12.55 0.60
N GLU A 82 2.22 12.95 1.54
CA GLU A 82 0.84 13.29 1.22
C GLU A 82 0.77 14.50 0.31
N GLY A 83 1.70 15.42 0.53
CA GLY A 83 1.72 16.64 -0.24
C GLY A 83 2.51 16.52 -1.51
N TYR A 84 3.21 15.40 -1.66
CA TYR A 84 4.10 15.19 -2.80
C TYR A 84 5.03 16.39 -2.96
N GLN A 85 5.89 16.56 -1.94
CA GLN A 85 6.83 17.68 -1.91
C GLN A 85 7.97 17.47 -2.92
N ASN A 86 7.59 17.37 -4.18
CA ASN A 86 8.54 17.26 -5.28
C ASN A 86 9.19 18.62 -5.58
N THR A 87 8.49 19.70 -5.26
CA THR A 87 9.01 21.04 -5.46
C THR A 87 9.87 21.47 -4.28
N ILE A 88 10.43 22.68 -4.35
CA ILE A 88 11.34 23.20 -3.32
C ILE A 88 12.49 22.22 -3.09
N VAL A 89 13.23 21.96 -4.15
CA VAL A 89 14.41 21.10 -4.06
C VAL A 89 15.57 21.89 -3.47
N ALA A 90 16.05 22.88 -4.22
CA ALA A 90 17.14 23.74 -3.77
C ALA A 90 18.33 22.93 -3.24
N GLY A 91 18.68 21.88 -3.96
CA GLY A 91 19.80 21.04 -3.55
C GLY A 91 20.98 21.20 -4.48
N SER A 92 20.77 21.93 -5.57
CA SER A 92 21.82 22.18 -6.55
C SER A 92 21.78 23.64 -7.00
N LEU A 93 21.63 24.54 -6.04
CA LEU A 93 21.56 25.96 -6.34
C LEU A 93 22.76 26.68 -5.74
N ILE A 94 23.87 25.98 -5.72
CA ILE A 94 25.10 26.50 -5.14
C ILE A 94 25.99 27.09 -6.24
N THR A 95 25.38 27.77 -7.19
CA THR A 95 26.10 28.40 -8.27
C THR A 95 26.70 29.72 -7.80
N LYS A 96 26.58 29.99 -6.51
CA LYS A 96 27.12 31.20 -5.90
C LYS A 96 27.25 30.98 -4.40
N SER A 97 28.29 31.55 -3.82
CA SER A 97 28.55 31.40 -2.39
C SER A 97 29.51 32.48 -1.92
N ASN A 98 29.80 32.50 -0.63
CA ASN A 98 30.72 33.48 -0.06
C ASN A 98 32.07 32.83 0.23
N LEU A 99 32.41 31.81 -0.55
CA LEU A 99 33.66 31.09 -0.37
C LEU A 99 34.03 30.33 -1.64
N GLY B 1 -12.81 -17.99 -15.72
CA GLY B 1 -13.65 -19.07 -16.28
C GLY B 1 -14.22 -18.70 -17.62
N ALA B 2 -15.35 -19.30 -17.96
CA ALA B 2 -16.00 -19.02 -19.24
C ALA B 2 -17.16 -18.05 -19.04
N MET B 3 -17.84 -18.18 -17.91
CA MET B 3 -19.00 -17.35 -17.61
C MET B 3 -18.85 -16.67 -16.26
N SER B 4 -18.92 -17.46 -15.20
CA SER B 4 -18.84 -16.94 -13.84
C SER B 4 -17.95 -17.84 -12.97
N GLY B 5 -16.66 -17.85 -13.28
CA GLY B 5 -15.72 -18.66 -12.53
C GLY B 5 -14.46 -17.90 -12.21
N SER B 6 -14.09 -17.87 -10.94
CA SER B 6 -12.90 -17.15 -10.51
C SER B 6 -11.83 -18.10 -9.99
N PRO B 7 -10.55 -17.73 -10.15
CA PRO B 7 -9.41 -18.53 -9.68
C PRO B 7 -9.25 -18.47 -8.14
N PRO B 8 -8.39 -19.34 -7.55
CA PRO B 8 -8.26 -19.50 -6.08
C PRO B 8 -7.84 -18.24 -5.31
N LEU B 9 -8.27 -18.18 -4.04
CA LEU B 9 -7.85 -17.12 -3.12
C LEU B 9 -6.57 -17.53 -2.39
N PRO B 10 -5.63 -16.58 -2.22
CA PRO B 10 -4.30 -16.87 -1.62
C PRO B 10 -4.35 -17.07 -0.10
N PRO B 11 -3.43 -17.89 0.42
CA PRO B 11 -3.25 -18.06 1.87
C PRO B 11 -2.75 -16.77 2.55
N GLY B 12 -2.97 -16.65 3.85
CA GLY B 12 -2.51 -15.48 4.57
C GLY B 12 -3.55 -14.37 4.58
N ALA B 13 -3.17 -13.22 5.09
CA ALA B 13 -4.06 -12.07 5.15
C ALA B 13 -3.27 -10.79 4.87
N PRO B 14 -3.89 -9.83 4.17
CA PRO B 14 -3.23 -8.60 3.80
C PRO B 14 -3.21 -7.57 4.94
N PRO B 15 -2.57 -6.40 4.73
CA PRO B 15 -2.49 -5.34 5.75
C PRO B 15 -3.81 -4.99 6.50
N PRO B 16 -4.97 -4.79 5.79
CA PRO B 16 -6.25 -4.37 6.39
C PRO B 16 -6.55 -4.90 7.80
N PRO B 17 -6.45 -6.24 8.07
CA PRO B 17 -6.50 -6.76 9.44
C PRO B 17 -5.49 -6.03 10.35
N PRO B 18 -5.97 -5.16 11.26
CA PRO B 18 -5.10 -4.21 11.96
C PRO B 18 -4.04 -4.88 12.84
N PRO B 19 -2.76 -4.54 12.63
CA PRO B 19 -1.67 -4.92 13.54
C PRO B 19 -1.82 -4.15 14.85
N PRO B 20 -1.09 -4.56 15.91
CA PRO B 20 -1.25 -3.97 17.25
C PRO B 20 -0.94 -2.48 17.29
N PRO B 21 -1.89 -1.63 17.76
CA PRO B 21 -1.56 -0.25 18.05
C PRO B 21 -0.89 -0.12 19.41
N PRO B 22 -0.11 0.94 19.63
CA PRO B 22 0.60 1.16 20.88
C PRO B 22 -0.33 1.44 22.05
N SER B 23 0.03 0.96 23.23
CA SER B 23 -0.70 1.26 24.44
C SER B 23 -0.28 2.63 24.95
N GLY B 24 -1.19 3.30 25.65
CA GLY B 24 -0.90 4.64 26.13
C GLY B 24 -1.86 5.67 25.54
N SER B 25 -2.95 5.17 24.98
CA SER B 25 -4.00 6.03 24.45
C SER B 25 -4.67 6.79 25.59
N GLY B 26 -4.64 6.17 26.76
CA GLY B 26 -5.23 6.76 27.94
C GLY B 26 -5.28 5.76 29.07
N ASN B 27 -6.04 6.07 30.10
CA ASN B 27 -6.20 5.18 31.23
C ASN B 27 -7.48 4.38 31.10
N GLY A 1 12.55 -6.67 -20.30
CA GLY A 1 12.53 -8.01 -19.66
C GLY A 1 11.12 -8.50 -19.42
N ALA A 2 10.41 -8.81 -20.49
CA ALA A 2 9.04 -9.30 -20.39
C ALA A 2 8.87 -10.59 -21.19
N MET A 3 8.15 -11.54 -20.62
CA MET A 3 7.89 -12.81 -21.27
C MET A 3 6.83 -12.65 -22.36
N GLY A 4 6.25 -11.46 -22.44
CA GLY A 4 5.25 -11.16 -23.45
C GLY A 4 4.71 -9.76 -23.28
N ALA A 5 3.78 -9.36 -24.13
CA ALA A 5 3.17 -8.04 -24.02
C ALA A 5 2.03 -8.09 -23.02
N LYS A 6 1.90 -7.03 -22.20
CA LYS A 6 0.90 -6.97 -21.14
C LYS A 6 1.24 -7.97 -20.03
N SER A 7 1.37 -7.46 -18.80
CA SER A 7 1.69 -8.27 -17.62
C SER A 7 0.82 -9.52 -17.54
N MET A 8 1.34 -10.55 -16.88
CA MET A 8 0.65 -11.82 -16.78
C MET A 8 -0.15 -11.87 -15.49
N TRP A 9 -0.18 -10.74 -14.81
CA TRP A 9 -0.94 -10.59 -13.58
C TRP A 9 -2.27 -9.90 -13.88
N THR A 10 -3.37 -10.53 -13.53
CA THR A 10 -4.69 -9.94 -13.74
C THR A 10 -5.38 -9.66 -12.39
N GLU A 11 -6.44 -8.84 -12.41
CA GLU A 11 -7.08 -8.38 -11.16
C GLU A 11 -8.50 -8.97 -11.01
N HIS A 12 -8.82 -9.50 -9.82
CA HIS A 12 -10.15 -10.09 -9.55
C HIS A 12 -10.58 -9.82 -8.11
N LYS A 13 -11.90 -9.84 -7.86
CA LYS A 13 -12.45 -9.56 -6.53
C LYS A 13 -13.03 -10.84 -5.87
N SER A 14 -12.89 -10.95 -4.54
CA SER A 14 -13.51 -12.03 -3.77
C SER A 14 -14.83 -11.52 -3.15
N PRO A 15 -15.77 -12.40 -2.72
CA PRO A 15 -17.08 -11.97 -2.14
C PRO A 15 -16.95 -11.05 -0.91
N ASP A 16 -15.73 -10.81 -0.44
CA ASP A 16 -15.51 -9.98 0.74
C ASP A 16 -15.05 -8.57 0.35
N GLY A 17 -14.96 -8.31 -0.96
CA GLY A 17 -14.56 -7.00 -1.44
C GLY A 17 -13.06 -6.92 -1.63
N ARG A 18 -12.39 -8.00 -1.29
CA ARG A 18 -10.94 -8.10 -1.38
C ARG A 18 -10.52 -8.36 -2.82
N THR A 19 -9.27 -8.08 -3.11
CA THR A 19 -8.73 -8.21 -4.45
C THR A 19 -7.58 -9.21 -4.44
N TYR A 20 -7.55 -10.14 -5.39
CA TYR A 20 -6.44 -11.10 -5.45
C TYR A 20 -5.91 -11.17 -6.87
N TYR A 21 -4.59 -11.11 -7.00
CA TYR A 21 -3.96 -11.03 -8.30
C TYR A 21 -3.45 -12.41 -8.75
N TYR A 22 -3.77 -12.78 -9.98
CA TYR A 22 -3.46 -14.11 -10.52
C TYR A 22 -2.39 -14.00 -11.61
N ASN A 23 -1.40 -14.90 -11.59
CA ASN A 23 -0.37 -14.90 -12.63
C ASN A 23 -0.75 -15.96 -13.66
N THR A 24 -1.02 -15.50 -14.86
CA THR A 24 -1.58 -16.33 -15.91
C THR A 24 -0.57 -17.27 -16.56
N GLU A 25 0.70 -17.20 -16.18
CA GLU A 25 1.68 -18.10 -16.77
C GLU A 25 2.11 -19.17 -15.77
N THR A 26 2.30 -18.79 -14.52
CA THR A 26 2.73 -19.72 -13.49
C THR A 26 1.54 -20.43 -12.86
N LYS A 27 0.39 -19.78 -12.97
CA LYS A 27 -0.86 -20.26 -12.41
C LYS A 27 -0.88 -20.08 -10.89
N GLN A 28 -0.13 -19.09 -10.39
CA GLN A 28 -0.02 -18.85 -8.96
C GLN A 28 -0.78 -17.56 -8.55
N SER A 29 -1.35 -17.55 -7.34
CA SER A 29 -2.08 -16.38 -6.81
C SER A 29 -1.34 -15.72 -5.63
N THR A 30 -1.67 -14.45 -5.35
CA THR A 30 -1.06 -13.70 -4.23
C THR A 30 -2.03 -12.65 -3.66
N TRP A 31 -1.75 -12.16 -2.44
CA TRP A 31 -2.54 -11.06 -1.84
C TRP A 31 -1.77 -9.73 -1.99
N GLU A 32 -0.50 -9.83 -2.38
CA GLU A 32 0.37 -8.66 -2.55
C GLU A 32 0.28 -8.16 -3.99
N LYS A 33 0.37 -6.85 -4.15
CA LYS A 33 0.34 -6.28 -5.49
C LYS A 33 1.74 -6.31 -6.10
N PRO A 34 1.91 -7.05 -7.22
CA PRO A 34 3.23 -7.10 -7.89
C PRO A 34 3.61 -5.74 -8.46
N ASP A 35 4.91 -5.41 -8.35
CA ASP A 35 5.42 -4.07 -8.72
C ASP A 35 5.12 -3.67 -10.16
N ASP A 36 4.78 -4.64 -10.99
CA ASP A 36 4.44 -4.38 -12.38
C ASP A 36 3.01 -3.86 -12.55
N LEU A 37 2.18 -4.06 -11.53
CA LEU A 37 0.80 -3.58 -11.56
C LEU A 37 0.65 -2.30 -10.75
N LYS A 38 1.63 -2.01 -9.91
CA LYS A 38 1.59 -0.85 -9.05
C LYS A 38 1.59 0.44 -9.86
N THR A 39 0.58 1.24 -9.60
CA THR A 39 0.46 2.56 -10.22
C THR A 39 1.60 3.48 -9.72
N PRO A 40 2.03 4.51 -10.48
CA PRO A 40 3.16 5.39 -10.06
C PRO A 40 3.02 5.83 -8.61
N ALA A 41 1.79 6.17 -8.22
CA ALA A 41 1.50 6.61 -6.87
C ALA A 41 1.89 5.54 -5.86
N GLU A 42 1.42 4.33 -6.10
CA GLU A 42 1.77 3.17 -5.29
C GLU A 42 3.28 2.96 -5.25
N GLN A 43 3.94 3.07 -6.40
CA GLN A 43 5.41 2.91 -6.46
C GLN A 43 6.09 3.94 -5.56
N LEU A 44 5.53 5.14 -5.55
CA LEU A 44 6.01 6.20 -4.68
C LEU A 44 5.75 5.86 -3.22
N LEU A 45 4.50 5.54 -2.93
CA LEU A 45 4.05 5.29 -1.56
C LEU A 45 4.69 4.04 -0.98
N SER A 46 4.90 3.04 -1.82
CA SER A 46 5.42 1.75 -1.40
C SER A 46 6.81 1.85 -0.76
N LYS A 47 7.56 2.90 -1.06
CA LYS A 47 8.89 3.04 -0.47
C LYS A 47 8.81 3.65 0.94
N CYS A 48 7.63 4.14 1.30
CA CYS A 48 7.44 4.76 2.61
C CYS A 48 7.21 3.67 3.66
N PRO A 49 8.11 3.56 4.66
CA PRO A 49 7.98 2.54 5.69
C PRO A 49 6.81 2.80 6.65
N TRP A 50 6.32 4.04 6.63
CA TRP A 50 5.14 4.43 7.40
C TRP A 50 3.89 4.34 6.51
N LYS A 51 2.87 3.58 6.92
CA LYS A 51 1.64 3.43 6.09
C LYS A 51 0.35 3.69 6.88
N GLU A 52 -0.60 4.35 6.19
CA GLU A 52 -1.95 4.66 6.71
C GLU A 52 -2.85 3.44 6.89
N TYR A 53 -3.31 3.17 8.12
CA TYR A 53 -4.54 2.37 8.32
C TYR A 53 -5.43 3.00 9.40
N LYS A 54 -6.73 2.74 9.31
CA LYS A 54 -7.71 3.31 10.25
C LYS A 54 -8.17 2.32 11.32
N SER A 55 -8.40 2.84 12.52
CA SER A 55 -8.81 2.05 13.70
C SER A 55 -10.35 1.90 13.79
N ASP A 56 -10.88 1.45 14.95
CA ASP A 56 -12.31 1.07 15.01
C ASP A 56 -13.20 2.32 15.01
N SER A 57 -12.75 3.39 15.63
CA SER A 57 -13.48 4.65 15.58
C SER A 57 -13.22 5.41 14.29
N GLY A 58 -12.19 4.99 13.58
CA GLY A 58 -11.77 5.70 12.39
C GLY A 58 -10.60 6.62 12.68
N LYS A 59 -10.11 6.55 13.91
CA LYS A 59 -8.95 7.32 14.33
C LYS A 59 -7.68 6.64 13.77
N PRO A 60 -6.93 7.32 12.88
CA PRO A 60 -5.80 6.68 12.16
C PRO A 60 -4.60 6.30 13.05
N TYR A 61 -3.90 5.24 12.63
CA TYR A 61 -2.61 4.83 13.23
C TYR A 61 -1.62 4.58 12.12
N TYR A 62 -0.33 4.85 12.33
CA TYR A 62 0.64 4.78 11.26
C TYR A 62 1.80 3.84 11.68
N TYR A 63 2.07 2.80 10.87
CA TYR A 63 3.04 1.74 11.25
C TYR A 63 4.33 1.84 10.43
N ASN A 64 5.47 1.51 11.07
CA ASN A 64 6.78 1.54 10.41
C ASN A 64 7.28 0.12 10.21
N SER A 65 7.66 -0.20 8.99
CA SER A 65 8.10 -1.55 8.66
C SER A 65 9.56 -1.83 9.05
N GLN A 66 10.38 -0.80 9.24
CA GLN A 66 11.79 -1.02 9.58
C GLN A 66 11.96 -1.18 11.09
N THR A 67 11.37 -0.25 11.83
CA THR A 67 11.57 -0.18 13.27
C THR A 67 10.46 -0.91 14.00
N LYS A 68 9.40 -1.22 13.25
CA LYS A 68 8.27 -1.98 13.74
C LYS A 68 7.45 -1.19 14.77
N GLU A 69 7.62 0.14 14.79
CA GLU A 69 6.93 0.97 15.78
C GLU A 69 5.60 1.50 15.23
N SER A 70 4.67 1.77 16.15
CA SER A 70 3.37 2.32 15.83
C SER A 70 3.21 3.70 16.51
N ARG A 71 2.70 4.70 15.79
CA ARG A 71 2.45 6.04 16.39
C ARG A 71 1.03 6.51 16.09
N TRP A 72 0.51 7.38 16.97
CA TRP A 72 -0.80 7.99 16.78
C TRP A 72 -0.71 9.18 15.79
N ALA A 73 0.35 9.99 15.89
CA ALA A 73 0.55 11.14 15.00
C ALA A 73 1.29 10.77 13.71
N LYS A 74 0.91 11.39 12.60
CA LYS A 74 1.61 11.25 11.33
C LYS A 74 2.99 11.91 11.37
N PRO A 75 4.09 11.15 11.16
CA PRO A 75 5.42 11.74 11.06
C PRO A 75 5.59 12.55 9.76
N LYS A 76 6.50 13.51 9.80
CA LYS A 76 6.70 14.48 8.71
C LYS A 76 7.12 13.80 7.41
N GLU A 77 7.80 12.67 7.52
CA GLU A 77 8.21 11.90 6.34
C GLU A 77 7.01 11.53 5.48
N LEU A 78 5.94 11.07 6.12
CA LEU A 78 4.77 10.61 5.39
C LEU A 78 4.00 11.80 4.88
N GLU A 79 4.12 12.89 5.60
CA GLU A 79 3.42 14.12 5.27
C GLU A 79 3.97 14.68 3.97
N ASP A 80 5.30 14.67 3.86
CA ASP A 80 5.98 15.07 2.63
C ASP A 80 5.65 14.12 1.49
N LEU A 81 5.48 12.84 1.82
CA LEU A 81 5.17 11.82 0.82
C LEU A 81 3.81 12.11 0.19
N GLU A 82 2.86 12.49 1.01
CA GLU A 82 1.52 12.79 0.52
C GLU A 82 1.49 14.15 -0.16
N GLY A 83 2.27 15.08 0.38
CA GLY A 83 2.32 16.43 -0.16
C GLY A 83 3.21 16.53 -1.39
N TYR A 84 3.72 15.39 -1.84
CA TYR A 84 4.54 15.33 -3.04
C TYR A 84 3.66 15.44 -4.28
N GLN A 85 3.01 16.58 -4.40
CA GLN A 85 2.14 16.86 -5.53
C GLN A 85 2.54 18.20 -6.15
N ASN A 86 3.31 18.96 -5.40
CA ASN A 86 3.78 20.26 -5.82
C ASN A 86 5.29 20.38 -5.59
N THR A 87 6.07 19.90 -6.55
CA THR A 87 7.52 20.03 -6.50
C THR A 87 7.94 21.37 -7.07
N ILE A 88 9.26 21.62 -7.08
CA ILE A 88 9.85 22.84 -7.62
C ILE A 88 9.60 24.04 -6.70
N VAL A 89 8.34 24.22 -6.32
CA VAL A 89 7.96 25.32 -5.45
C VAL A 89 8.40 25.10 -4.00
N ALA A 90 8.96 23.91 -3.74
CA ALA A 90 9.48 23.53 -2.42
C ALA A 90 8.32 23.34 -1.41
N GLY A 91 8.60 22.64 -0.32
CA GLY A 91 7.59 22.48 0.73
C GLY A 91 7.79 23.46 1.86
N SER A 92 8.63 24.47 1.62
CA SER A 92 8.91 25.49 2.61
C SER A 92 9.37 26.78 1.91
N LEU A 93 8.45 27.40 1.20
CA LEU A 93 8.72 28.63 0.48
C LEU A 93 8.12 29.80 1.23
N ILE A 94 8.36 31.02 0.74
CA ILE A 94 7.79 32.23 1.35
C ILE A 94 6.31 32.06 1.69
N THR A 95 5.92 32.45 2.89
CA THR A 95 4.52 32.41 3.28
C THR A 95 3.84 33.73 2.94
N LYS A 96 2.64 33.64 2.36
CA LYS A 96 1.90 34.82 1.95
C LYS A 96 0.47 34.44 1.62
N SER A 97 -0.46 34.91 2.44
CA SER A 97 -1.87 34.64 2.22
C SER A 97 -2.72 35.81 2.72
N ASN A 98 -2.65 36.06 4.02
CA ASN A 98 -3.43 37.14 4.65
C ASN A 98 -2.55 37.90 5.63
N LEU A 99 -2.81 39.19 5.78
CA LEU A 99 -2.03 40.03 6.68
C LEU A 99 -2.93 41.03 7.38
N GLY B 1 -18.65 -22.78 -25.12
CA GLY B 1 -17.41 -23.20 -24.44
C GLY B 1 -16.85 -22.10 -23.56
N ALA B 2 -15.62 -22.29 -23.08
CA ALA B 2 -14.96 -21.31 -22.23
C ALA B 2 -15.82 -20.96 -21.02
N MET B 3 -16.05 -21.94 -20.16
CA MET B 3 -16.91 -21.76 -19.01
C MET B 3 -16.09 -21.73 -17.73
N SER B 4 -14.93 -21.08 -17.81
CA SER B 4 -14.05 -20.95 -16.67
C SER B 4 -14.62 -19.96 -15.65
N GLY B 5 -14.76 -20.41 -14.42
CA GLY B 5 -15.23 -19.53 -13.36
C GLY B 5 -14.13 -18.62 -12.87
N SER B 6 -14.29 -18.06 -11.68
CA SER B 6 -13.25 -17.21 -11.11
C SER B 6 -12.08 -18.07 -10.64
N PRO B 7 -10.85 -17.60 -10.83
CA PRO B 7 -9.64 -18.35 -10.46
C PRO B 7 -9.44 -18.41 -8.93
N PRO B 8 -8.62 -19.37 -8.45
CA PRO B 8 -8.47 -19.68 -7.01
C PRO B 8 -7.98 -18.52 -6.14
N LEU B 9 -8.38 -18.56 -4.86
CA LEU B 9 -7.89 -17.63 -3.84
C LEU B 9 -6.57 -18.14 -3.25
N PRO B 10 -5.61 -17.24 -3.01
CA PRO B 10 -4.26 -17.61 -2.54
C PRO B 10 -4.24 -18.10 -1.09
N PRO B 11 -3.27 -18.98 -0.76
CA PRO B 11 -3.02 -19.38 0.64
C PRO B 11 -2.57 -18.21 1.51
N GLY B 12 -2.94 -18.23 2.78
CA GLY B 12 -2.57 -17.15 3.67
C GLY B 12 -3.65 -16.08 3.70
N ALA B 13 -3.38 -15.02 4.44
CA ALA B 13 -4.32 -13.90 4.55
C ALA B 13 -3.56 -12.59 4.63
N PRO B 14 -4.13 -11.52 4.09
CA PRO B 14 -3.52 -10.21 4.18
C PRO B 14 -3.79 -9.62 5.57
N PRO B 15 -2.72 -9.09 6.22
CA PRO B 15 -2.63 -8.80 7.65
C PRO B 15 -3.98 -8.66 8.37
N PRO B 16 -4.55 -9.81 8.82
CA PRO B 16 -5.84 -9.83 9.52
C PRO B 16 -5.83 -9.04 10.84
N PRO B 17 -4.93 -9.32 11.81
CA PRO B 17 -4.90 -8.58 13.07
C PRO B 17 -4.16 -7.25 12.94
N PRO B 18 -4.86 -6.11 13.06
CA PRO B 18 -4.22 -4.79 13.02
C PRO B 18 -3.04 -4.73 14.01
N PRO B 19 -1.85 -4.36 13.53
CA PRO B 19 -0.66 -4.29 14.38
C PRO B 19 -0.87 -3.26 15.49
N PRO B 20 -0.36 -3.55 16.70
CA PRO B 20 -0.74 -2.85 17.94
C PRO B 20 -0.56 -1.32 17.88
N PRO B 21 -1.61 -0.52 18.15
CA PRO B 21 -1.44 0.88 18.47
C PRO B 21 -1.05 1.03 19.94
N PRO B 22 -0.20 2.02 20.29
CA PRO B 22 0.20 2.23 21.68
C PRO B 22 -1.00 2.47 22.60
N SER B 23 -1.10 1.65 23.65
CA SER B 23 -2.21 1.69 24.58
C SER B 23 -2.23 3.01 25.35
N GLY B 24 -1.06 3.62 25.51
CA GLY B 24 -0.97 4.88 26.20
C GLY B 24 -1.32 6.06 25.31
N SER B 25 -2.59 6.15 24.94
CA SER B 25 -3.05 7.25 24.11
C SER B 25 -3.43 8.44 24.99
N GLY B 26 -3.27 9.64 24.44
CA GLY B 26 -3.58 10.84 25.19
C GLY B 26 -2.36 11.37 25.91
N ASN B 27 -1.29 11.59 25.17
CA ASN B 27 -0.05 12.10 25.75
C ASN B 27 0.22 13.51 25.22
N GLY A 1 3.96 -10.40 -29.93
CA GLY A 1 2.88 -11.42 -29.91
C GLY A 1 2.04 -11.34 -28.66
N ALA A 2 1.77 -12.50 -28.05
CA ALA A 2 0.91 -12.61 -26.86
C ALA A 2 -0.52 -12.18 -27.17
N MET A 3 -0.77 -10.86 -27.17
CA MET A 3 -2.10 -10.31 -27.46
C MET A 3 -3.14 -10.84 -26.48
N GLY A 4 -2.75 -11.00 -25.22
CA GLY A 4 -3.67 -11.48 -24.21
C GLY A 4 -3.06 -11.45 -22.82
N ALA A 5 -2.08 -10.57 -22.62
CA ALA A 5 -1.38 -10.46 -21.36
C ALA A 5 -1.23 -9.01 -20.95
N LYS A 6 -1.78 -8.65 -19.81
CA LYS A 6 -1.63 -7.30 -19.27
C LYS A 6 -0.83 -7.39 -17.98
N SER A 7 0.50 -7.37 -18.11
CA SER A 7 1.43 -7.51 -16.97
C SER A 7 1.45 -8.95 -16.43
N MET A 8 0.58 -9.81 -16.96
CA MET A 8 0.48 -11.23 -16.60
C MET A 8 -0.21 -11.40 -15.23
N TRP A 9 -0.41 -10.29 -14.56
CA TRP A 9 -1.17 -10.26 -13.33
C TRP A 9 -2.54 -9.64 -13.56
N THR A 10 -3.61 -10.35 -13.21
CA THR A 10 -4.97 -9.81 -13.32
C THR A 10 -5.63 -9.71 -11.94
N GLU A 11 -6.72 -8.94 -11.84
CA GLU A 11 -7.36 -8.67 -10.54
C GLU A 11 -8.72 -9.38 -10.44
N HIS A 12 -8.97 -10.06 -9.31
CA HIS A 12 -10.26 -10.73 -9.08
C HIS A 12 -10.67 -10.61 -7.60
N LYS A 13 -11.99 -10.67 -7.33
CA LYS A 13 -12.52 -10.51 -5.97
C LYS A 13 -13.04 -11.87 -5.42
N SER A 14 -12.84 -12.10 -4.11
CA SER A 14 -13.38 -13.28 -3.43
C SER A 14 -14.75 -12.90 -2.79
N PRO A 15 -15.64 -13.88 -2.46
CA PRO A 15 -16.99 -13.56 -1.90
C PRO A 15 -16.95 -12.70 -0.63
N ASP A 16 -15.77 -12.41 -0.12
CA ASP A 16 -15.63 -11.68 1.14
C ASP A 16 -15.19 -10.22 0.89
N GLY A 17 -15.09 -9.83 -0.39
CA GLY A 17 -14.71 -8.47 -0.72
C GLY A 17 -13.22 -8.30 -0.87
N ARG A 18 -12.50 -9.39 -0.63
CA ARG A 18 -11.05 -9.40 -0.72
C ARG A 18 -10.61 -9.58 -2.16
N THR A 19 -9.37 -9.22 -2.45
CA THR A 19 -8.86 -9.21 -3.81
C THR A 19 -7.66 -10.15 -3.89
N TYR A 20 -7.57 -10.93 -4.96
CA TYR A 20 -6.42 -11.80 -5.15
C TYR A 20 -5.92 -11.71 -6.58
N TYR A 21 -4.61 -11.58 -6.74
CA TYR A 21 -4.03 -11.32 -8.04
C TYR A 21 -3.46 -12.62 -8.63
N TYR A 22 -3.77 -12.89 -9.90
CA TYR A 22 -3.40 -14.16 -10.56
C TYR A 22 -2.36 -13.89 -11.64
N ASN A 23 -1.34 -14.75 -11.72
CA ASN A 23 -0.31 -14.63 -12.76
C ASN A 23 -0.65 -15.60 -13.88
N THR A 24 -1.00 -15.05 -15.03
CA THR A 24 -1.56 -15.82 -16.12
C THR A 24 -0.54 -16.65 -16.88
N GLU A 25 0.74 -16.55 -16.54
CA GLU A 25 1.71 -17.35 -17.25
C GLU A 25 2.21 -18.49 -16.36
N THR A 26 2.43 -18.20 -15.08
CA THR A 26 2.95 -19.19 -14.15
C THR A 26 1.82 -19.99 -13.54
N LYS A 27 0.64 -19.37 -13.55
CA LYS A 27 -0.58 -19.95 -13.01
C LYS A 27 -0.59 -19.90 -11.48
N GLN A 28 0.19 -18.98 -10.90
CA GLN A 28 0.31 -18.86 -9.44
C GLN A 28 -0.48 -17.63 -8.91
N SER A 29 -1.08 -17.77 -7.71
CA SER A 29 -1.85 -16.68 -7.08
C SER A 29 -1.09 -16.07 -5.88
N THR A 30 -1.45 -14.83 -5.50
CA THR A 30 -0.86 -14.15 -4.33
C THR A 30 -1.86 -13.16 -3.69
N TRP A 31 -1.61 -12.76 -2.43
CA TRP A 31 -2.45 -11.76 -1.74
C TRP A 31 -1.77 -10.39 -1.80
N GLU A 32 -0.49 -10.37 -2.21
CA GLU A 32 0.31 -9.14 -2.25
C GLU A 32 0.24 -8.52 -3.64
N LYS A 33 0.16 -7.19 -3.70
CA LYS A 33 0.07 -6.50 -4.97
C LYS A 33 1.44 -6.39 -5.63
N PRO A 34 1.63 -7.03 -6.81
CA PRO A 34 2.91 -6.96 -7.52
C PRO A 34 3.19 -5.54 -8.03
N ASP A 35 4.47 -5.16 -7.99
CA ASP A 35 4.91 -3.79 -8.32
C ASP A 35 4.47 -3.35 -9.71
N ASP A 36 4.25 -4.31 -10.59
CA ASP A 36 3.88 -4.02 -11.97
C ASP A 36 2.44 -3.49 -12.06
N LEU A 37 1.62 -3.80 -11.06
CA LEU A 37 0.23 -3.35 -11.04
C LEU A 37 0.09 -2.07 -10.24
N LYS A 38 1.12 -1.74 -9.47
CA LYS A 38 1.08 -0.55 -8.65
C LYS A 38 1.10 0.71 -9.49
N THR A 39 0.10 1.53 -9.26
CA THR A 39 0.01 2.85 -9.88
C THR A 39 1.18 3.73 -9.39
N PRO A 40 1.66 4.72 -10.19
CA PRO A 40 2.83 5.55 -9.80
C PRO A 40 2.71 6.05 -8.37
N ALA A 41 1.51 6.48 -8.00
CA ALA A 41 1.22 6.93 -6.64
C ALA A 41 1.54 5.85 -5.63
N GLU A 42 0.98 4.68 -5.85
CA GLU A 42 1.25 3.53 -5.00
C GLU A 42 2.73 3.19 -4.93
N GLN A 43 3.43 3.33 -6.06
CA GLN A 43 4.89 3.13 -6.07
C GLN A 43 5.59 4.14 -5.15
N LEU A 44 5.13 5.37 -5.21
CA LEU A 44 5.64 6.43 -4.35
C LEU A 44 5.38 6.10 -2.88
N LEU A 45 4.12 5.81 -2.59
CA LEU A 45 3.69 5.49 -1.23
C LEU A 45 4.35 4.21 -0.73
N SER A 46 4.62 3.30 -1.65
CA SER A 46 5.16 2.00 -1.32
C SER A 46 6.59 2.09 -0.79
N LYS A 47 7.35 3.14 -1.11
CA LYS A 47 8.71 3.23 -0.58
C LYS A 47 8.72 3.89 0.80
N CYS A 48 7.58 4.47 1.19
CA CYS A 48 7.46 5.06 2.52
C CYS A 48 7.15 3.96 3.52
N PRO A 49 8.05 3.71 4.49
CA PRO A 49 7.86 2.64 5.46
C PRO A 49 6.72 2.94 6.43
N TRP A 50 6.36 4.21 6.53
CA TRP A 50 5.22 4.64 7.32
C TRP A 50 3.99 4.75 6.42
N LYS A 51 2.90 4.06 6.76
CA LYS A 51 1.69 4.10 5.90
C LYS A 51 0.42 4.44 6.69
N GLU A 52 -0.42 5.28 6.07
CA GLU A 52 -1.68 5.78 6.64
C GLU A 52 -2.86 4.79 6.56
N TYR A 53 -3.40 4.43 7.74
CA TYR A 53 -4.74 3.81 7.83
C TYR A 53 -5.51 4.38 9.03
N LYS A 54 -6.84 4.26 8.98
CA LYS A 54 -7.71 4.82 10.02
C LYS A 54 -8.27 3.73 10.96
N SER A 55 -8.45 4.12 12.22
CA SER A 55 -8.93 3.24 13.29
C SER A 55 -10.48 3.18 13.35
N ASP A 56 -11.05 2.66 14.44
CA ASP A 56 -12.51 2.36 14.45
C ASP A 56 -13.33 3.63 14.59
N SER A 57 -12.82 4.64 15.32
CA SER A 57 -13.49 5.93 15.39
C SER A 57 -13.08 6.82 14.22
N GLY A 58 -12.05 6.42 13.51
CA GLY A 58 -11.54 7.21 12.43
C GLY A 58 -10.32 8.02 12.85
N LYS A 59 -9.86 7.77 14.07
CA LYS A 59 -8.64 8.38 14.57
C LYS A 59 -7.43 7.69 13.94
N PRO A 60 -6.62 8.42 13.14
CA PRO A 60 -5.53 7.82 12.34
C PRO A 60 -4.36 7.24 13.16
N TYR A 61 -3.76 6.18 12.61
CA TYR A 61 -2.50 5.60 13.13
C TYR A 61 -1.54 5.41 11.96
N TYR A 62 -0.23 5.44 12.21
CA TYR A 62 0.73 5.32 11.13
C TYR A 62 1.74 4.20 11.49
N TYR A 63 1.87 3.18 10.61
CA TYR A 63 2.69 1.98 10.92
C TYR A 63 3.98 1.95 10.09
N ASN A 64 5.07 1.43 10.71
CA ASN A 64 6.38 1.35 10.05
C ASN A 64 6.72 -0.10 9.72
N SER A 65 7.05 -0.34 8.46
CA SER A 65 7.29 -1.70 8.00
C SER A 65 8.70 -2.22 8.34
N GLN A 66 9.66 -1.34 8.63
CA GLN A 66 11.01 -1.80 8.95
C GLN A 66 11.16 -2.06 10.43
N THR A 67 10.69 -1.12 11.23
CA THR A 67 10.91 -1.17 12.67
C THR A 67 9.71 -1.79 13.36
N LYS A 68 8.62 -1.89 12.61
CA LYS A 68 7.41 -2.56 13.04
C LYS A 68 6.72 -1.82 14.19
N GLU A 69 6.97 -0.51 14.32
CA GLU A 69 6.38 0.28 15.39
C GLU A 69 5.12 1.02 14.90
N SER A 70 4.21 1.33 15.83
CA SER A 70 2.99 2.07 15.55
C SER A 70 3.01 3.40 16.33
N ARG A 71 2.65 4.52 15.69
CA ARG A 71 2.54 5.81 16.40
C ARG A 71 1.18 6.47 16.15
N TRP A 72 0.76 7.31 17.10
CA TRP A 72 -0.49 8.06 16.95
C TRP A 72 -0.27 9.31 16.09
N ALA A 73 0.87 10.00 16.27
CA ALA A 73 1.18 11.21 15.50
C ALA A 73 1.97 10.92 14.22
N LYS A 74 1.74 11.76 13.21
CA LYS A 74 2.48 11.70 11.95
C LYS A 74 3.95 12.08 12.12
N PRO A 75 4.90 11.19 11.76
CA PRO A 75 6.32 11.59 11.64
C PRO A 75 6.55 12.43 10.37
N LYS A 76 7.55 13.31 10.44
CA LYS A 76 7.83 14.29 9.38
C LYS A 76 8.16 13.64 8.04
N GLU A 77 8.70 12.42 8.09
CA GLU A 77 9.00 11.67 6.87
C GLU A 77 7.76 11.48 6.02
N LEU A 78 6.63 11.18 6.65
CA LEU A 78 5.41 10.89 5.91
C LEU A 78 4.80 12.19 5.43
N GLU A 79 5.11 13.25 6.13
CA GLU A 79 4.61 14.56 5.80
C GLU A 79 5.19 14.98 4.45
N ASP A 80 6.46 14.68 4.27
CA ASP A 80 7.15 14.88 2.99
C ASP A 80 6.49 14.07 1.89
N LEU A 81 6.08 12.85 2.21
CA LEU A 81 5.45 11.97 1.24
C LEU A 81 4.14 12.58 0.74
N GLU A 82 3.39 13.18 1.66
CA GLU A 82 2.13 13.83 1.32
C GLU A 82 2.39 15.06 0.46
N GLY A 83 3.58 15.63 0.60
CA GLY A 83 3.94 16.83 -0.13
C GLY A 83 3.94 16.65 -1.63
N TYR A 84 3.82 15.41 -2.09
CA TYR A 84 3.76 15.14 -3.51
C TYR A 84 2.39 15.54 -4.07
N GLN A 85 1.37 15.55 -3.20
CA GLN A 85 0.03 15.97 -3.58
C GLN A 85 -0.24 17.37 -3.05
N ASN A 86 -0.10 18.38 -3.91
CA ASN A 86 -0.34 19.76 -3.53
C ASN A 86 -0.98 20.53 -4.69
N THR A 87 -2.27 20.74 -4.57
CA THR A 87 -3.00 21.55 -5.53
C THR A 87 -2.91 23.02 -5.14
N ILE A 88 -3.53 23.36 -4.03
CA ILE A 88 -3.48 24.69 -3.47
C ILE A 88 -3.49 24.64 -1.94
N VAL A 89 -2.33 24.88 -1.35
CA VAL A 89 -2.23 24.97 0.10
C VAL A 89 -2.87 26.26 0.58
N ALA A 90 -2.52 27.36 -0.08
CA ALA A 90 -3.12 28.68 0.17
C ALA A 90 -3.18 28.99 1.66
N GLY A 91 -2.03 29.03 2.30
CA GLY A 91 -1.99 29.31 3.72
C GLY A 91 -0.91 30.33 4.07
N SER A 92 -0.36 30.98 3.05
CA SER A 92 0.66 32.00 3.26
C SER A 92 0.63 33.03 2.14
N LEU A 93 -0.49 33.75 2.04
CA LEU A 93 -0.67 34.77 1.02
C LEU A 93 0.23 35.97 1.29
N ILE A 94 1.43 35.94 0.74
CA ILE A 94 2.38 37.02 0.86
C ILE A 94 3.34 36.99 -0.34
N THR A 95 3.62 38.14 -0.93
CA THR A 95 4.49 38.20 -2.09
C THR A 95 5.88 38.68 -1.72
N LYS A 96 6.00 39.42 -0.62
CA LYS A 96 7.28 39.97 -0.20
C LYS A 96 7.13 40.75 1.10
N SER A 97 7.81 40.31 2.14
CA SER A 97 7.88 41.08 3.38
C SER A 97 8.88 42.20 3.21
N ASN A 98 8.41 43.32 2.66
CA ASN A 98 9.27 44.43 2.28
C ASN A 98 9.90 45.06 3.52
N LEU A 99 9.07 45.52 4.44
CA LEU A 99 9.55 46.17 5.65
C LEU A 99 8.44 46.16 6.70
N GLY B 1 -11.90 -20.65 -21.88
CA GLY B 1 -12.65 -20.99 -20.65
C GLY B 1 -12.09 -22.20 -19.95
N ALA B 2 -12.98 -23.02 -19.40
CA ALA B 2 -12.60 -24.26 -18.73
C ALA B 2 -11.65 -24.00 -17.56
N MET B 3 -12.05 -23.08 -16.69
CA MET B 3 -11.24 -22.77 -15.51
C MET B 3 -12.07 -22.93 -14.24
N SER B 4 -13.13 -23.72 -14.36
CA SER B 4 -14.09 -23.97 -13.26
C SER B 4 -14.54 -22.65 -12.62
N GLY B 5 -14.84 -21.68 -13.46
CA GLY B 5 -15.29 -20.40 -12.97
C GLY B 5 -14.14 -19.47 -12.69
N SER B 6 -14.10 -18.92 -11.49
CA SER B 6 -13.03 -18.04 -11.08
C SER B 6 -11.76 -18.83 -10.80
N PRO B 7 -10.58 -18.21 -10.97
CA PRO B 7 -9.30 -18.86 -10.69
C PRO B 7 -9.06 -19.04 -9.17
N PRO B 8 -8.14 -19.93 -8.77
CA PRO B 8 -7.92 -20.33 -7.36
C PRO B 8 -7.51 -19.21 -6.40
N LEU B 9 -7.84 -19.38 -5.12
CA LEU B 9 -7.40 -18.49 -4.05
C LEU B 9 -6.04 -18.94 -3.50
N PRO B 10 -5.14 -17.99 -3.20
CA PRO B 10 -3.77 -18.28 -2.75
C PRO B 10 -3.67 -18.72 -1.29
N PRO B 11 -2.66 -19.56 -0.97
CA PRO B 11 -2.31 -19.87 0.43
C PRO B 11 -1.61 -18.69 1.12
N GLY B 12 -1.63 -18.68 2.45
CA GLY B 12 -0.95 -17.61 3.18
C GLY B 12 -1.85 -16.42 3.39
N ALA B 13 -2.94 -16.64 4.13
CA ALA B 13 -3.93 -15.59 4.42
C ALA B 13 -3.27 -14.27 4.78
N PRO B 14 -3.80 -13.16 4.26
CA PRO B 14 -3.18 -11.86 4.42
C PRO B 14 -3.39 -11.32 5.83
N PRO B 15 -2.40 -10.60 6.38
CA PRO B 15 -2.50 -10.05 7.74
C PRO B 15 -3.69 -9.10 7.86
N PRO B 16 -4.41 -9.17 9.00
CA PRO B 16 -5.57 -8.31 9.24
C PRO B 16 -5.23 -6.86 9.01
N PRO B 17 -5.98 -6.18 8.10
CA PRO B 17 -5.66 -4.83 7.64
C PRO B 17 -5.20 -3.87 8.75
N PRO B 18 -5.95 -3.72 9.85
CA PRO B 18 -5.45 -2.95 10.99
C PRO B 18 -4.48 -3.75 11.87
N PRO B 19 -3.23 -3.31 11.99
CA PRO B 19 -2.29 -3.79 13.01
C PRO B 19 -2.56 -3.11 14.36
N PRO B 20 -1.95 -3.60 15.44
CA PRO B 20 -2.17 -3.05 16.80
C PRO B 20 -1.70 -1.59 16.95
N PRO B 21 -2.57 -0.67 17.42
CA PRO B 21 -2.11 0.65 17.83
C PRO B 21 -1.51 0.60 19.24
N PRO B 22 -0.71 1.61 19.60
CA PRO B 22 -0.14 1.69 20.95
C PRO B 22 -1.22 1.93 22.01
N SER B 23 -1.27 1.05 23.00
CA SER B 23 -2.25 1.16 24.08
C SER B 23 -1.92 2.33 25.00
N GLY B 24 -2.93 3.03 25.45
CA GLY B 24 -2.73 4.16 26.34
C GLY B 24 -2.97 5.47 25.66
N SER B 25 -1.90 6.24 25.47
CA SER B 25 -1.96 7.55 24.83
C SER B 25 -2.78 8.51 25.70
N GLY B 26 -3.19 9.64 25.13
CA GLY B 26 -3.94 10.63 25.87
C GLY B 26 -3.09 11.33 26.89
N ASN B 27 -1.91 11.76 26.47
CA ASN B 27 -0.98 12.45 27.34
C ASN B 27 -1.34 13.92 27.46
#